data_1Y1R
#
_entry.id   1Y1R
#
_cell.length_a   88.880
_cell.length_b   124.070
_cell.length_c   134.400
_cell.angle_alpha   90.00
_cell.angle_beta   90.00
_cell.angle_gamma   90.00
#
_symmetry.space_group_name_H-M   'P 21 21 21'
#
loop_
_entity.id
_entity.type
_entity.pdbx_description
1 polymer 'Uridine phosphorylase'
2 non-polymer 'PHOSPHATE ION'
3 non-polymer "2,2'-Anhydro-(1-beta-D-ribofuranosyl)uracil"
4 water water
#
_entity_poly.entity_id   1
_entity_poly.type   'polypeptide(L)'
_entity_poly.pdbx_seq_one_letter_code
;MSKSDVFHLGLTKNDLQGAQLAIVPGDPERVEKIAALMDKPVKLASHREFTSWRAELDGKAVIVCSTGIGGPSTSIAVEE
LAQLGIRTFLRIGTTGAIQPHINVGDVLVTTASVRLDGASLHFAPMEFPAVADFACTTALVEAAKSIGATTHVGVTASSD
TFYPGQERYDTYSGRVVRRFKGSMEEWQAMGVMNYEMESATLLTMCASQGLRAGMVAGVIVNRTQQEIPNAETMKQTESH
AVKIVVEAARRLL
;
_entity_poly.pdbx_strand_id   A,C,D,F,E,B
#
# COMPACT_ATOMS: atom_id res chain seq x y z
N LYS A 3 -1.85 -42.33 -14.28
CA LYS A 3 -0.93 -41.42 -15.03
C LYS A 3 -1.39 -39.96 -15.01
N SER A 4 -0.45 -39.07 -14.78
CA SER A 4 -0.74 -37.65 -14.76
C SER A 4 0.55 -36.86 -14.90
N ASP A 5 0.55 -35.89 -15.81
CA ASP A 5 1.71 -35.04 -16.06
C ASP A 5 1.64 -33.84 -15.11
N VAL A 6 0.48 -33.65 -14.48
CA VAL A 6 0.28 -32.55 -13.56
C VAL A 6 -0.10 -33.04 -12.16
N PHE A 7 0.09 -32.19 -11.17
CA PHE A 7 -0.21 -32.54 -9.80
C PHE A 7 -1.68 -32.64 -9.40
N HIS A 8 -2.55 -31.77 -9.92
CA HIS A 8 -3.95 -31.82 -9.51
C HIS A 8 -4.97 -32.33 -10.50
N LEU A 9 -4.81 -31.97 -11.77
CA LEU A 9 -5.79 -32.34 -12.78
C LEU A 9 -5.89 -33.81 -13.13
N GLY A 10 -4.81 -34.57 -12.95
CA GLY A 10 -4.87 -35.99 -13.28
C GLY A 10 -4.99 -36.16 -14.78
N LEU A 11 -4.25 -35.35 -15.52
CA LEU A 11 -4.27 -35.39 -16.98
C LEU A 11 -2.87 -35.52 -17.56
N THR A 12 -2.79 -35.98 -18.80
CA THR A 12 -1.52 -36.13 -19.50
C THR A 12 -1.69 -35.41 -20.83
N LYS A 13 -0.58 -35.04 -21.47
CA LYS A 13 -0.68 -34.35 -22.75
C LYS A 13 -1.44 -35.21 -23.75
N ASN A 14 -1.30 -36.53 -23.64
CA ASN A 14 -1.99 -37.43 -24.55
C ASN A 14 -3.51 -37.20 -24.43
N ASP A 15 -3.97 -37.01 -23.20
CA ASP A 15 -5.38 -36.77 -22.93
C ASP A 15 -5.94 -35.65 -23.78
N LEU A 16 -5.10 -34.65 -24.05
CA LEU A 16 -5.53 -33.48 -24.82
C LEU A 16 -5.68 -33.70 -26.32
N GLN A 17 -4.98 -34.68 -26.87
CA GLN A 17 -5.04 -34.97 -28.29
C GLN A 17 -4.73 -33.72 -29.12
N GLY A 18 -3.77 -32.94 -28.64
CA GLY A 18 -3.36 -31.74 -29.36
C GLY A 18 -4.18 -30.48 -29.11
N ALA A 19 -5.17 -30.57 -28.22
CA ALA A 19 -6.01 -29.42 -27.90
C ALA A 19 -5.15 -28.27 -27.41
N GLN A 20 -5.51 -27.06 -27.82
CA GLN A 20 -4.77 -25.88 -27.40
C GLN A 20 -5.70 -24.82 -26.82
N LEU A 21 -6.98 -25.14 -26.77
CA LEU A 21 -7.96 -24.22 -26.20
C LEU A 21 -8.80 -24.94 -25.15
N ALA A 22 -9.12 -24.21 -24.09
CA ALA A 22 -9.90 -24.76 -23.00
C ALA A 22 -11.02 -23.84 -22.58
N ILE A 23 -12.22 -24.39 -22.42
CA ILE A 23 -13.36 -23.63 -21.91
C ILE A 23 -13.35 -23.97 -20.41
N VAL A 24 -13.28 -22.94 -19.58
CA VAL A 24 -13.19 -23.16 -18.14
C VAL A 24 -14.30 -22.60 -17.24
N PRO A 25 -15.35 -23.39 -17.03
CA PRO A 25 -16.45 -22.94 -16.17
C PRO A 25 -16.01 -23.14 -14.71
N GLY A 26 -16.78 -22.64 -13.76
CA GLY A 26 -16.39 -22.80 -12.38
C GLY A 26 -16.88 -24.08 -11.73
N ASP A 27 -18.10 -24.48 -12.06
CA ASP A 27 -18.72 -25.68 -11.47
C ASP A 27 -18.39 -26.97 -12.22
N PRO A 28 -17.80 -27.95 -11.52
CA PRO A 28 -17.46 -29.24 -12.16
C PRO A 28 -18.68 -29.95 -12.77
N GLU A 29 -19.87 -29.64 -12.26
CA GLU A 29 -21.08 -30.26 -12.77
C GLU A 29 -21.56 -29.65 -14.09
N ARG A 30 -21.00 -28.50 -14.44
CA ARG A 30 -21.37 -27.83 -15.68
C ARG A 30 -20.51 -28.28 -16.86
N VAL A 31 -19.33 -28.83 -16.55
CA VAL A 31 -18.38 -29.28 -17.57
C VAL A 31 -19.04 -30.21 -18.59
N GLU A 32 -19.75 -31.22 -18.12
CA GLU A 32 -20.41 -32.18 -19.00
C GLU A 32 -21.46 -31.51 -19.89
N LYS A 33 -22.10 -30.47 -19.35
CA LYS A 33 -23.11 -29.70 -20.07
C LYS A 33 -22.54 -28.90 -21.25
N ILE A 34 -21.41 -28.25 -21.01
CA ILE A 34 -20.74 -27.46 -22.04
C ILE A 34 -20.16 -28.37 -23.10
N ALA A 35 -19.61 -29.49 -22.66
CA ALA A 35 -19.02 -30.45 -23.57
C ALA A 35 -20.08 -31.04 -24.50
N ALA A 36 -21.31 -31.12 -23.99
CA ALA A 36 -22.44 -31.68 -24.75
C ALA A 36 -22.83 -30.83 -25.96
N LEU A 37 -22.31 -29.61 -26.05
CA LEU A 37 -22.59 -28.74 -27.19
C LEU A 37 -21.58 -28.99 -28.31
N MET A 38 -20.67 -29.94 -28.08
CA MET A 38 -19.66 -30.24 -29.09
C MET A 38 -19.71 -31.72 -29.49
N ASP A 39 -18.82 -32.12 -30.40
CA ASP A 39 -18.80 -33.49 -30.90
C ASP A 39 -17.93 -34.47 -30.13
N LYS A 40 -18.47 -35.68 -29.98
CA LYS A 40 -17.81 -36.78 -29.31
C LYS A 40 -17.23 -36.41 -27.94
N PRO A 41 -18.03 -35.82 -27.05
CA PRO A 41 -17.45 -35.48 -25.75
C PRO A 41 -17.18 -36.71 -24.91
N VAL A 42 -16.05 -36.72 -24.20
CA VAL A 42 -15.70 -37.86 -23.36
C VAL A 42 -15.05 -37.32 -22.09
N LYS A 43 -15.43 -37.88 -20.94
CA LYS A 43 -14.88 -37.44 -19.68
C LYS A 43 -13.43 -37.90 -19.54
N LEU A 44 -12.55 -37.00 -19.09
CA LEU A 44 -11.15 -37.33 -18.91
C LEU A 44 -10.84 -37.71 -17.46
N ALA A 45 -11.06 -36.79 -16.53
CA ALA A 45 -10.80 -37.07 -15.14
C ALA A 45 -11.65 -36.21 -14.22
N SER A 46 -11.54 -36.48 -12.93
CA SER A 46 -12.28 -35.74 -11.92
C SER A 46 -11.52 -35.85 -10.58
N HIS A 47 -10.97 -34.73 -10.14
CA HIS A 47 -10.22 -34.70 -8.90
C HIS A 47 -10.52 -33.39 -8.20
N ARG A 48 -10.99 -33.47 -6.96
CA ARG A 48 -11.35 -32.27 -6.21
C ARG A 48 -12.35 -31.50 -7.07
N GLU A 49 -12.22 -30.18 -7.18
CA GLU A 49 -13.18 -29.41 -7.99
C GLU A 49 -12.78 -29.32 -9.47
N PHE A 50 -11.84 -30.17 -9.89
CA PHE A 50 -11.37 -30.17 -11.27
C PHE A 50 -11.90 -31.35 -12.10
N THR A 51 -12.98 -31.11 -12.83
CA THR A 51 -13.57 -32.14 -13.70
C THR A 51 -13.26 -31.71 -15.14
N SER A 52 -12.69 -32.61 -15.93
CA SER A 52 -12.33 -32.30 -17.31
C SER A 52 -12.87 -33.30 -18.34
N TRP A 53 -13.20 -32.77 -19.50
CA TRP A 53 -13.76 -33.54 -20.59
C TRP A 53 -13.06 -33.06 -21.83
N ARG A 54 -13.04 -33.90 -22.86
CA ARG A 54 -12.46 -33.53 -24.15
C ARG A 54 -13.58 -33.68 -25.17
N ALA A 55 -13.59 -32.80 -26.16
CA ALA A 55 -14.59 -32.85 -27.20
C ALA A 55 -13.97 -32.34 -28.48
N GLU A 56 -14.74 -32.37 -29.56
CA GLU A 56 -14.28 -31.90 -30.86
C GLU A 56 -15.14 -30.72 -31.28
N LEU A 57 -14.49 -29.73 -31.88
CA LEU A 57 -15.18 -28.56 -32.34
C LEU A 57 -14.66 -28.33 -33.74
N ASP A 58 -15.54 -28.52 -34.71
CA ASP A 58 -15.16 -28.35 -36.10
C ASP A 58 -13.94 -29.22 -36.38
N GLY A 59 -13.99 -30.44 -35.86
CA GLY A 59 -12.91 -31.38 -36.05
C GLY A 59 -11.62 -31.18 -35.28
N LYS A 60 -11.60 -30.25 -34.34
CA LYS A 60 -10.40 -30.00 -33.55
C LYS A 60 -10.65 -30.26 -32.06
N ALA A 61 -9.67 -30.87 -31.41
CA ALA A 61 -9.75 -31.21 -29.99
C ALA A 61 -9.84 -29.96 -29.11
N VAL A 62 -10.76 -30.00 -28.17
CA VAL A 62 -10.97 -28.89 -27.26
C VAL A 62 -11.17 -29.45 -25.85
N ILE A 63 -10.68 -28.73 -24.84
CA ILE A 63 -10.81 -29.16 -23.46
C ILE A 63 -11.83 -28.32 -22.68
N VAL A 64 -12.61 -28.98 -21.84
CA VAL A 64 -13.55 -28.29 -20.97
C VAL A 64 -13.13 -28.76 -19.58
N CYS A 65 -12.78 -27.81 -18.71
CA CYS A 65 -12.31 -28.15 -17.37
C CYS A 65 -12.76 -27.12 -16.35
N SER A 66 -13.34 -27.59 -15.25
CA SER A 66 -13.81 -26.70 -14.20
C SER A 66 -12.62 -26.15 -13.42
N THR A 67 -12.80 -24.95 -12.88
CA THR A 67 -11.76 -24.29 -12.12
C THR A 67 -12.02 -24.30 -10.61
N GLY A 68 -13.30 -24.44 -10.25
CA GLY A 68 -13.64 -24.37 -8.84
C GLY A 68 -13.93 -22.89 -8.60
N ILE A 69 -14.25 -22.51 -7.36
CA ILE A 69 -14.55 -21.11 -7.04
C ILE A 69 -13.34 -20.34 -6.54
N GLY A 70 -13.10 -19.16 -7.12
CA GLY A 70 -11.98 -18.34 -6.73
C GLY A 70 -10.71 -18.48 -7.54
N GLY A 71 -9.86 -17.45 -7.45
CA GLY A 71 -8.61 -17.45 -8.18
C GLY A 71 -7.62 -18.52 -7.74
N PRO A 72 -7.56 -18.88 -6.44
CA PRO A 72 -6.59 -19.93 -6.07
C PRO A 72 -6.76 -21.25 -6.85
N SER A 73 -7.94 -21.85 -6.82
CA SER A 73 -8.14 -23.10 -7.55
C SER A 73 -8.06 -22.85 -9.06
N THR A 74 -8.48 -21.66 -9.48
CA THR A 74 -8.44 -21.28 -10.88
C THR A 74 -6.99 -21.21 -11.35
N SER A 75 -6.11 -20.68 -10.51
CA SER A 75 -4.71 -20.55 -10.88
C SER A 75 -4.06 -21.92 -11.07
N ILE A 76 -4.49 -22.91 -10.30
CA ILE A 76 -3.95 -24.26 -10.42
C ILE A 76 -4.38 -24.87 -11.75
N ALA A 77 -5.68 -24.81 -12.05
CA ALA A 77 -6.21 -25.35 -13.29
C ALA A 77 -5.55 -24.70 -14.53
N VAL A 78 -5.54 -23.38 -14.56
CA VAL A 78 -4.94 -22.67 -15.70
C VAL A 78 -3.46 -23.02 -15.87
N GLU A 79 -2.73 -23.04 -14.76
CA GLU A 79 -1.30 -23.35 -14.80
C GLU A 79 -1.01 -24.76 -15.31
N GLU A 80 -1.75 -25.74 -14.79
CA GLU A 80 -1.53 -27.11 -15.18
C GLU A 80 -2.03 -27.40 -16.60
N LEU A 81 -3.13 -26.76 -16.98
CA LEU A 81 -3.64 -26.93 -18.34
C LEU A 81 -2.59 -26.34 -19.30
N ALA A 82 -1.94 -25.25 -18.88
CA ALA A 82 -0.91 -24.60 -19.71
C ALA A 82 0.29 -25.53 -19.85
N GLN A 83 0.67 -26.18 -18.75
CA GLN A 83 1.77 -27.13 -18.78
C GLN A 83 1.45 -28.25 -19.77
N LEU A 84 0.16 -28.61 -19.84
CA LEU A 84 -0.32 -29.66 -20.74
C LEU A 84 -0.39 -29.22 -22.19
N GLY A 85 -0.31 -27.91 -22.43
CA GLY A 85 -0.36 -27.40 -23.79
C GLY A 85 -1.43 -26.37 -24.16
N ILE A 86 -2.40 -26.15 -23.28
CA ILE A 86 -3.46 -25.18 -23.58
C ILE A 86 -2.87 -23.78 -23.63
N ARG A 87 -3.25 -23.02 -24.65
CA ARG A 87 -2.72 -21.68 -24.81
C ARG A 87 -3.82 -20.65 -24.79
N THR A 88 -5.07 -21.11 -24.95
CA THR A 88 -6.21 -20.20 -24.94
C THR A 88 -7.26 -20.67 -23.96
N PHE A 89 -7.73 -19.75 -23.12
CA PHE A 89 -8.73 -20.05 -22.11
C PHE A 89 -9.96 -19.17 -22.22
N LEU A 90 -11.13 -19.80 -22.25
CA LEU A 90 -12.39 -19.10 -22.31
C LEU A 90 -13.23 -19.40 -21.07
N ARG A 91 -13.35 -18.42 -20.17
CA ARG A 91 -14.17 -18.67 -19.00
C ARG A 91 -15.62 -18.34 -19.29
N ILE A 92 -16.52 -19.22 -18.87
CA ILE A 92 -17.93 -18.98 -19.04
C ILE A 92 -18.56 -19.06 -17.65
N GLY A 93 -19.43 -18.11 -17.34
CA GLY A 93 -20.07 -18.13 -16.04
C GLY A 93 -21.49 -17.58 -16.04
N THR A 94 -22.05 -17.50 -14.84
CA THR A 94 -23.39 -16.95 -14.62
C THR A 94 -23.09 -15.87 -13.59
N THR A 95 -23.73 -14.70 -13.70
CA THR A 95 -23.43 -13.62 -12.78
C THR A 95 -24.61 -12.73 -12.42
N GLY A 96 -24.35 -11.85 -11.46
CA GLY A 96 -25.36 -10.91 -11.02
C GLY A 96 -24.84 -9.53 -11.40
N ALA A 97 -25.66 -8.78 -12.12
CA ALA A 97 -25.28 -7.44 -12.59
C ALA A 97 -25.50 -6.38 -11.50
N ILE A 98 -24.81 -5.26 -11.62
CA ILE A 98 -24.96 -4.17 -10.67
C ILE A 98 -25.39 -2.87 -11.35
N GLN A 99 -25.66 -2.93 -12.65
CA GLN A 99 -26.11 -1.75 -13.39
C GLN A 99 -27.60 -1.92 -13.61
N PRO A 100 -28.40 -0.88 -13.30
CA PRO A 100 -29.85 -0.97 -13.47
C PRO A 100 -30.29 -1.34 -14.88
N HIS A 101 -29.56 -0.85 -15.88
CA HIS A 101 -29.88 -1.08 -17.29
C HIS A 101 -29.52 -2.45 -17.83
N ILE A 102 -28.83 -3.26 -17.03
CA ILE A 102 -28.46 -4.60 -17.47
C ILE A 102 -29.51 -5.58 -16.95
N ASN A 103 -30.25 -6.19 -17.87
CA ASN A 103 -31.32 -7.12 -17.51
C ASN A 103 -30.93 -8.58 -17.42
N VAL A 104 -31.73 -9.34 -16.66
CA VAL A 104 -31.52 -10.77 -16.51
C VAL A 104 -31.65 -11.32 -17.93
N GLY A 105 -30.79 -12.28 -18.27
CA GLY A 105 -30.83 -12.86 -19.60
C GLY A 105 -29.80 -12.23 -20.52
N ASP A 106 -29.30 -11.05 -20.15
CA ASP A 106 -28.30 -10.37 -20.96
C ASP A 106 -27.01 -11.12 -20.85
N VAL A 107 -26.10 -10.85 -21.78
CA VAL A 107 -24.80 -11.48 -21.83
C VAL A 107 -23.71 -10.42 -21.61
N LEU A 108 -22.73 -10.76 -20.76
CA LEU A 108 -21.64 -9.84 -20.47
C LEU A 108 -20.30 -10.38 -20.95
N VAL A 109 -19.56 -9.55 -21.68
CA VAL A 109 -18.24 -9.89 -22.17
C VAL A 109 -17.28 -8.95 -21.44
N THR A 110 -16.35 -9.51 -20.69
CA THR A 110 -15.42 -8.70 -19.91
C THR A 110 -14.13 -8.33 -20.64
N THR A 111 -13.87 -7.03 -20.75
CA THR A 111 -12.66 -6.52 -21.38
C THR A 111 -11.51 -6.51 -20.38
N ALA A 112 -11.82 -6.23 -19.11
CA ALA A 112 -10.81 -6.21 -18.03
C ALA A 112 -11.57 -6.25 -16.70
N SER A 113 -10.86 -6.61 -15.63
CA SER A 113 -11.48 -6.72 -14.31
C SER A 113 -10.80 -5.93 -13.21
N VAL A 114 -11.61 -5.49 -12.25
CA VAL A 114 -11.13 -4.77 -11.08
C VAL A 114 -10.58 -5.92 -10.24
N ARG A 115 -9.31 -5.81 -9.87
CA ARG A 115 -8.66 -6.86 -9.10
C ARG A 115 -8.94 -6.84 -7.60
N LEU A 116 -10.07 -7.41 -7.21
CA LEU A 116 -10.45 -7.48 -5.80
C LEU A 116 -10.11 -8.88 -5.27
N ASP A 117 -9.07 -9.46 -5.86
CA ASP A 117 -8.60 -10.80 -5.50
C ASP A 117 -7.18 -10.75 -4.95
N GLY A 118 -6.62 -11.92 -4.65
CA GLY A 118 -5.28 -11.97 -4.14
C GLY A 118 -4.33 -12.73 -5.05
N ALA A 119 -4.84 -13.70 -5.79
CA ALA A 119 -3.98 -14.51 -6.65
C ALA A 119 -3.37 -13.77 -7.83
N SER A 120 -4.08 -12.79 -8.37
CA SER A 120 -3.56 -12.02 -9.51
C SER A 120 -2.23 -11.37 -9.16
N LEU A 121 -2.08 -10.99 -7.89
CA LEU A 121 -0.87 -10.37 -7.38
C LEU A 121 0.30 -11.34 -7.31
N HIS A 122 0.00 -12.63 -7.45
CA HIS A 122 1.03 -13.66 -7.40
C HIS A 122 1.62 -13.84 -8.82
N PHE A 123 1.11 -13.05 -9.77
CA PHE A 123 1.57 -13.10 -11.16
C PHE A 123 2.03 -11.74 -11.68
N ALA A 124 1.45 -10.68 -11.12
CA ALA A 124 1.81 -9.32 -11.53
C ALA A 124 1.39 -8.33 -10.45
N PRO A 125 2.15 -7.23 -10.28
CA PRO A 125 1.83 -6.21 -9.27
C PRO A 125 0.52 -5.52 -9.66
N MET A 126 -0.19 -4.96 -8.68
CA MET A 126 -1.48 -4.31 -8.92
C MET A 126 -1.58 -3.33 -10.10
N GLU A 127 -0.47 -2.66 -10.45
CA GLU A 127 -0.48 -1.70 -11.55
C GLU A 127 -0.79 -2.38 -12.89
N PHE A 128 -0.48 -3.67 -12.98
CA PHE A 128 -0.72 -4.43 -14.21
C PHE A 128 -2.21 -4.67 -14.41
N PRO A 129 -2.70 -4.45 -15.64
CA PRO A 129 -4.11 -4.63 -15.96
C PRO A 129 -4.58 -6.09 -16.09
N ALA A 130 -5.72 -6.41 -15.47
CA ALA A 130 -6.30 -7.75 -15.57
C ALA A 130 -7.15 -7.66 -16.82
N VAL A 131 -6.48 -7.57 -17.97
CA VAL A 131 -7.13 -7.41 -19.27
C VAL A 131 -7.26 -8.72 -20.06
N ALA A 132 -8.37 -8.83 -20.78
CA ALA A 132 -8.66 -9.99 -21.59
C ALA A 132 -7.96 -9.86 -22.94
N ASP A 133 -7.63 -11.00 -23.54
CA ASP A 133 -6.96 -11.05 -24.84
C ASP A 133 -7.92 -10.50 -25.90
N PHE A 134 -7.38 -9.70 -26.81
CA PHE A 134 -8.20 -9.09 -27.87
C PHE A 134 -8.93 -10.10 -28.77
N ALA A 135 -8.22 -11.12 -29.25
CA ALA A 135 -8.81 -12.14 -30.12
C ALA A 135 -9.97 -12.86 -29.42
N CYS A 136 -9.77 -13.23 -28.16
CA CYS A 136 -10.82 -13.92 -27.40
C CYS A 136 -12.04 -13.04 -27.21
N THR A 137 -11.83 -11.77 -26.86
CA THR A 137 -12.94 -10.85 -26.64
C THR A 137 -13.71 -10.65 -27.94
N THR A 138 -12.96 -10.51 -29.03
CA THR A 138 -13.56 -10.34 -30.36
C THR A 138 -14.42 -11.58 -30.71
N ALA A 139 -13.90 -12.77 -30.43
CA ALA A 139 -14.62 -14.02 -30.71
C ALA A 139 -15.91 -14.11 -29.90
N LEU A 140 -15.86 -13.68 -28.65
CA LEU A 140 -17.03 -13.70 -27.78
C LEU A 140 -18.10 -12.71 -28.23
N VAL A 141 -17.67 -11.48 -28.54
CA VAL A 141 -18.59 -10.45 -29.00
C VAL A 141 -19.25 -10.88 -30.32
N GLU A 142 -18.45 -11.39 -31.25
CA GLU A 142 -18.99 -11.84 -32.53
C GLU A 142 -19.90 -13.03 -32.38
N ALA A 143 -19.55 -13.93 -31.46
CA ALA A 143 -20.35 -15.12 -31.21
C ALA A 143 -21.71 -14.73 -30.62
N ALA A 144 -21.70 -13.72 -29.75
CA ALA A 144 -22.94 -13.25 -29.14
C ALA A 144 -23.87 -12.74 -30.23
N LYS A 145 -23.28 -12.14 -31.27
CA LYS A 145 -24.04 -11.62 -32.39
C LYS A 145 -24.59 -12.77 -33.26
N SER A 146 -23.83 -13.86 -33.41
CA SER A 146 -24.30 -15.00 -34.19
C SER A 146 -25.50 -15.66 -33.53
N ILE A 147 -25.43 -15.79 -32.21
CA ILE A 147 -26.51 -16.38 -31.42
C ILE A 147 -27.66 -15.40 -31.30
N GLY A 148 -27.33 -14.11 -31.29
CA GLY A 148 -28.33 -13.07 -31.21
C GLY A 148 -28.76 -12.64 -29.82
N ALA A 149 -27.82 -12.32 -28.93
CA ALA A 149 -28.16 -11.91 -27.57
C ALA A 149 -27.99 -10.41 -27.32
N THR A 150 -28.50 -9.95 -26.17
CA THR A 150 -28.37 -8.55 -25.77
C THR A 150 -27.06 -8.53 -24.97
N THR A 151 -26.03 -7.99 -25.60
CA THR A 151 -24.69 -7.99 -25.01
C THR A 151 -24.18 -6.65 -24.49
N HIS A 152 -23.42 -6.72 -23.40
CA HIS A 152 -22.79 -5.55 -22.79
C HIS A 152 -21.31 -5.90 -22.71
N VAL A 153 -20.46 -4.96 -23.11
CA VAL A 153 -19.02 -5.19 -23.11
C VAL A 153 -18.33 -4.16 -22.20
N GLY A 154 -17.68 -4.66 -21.14
CA GLY A 154 -17.01 -3.74 -20.24
C GLY A 154 -16.25 -4.38 -19.09
N VAL A 155 -16.09 -3.61 -18.02
CA VAL A 155 -15.35 -4.04 -16.84
C VAL A 155 -16.17 -4.84 -15.82
N THR A 156 -15.51 -5.80 -15.18
CA THR A 156 -16.11 -6.67 -14.19
C THR A 156 -15.33 -6.60 -12.88
N ALA A 157 -16.04 -6.57 -11.76
CA ALA A 157 -15.37 -6.55 -10.45
C ALA A 157 -15.20 -7.99 -10.03
N SER A 158 -13.95 -8.44 -9.96
CA SER A 158 -13.64 -9.82 -9.58
C SER A 158 -13.20 -9.85 -8.11
N SER A 159 -14.10 -10.35 -7.25
CA SER A 159 -13.88 -10.43 -5.80
C SER A 159 -13.47 -11.81 -5.24
N ASP A 160 -12.65 -11.82 -4.18
CA ASP A 160 -12.18 -13.05 -3.53
C ASP A 160 -13.26 -13.62 -2.59
N THR A 161 -14.32 -12.85 -2.38
CA THR A 161 -15.42 -13.31 -1.55
C THR A 161 -16.75 -13.10 -2.26
N PHE A 162 -17.71 -13.96 -1.92
CA PHE A 162 -19.03 -13.87 -2.50
C PHE A 162 -19.81 -12.89 -1.66
N TYR A 163 -19.43 -12.74 -0.39
CA TYR A 163 -20.18 -11.85 0.49
C TYR A 163 -19.68 -10.42 0.76
N PRO A 164 -18.75 -10.22 1.71
CA PRO A 164 -18.33 -8.84 1.95
C PRO A 164 -17.67 -8.10 0.78
N GLY A 165 -16.92 -8.82 -0.02
CA GLY A 165 -16.26 -8.21 -1.17
C GLY A 165 -17.20 -7.70 -2.24
N GLN A 166 -18.43 -8.21 -2.21
CA GLN A 166 -19.50 -7.83 -3.16
C GLN A 166 -20.52 -7.04 -2.36
N GLU A 167 -20.03 -6.52 -1.24
CA GLU A 167 -20.80 -5.72 -0.28
C GLU A 167 -22.18 -6.28 0.05
N ARG A 168 -22.23 -7.53 0.49
CA ARG A 168 -23.48 -8.18 0.87
C ARG A 168 -23.58 -8.09 2.39
N TYR A 169 -24.73 -7.64 2.90
CA TYR A 169 -24.91 -7.50 4.33
C TYR A 169 -25.77 -8.59 4.93
N ASP A 170 -26.39 -9.39 4.07
CA ASP A 170 -27.24 -10.49 4.51
C ASP A 170 -26.33 -11.65 4.91
N THR A 171 -25.54 -11.43 5.97
CA THR A 171 -24.58 -12.43 6.42
C THR A 171 -24.62 -12.70 7.92
N TYR A 172 -23.80 -13.64 8.35
CA TYR A 172 -23.72 -13.98 9.76
C TYR A 172 -23.35 -12.77 10.64
N SER A 173 -22.28 -12.06 10.26
CA SER A 173 -21.84 -10.91 11.04
C SER A 173 -22.62 -9.66 10.66
N GLY A 174 -23.13 -9.65 9.44
CA GLY A 174 -23.90 -8.51 8.95
C GLY A 174 -23.07 -7.27 8.77
N ARG A 175 -21.76 -7.40 8.82
CA ARG A 175 -20.87 -6.25 8.66
C ARG A 175 -19.95 -6.40 7.44
N VAL A 176 -19.51 -5.25 6.94
CA VAL A 176 -18.62 -5.21 5.80
C VAL A 176 -17.43 -4.33 6.20
N VAL A 177 -16.23 -4.91 6.15
CA VAL A 177 -15.00 -4.19 6.50
C VAL A 177 -14.87 -2.90 5.69
N ARG A 178 -14.31 -1.89 6.35
CA ARG A 178 -14.10 -0.56 5.78
C ARG A 178 -13.81 -0.44 4.29
N ARG A 179 -12.90 -1.28 3.79
CA ARG A 179 -12.53 -1.24 2.38
C ARG A 179 -13.71 -1.43 1.43
N PHE A 180 -14.62 -2.33 1.76
CA PHE A 180 -15.74 -2.58 0.88
C PHE A 180 -17.04 -1.88 1.25
N LYS A 181 -17.00 -1.10 2.34
CA LYS A 181 -18.17 -0.35 2.78
C LYS A 181 -18.44 0.70 1.70
N GLY A 182 -19.63 0.65 1.11
CA GLY A 182 -19.99 1.60 0.07
C GLY A 182 -19.26 1.42 -1.25
N SER A 183 -18.63 0.27 -1.46
CA SER A 183 -17.88 -0.01 -2.68
C SER A 183 -18.74 -0.33 -3.90
N MET A 184 -19.81 -1.09 -3.71
CA MET A 184 -20.65 -1.41 -4.84
C MET A 184 -21.14 -0.14 -5.52
N GLU A 185 -21.49 0.87 -4.73
CA GLU A 185 -21.95 2.13 -5.31
C GLU A 185 -20.83 2.81 -6.09
N GLU A 186 -19.60 2.69 -5.59
CA GLU A 186 -18.45 3.27 -6.26
C GLU A 186 -18.19 2.57 -7.59
N TRP A 187 -18.30 1.23 -7.61
CA TRP A 187 -18.08 0.46 -8.84
C TRP A 187 -19.19 0.79 -9.83
N GLN A 188 -20.42 0.94 -9.35
CA GLN A 188 -21.54 1.27 -10.23
C GLN A 188 -21.27 2.57 -10.96
N ALA A 189 -20.87 3.60 -10.21
CA ALA A 189 -20.57 4.92 -10.78
C ALA A 189 -19.41 4.85 -11.77
N MET A 190 -18.54 3.85 -11.59
CA MET A 190 -17.40 3.71 -12.49
C MET A 190 -17.73 2.87 -13.70
N GLY A 191 -19.00 2.45 -13.79
CA GLY A 191 -19.45 1.68 -14.93
C GLY A 191 -19.21 0.19 -14.91
N VAL A 192 -18.76 -0.33 -13.77
CA VAL A 192 -18.52 -1.76 -13.64
C VAL A 192 -19.86 -2.46 -13.87
N MET A 193 -19.83 -3.51 -14.69
CA MET A 193 -21.04 -4.25 -15.03
C MET A 193 -21.55 -5.25 -14.01
N ASN A 194 -20.64 -6.00 -13.42
CA ASN A 194 -21.05 -7.05 -12.51
C ASN A 194 -19.95 -7.46 -11.56
N TYR A 195 -20.26 -8.50 -10.77
CA TYR A 195 -19.35 -9.09 -9.81
C TYR A 195 -19.26 -10.56 -10.15
N GLU A 196 -18.07 -11.11 -10.02
CA GLU A 196 -17.86 -12.54 -10.20
C GLU A 196 -16.61 -12.84 -9.36
N MET A 197 -16.09 -14.06 -9.38
CA MET A 197 -14.95 -14.37 -8.53
C MET A 197 -13.69 -15.02 -9.12
N GLU A 198 -13.58 -15.10 -10.44
CA GLU A 198 -12.38 -15.73 -10.99
C GLU A 198 -11.62 -14.96 -12.08
N SER A 199 -12.27 -14.00 -12.72
CA SER A 199 -11.62 -13.26 -13.81
C SER A 199 -10.35 -12.46 -13.50
N ALA A 200 -10.28 -11.79 -12.35
CA ALA A 200 -9.07 -11.02 -12.06
C ALA A 200 -7.86 -11.94 -12.12
N THR A 201 -7.96 -13.08 -11.45
CA THR A 201 -6.89 -14.07 -11.44
C THR A 201 -6.61 -14.62 -12.85
N LEU A 202 -7.66 -15.13 -13.51
CA LEU A 202 -7.55 -15.69 -14.86
C LEU A 202 -6.98 -14.73 -15.91
N LEU A 203 -7.50 -13.51 -15.95
CA LEU A 203 -7.04 -12.54 -16.94
C LEU A 203 -5.62 -12.08 -16.66
N THR A 204 -5.30 -11.81 -15.40
CA THR A 204 -3.95 -11.37 -15.05
C THR A 204 -2.87 -12.45 -15.26
N MET A 205 -3.11 -13.69 -14.84
CA MET A 205 -2.12 -14.75 -15.01
C MET A 205 -1.88 -15.13 -16.47
N CYS A 206 -2.89 -14.90 -17.31
CA CYS A 206 -2.73 -15.20 -18.73
C CYS A 206 -2.06 -14.05 -19.47
N ALA A 207 -2.53 -12.83 -19.22
CA ALA A 207 -1.96 -11.66 -19.89
C ALA A 207 -0.48 -11.44 -19.53
N SER A 208 -0.06 -11.94 -18.39
CA SER A 208 1.32 -11.76 -17.95
C SER A 208 2.19 -12.98 -18.21
N GLN A 209 1.69 -13.96 -18.95
CA GLN A 209 2.46 -15.16 -19.24
C GLN A 209 2.31 -15.67 -20.67
N GLY A 210 1.89 -14.80 -21.59
CA GLY A 210 1.73 -15.21 -22.98
C GLY A 210 0.58 -16.15 -23.27
N LEU A 211 -0.45 -16.13 -22.45
CA LEU A 211 -1.59 -17.00 -22.70
C LEU A 211 -2.79 -16.11 -23.05
N ARG A 212 -3.71 -16.62 -23.86
CA ARG A 212 -4.91 -15.86 -24.24
C ARG A 212 -6.11 -16.24 -23.37
N ALA A 213 -6.84 -15.23 -22.89
CA ALA A 213 -8.01 -15.48 -22.06
C ALA A 213 -9.19 -14.57 -22.39
N GLY A 214 -10.38 -15.15 -22.31
CA GLY A 214 -11.59 -14.40 -22.59
C GLY A 214 -12.56 -14.73 -21.48
N MET A 215 -13.59 -13.92 -21.31
CA MET A 215 -14.58 -14.13 -20.27
C MET A 215 -15.95 -13.67 -20.70
N VAL A 216 -16.92 -14.59 -20.66
CA VAL A 216 -18.32 -14.29 -21.00
C VAL A 216 -19.23 -14.87 -19.91
N ALA A 217 -20.34 -14.19 -19.62
CA ALA A 217 -21.25 -14.66 -18.58
C ALA A 217 -22.68 -14.25 -18.86
N GLY A 218 -23.64 -15.01 -18.34
CA GLY A 218 -25.05 -14.70 -18.52
C GLY A 218 -25.56 -14.11 -17.23
N VAL A 219 -26.34 -13.04 -17.31
CA VAL A 219 -26.88 -12.41 -16.11
C VAL A 219 -28.11 -13.15 -15.61
N ILE A 220 -27.96 -13.75 -14.43
CA ILE A 220 -29.05 -14.53 -13.84
C ILE A 220 -29.79 -13.74 -12.76
N VAL A 221 -29.25 -12.59 -12.36
CA VAL A 221 -29.89 -11.76 -11.35
C VAL A 221 -29.29 -10.35 -11.34
N ASN A 222 -30.06 -9.37 -10.86
CA ASN A 222 -29.59 -7.98 -10.80
C ASN A 222 -29.68 -7.48 -9.36
N ARG A 223 -28.56 -7.04 -8.80
CA ARG A 223 -28.50 -6.54 -7.42
C ARG A 223 -29.34 -5.27 -7.17
N THR A 224 -29.76 -4.59 -8.25
CA THR A 224 -30.54 -3.37 -8.10
C THR A 224 -32.05 -3.58 -8.32
N GLN A 225 -32.44 -4.78 -8.71
CA GLN A 225 -33.86 -5.04 -8.97
C GLN A 225 -34.47 -5.89 -7.87
N GLN A 226 -35.79 -5.84 -7.76
CA GLN A 226 -36.53 -6.58 -6.73
C GLN A 226 -36.82 -8.02 -7.09
N GLU A 227 -37.40 -8.19 -8.28
CA GLU A 227 -37.76 -9.50 -8.79
C GLU A 227 -36.53 -10.38 -9.01
N ILE A 228 -36.68 -11.67 -8.74
CA ILE A 228 -35.60 -12.64 -8.92
C ILE A 228 -36.07 -13.83 -9.78
N PRO A 229 -35.33 -14.16 -10.85
CA PRO A 229 -35.63 -15.26 -11.78
C PRO A 229 -36.17 -16.54 -11.14
N ASN A 230 -37.21 -17.14 -11.77
CA ASN A 230 -37.90 -18.27 -11.14
C ASN A 230 -36.97 -19.18 -10.31
N ALA A 231 -36.54 -20.23 -10.97
CA ALA A 231 -35.78 -21.37 -10.45
C ALA A 231 -34.97 -21.89 -11.60
N GLU A 232 -35.21 -21.16 -12.65
CA GLU A 232 -34.56 -21.25 -13.94
C GLU A 232 -33.86 -19.95 -14.23
N THR A 233 -33.28 -19.41 -13.16
CA THR A 233 -32.52 -18.18 -13.23
C THR A 233 -31.43 -18.42 -14.25
N MET A 234 -30.58 -19.37 -13.91
CA MET A 234 -29.52 -19.76 -14.79
C MET A 234 -30.04 -20.47 -16.00
N LYS A 235 -30.42 -21.74 -15.82
CA LYS A 235 -30.90 -22.63 -16.87
C LYS A 235 -31.04 -22.05 -18.29
N GLN A 236 -32.01 -21.16 -18.55
CA GLN A 236 -32.13 -20.61 -19.91
C GLN A 236 -30.98 -19.61 -20.25
N THR A 237 -30.75 -18.67 -19.33
CA THR A 237 -29.71 -17.66 -19.51
C THR A 237 -28.35 -18.34 -19.60
N GLU A 238 -28.12 -19.33 -18.74
CA GLU A 238 -26.87 -20.09 -18.72
C GLU A 238 -26.62 -20.77 -20.07
N SER A 239 -27.69 -21.30 -20.68
CA SER A 239 -27.57 -21.95 -21.98
C SER A 239 -27.17 -20.93 -23.03
N HIS A 240 -27.69 -19.72 -22.89
CA HIS A 240 -27.41 -18.63 -23.81
C HIS A 240 -25.90 -18.35 -23.83
N ALA A 241 -25.33 -18.14 -22.65
CA ALA A 241 -23.91 -17.86 -22.49
C ALA A 241 -23.07 -19.07 -22.92
N VAL A 242 -23.51 -20.27 -22.54
CA VAL A 242 -22.81 -21.50 -22.89
C VAL A 242 -22.67 -21.68 -24.40
N LYS A 243 -23.75 -21.44 -25.12
CA LYS A 243 -23.72 -21.59 -26.56
C LYS A 243 -22.79 -20.55 -27.18
N ILE A 244 -22.77 -19.37 -26.57
CA ILE A 244 -21.92 -18.28 -27.04
C ILE A 244 -20.42 -18.55 -26.84
N VAL A 245 -20.04 -19.22 -25.75
CA VAL A 245 -18.61 -19.48 -25.53
C VAL A 245 -18.14 -20.61 -26.49
N VAL A 246 -19.02 -21.54 -26.80
CA VAL A 246 -18.67 -22.64 -27.72
C VAL A 246 -18.52 -22.06 -29.13
N GLU A 247 -19.46 -21.20 -29.50
CA GLU A 247 -19.45 -20.56 -30.80
C GLU A 247 -18.18 -19.72 -30.96
N ALA A 248 -17.80 -19.04 -29.88
CA ALA A 248 -16.61 -18.20 -29.87
C ALA A 248 -15.34 -19.05 -30.02
N ALA A 249 -15.31 -20.18 -29.34
CA ALA A 249 -14.15 -21.08 -29.40
C ALA A 249 -13.83 -21.46 -30.85
N ARG A 250 -14.86 -21.76 -31.63
CA ARG A 250 -14.71 -22.14 -33.03
C ARG A 250 -13.84 -21.16 -33.80
N ARG A 251 -13.92 -19.89 -33.43
CA ARG A 251 -13.16 -18.82 -34.09
C ARG A 251 -11.75 -18.62 -33.57
N LEU A 252 -11.36 -19.40 -32.56
CA LEU A 252 -10.05 -19.27 -31.96
C LEU A 252 -9.18 -20.51 -32.12
N LEU A 253 -9.67 -21.49 -32.88
CA LEU A 253 -8.94 -22.74 -33.09
C LEU A 253 -7.84 -22.62 -34.13
N LYS B 3 23.24 18.05 -32.64
CA LYS B 3 24.16 18.92 -31.87
C LYS B 3 23.75 18.99 -30.41
N SER B 4 22.45 18.88 -30.15
CA SER B 4 21.94 18.95 -28.79
C SER B 4 22.44 17.84 -27.86
N ASP B 5 22.78 18.21 -26.61
CA ASP B 5 23.27 17.24 -25.63
C ASP B 5 22.16 16.47 -24.91
N VAL B 6 20.93 16.99 -24.96
CA VAL B 6 19.79 16.35 -24.31
C VAL B 6 18.69 15.97 -25.28
N PHE B 7 17.84 15.02 -24.88
CA PHE B 7 16.77 14.55 -25.76
C PHE B 7 15.60 15.47 -26.01
N HIS B 8 15.29 16.36 -25.07
CA HIS B 8 14.14 17.24 -25.23
C HIS B 8 14.35 18.75 -25.30
N LEU B 9 15.24 19.29 -24.46
CA LEU B 9 15.42 20.74 -24.44
C LEU B 9 16.11 21.35 -25.66
N GLY B 10 16.82 20.52 -26.42
CA GLY B 10 17.53 21.02 -27.59
C GLY B 10 18.61 22.00 -27.21
N LEU B 11 19.41 21.65 -26.19
CA LEU B 11 20.48 22.53 -25.72
C LEU B 11 21.79 21.77 -25.54
N THR B 12 22.90 22.52 -25.53
CA THR B 12 24.22 21.97 -25.33
C THR B 12 24.70 22.64 -24.05
N LYS B 13 25.66 22.05 -23.35
CA LYS B 13 26.16 22.66 -22.13
C LYS B 13 26.69 24.05 -22.45
N ASN B 14 27.29 24.17 -23.63
CA ASN B 14 27.85 25.44 -24.09
C ASN B 14 26.79 26.55 -24.07
N ASP B 15 25.57 26.20 -24.44
CA ASP B 15 24.45 27.15 -24.47
C ASP B 15 24.22 27.81 -23.13
N LEU B 16 24.52 27.11 -22.04
CA LEU B 16 24.30 27.68 -20.70
C LEU B 16 25.39 28.65 -20.27
N GLN B 17 26.54 28.58 -20.93
CA GLN B 17 27.65 29.50 -20.63
C GLN B 17 28.05 29.48 -19.16
N GLY B 18 28.06 28.29 -18.57
CA GLY B 18 28.44 28.15 -17.17
C GLY B 18 27.31 28.34 -16.16
N ALA B 19 26.09 28.53 -16.66
CA ALA B 19 24.95 28.71 -15.77
C ALA B 19 24.80 27.46 -14.89
N GLN B 20 24.48 27.68 -13.62
CA GLN B 20 24.31 26.59 -12.66
C GLN B 20 22.99 26.74 -11.93
N LEU B 21 22.27 27.82 -12.22
CA LEU B 21 20.97 28.05 -11.60
C LEU B 21 19.94 28.35 -12.67
N ALA B 22 18.74 27.83 -12.48
CA ALA B 22 17.65 28.05 -13.44
C ALA B 22 16.35 28.38 -12.71
N ILE B 23 15.67 29.41 -13.17
CA ILE B 23 14.36 29.76 -12.69
C ILE B 23 13.43 28.99 -13.57
N VAL B 24 12.55 28.18 -12.99
CA VAL B 24 11.71 27.33 -13.82
C VAL B 24 10.18 27.54 -13.67
N PRO B 25 9.59 28.43 -14.49
CA PRO B 25 8.15 28.70 -14.46
C PRO B 25 7.51 27.55 -15.23
N GLY B 26 6.20 27.40 -15.12
CA GLY B 26 5.54 26.33 -15.83
C GLY B 26 5.23 26.69 -17.28
N ASP B 27 4.77 27.92 -17.47
CA ASP B 27 4.37 28.42 -18.79
C ASP B 27 5.50 29.02 -19.63
N PRO B 28 5.71 28.48 -20.83
CA PRO B 28 6.77 29.00 -21.70
C PRO B 28 6.58 30.45 -22.09
N GLU B 29 5.34 30.94 -22.03
CA GLU B 29 5.06 32.32 -22.37
C GLU B 29 5.37 33.31 -21.24
N ARG B 30 6.08 32.83 -20.22
CA ARG B 30 6.47 33.68 -19.09
C ARG B 30 7.99 33.70 -18.96
N VAL B 31 8.66 32.84 -19.74
CA VAL B 31 10.12 32.72 -19.72
C VAL B 31 10.83 34.02 -20.10
N GLU B 32 10.43 34.61 -21.22
CA GLU B 32 11.07 35.83 -21.66
C GLU B 32 10.86 36.99 -20.70
N LYS B 33 9.66 37.06 -20.13
CA LYS B 33 9.35 38.12 -19.18
C LYS B 33 10.26 38.04 -17.96
N ILE B 34 10.53 36.81 -17.51
CA ILE B 34 11.40 36.63 -16.35
C ILE B 34 12.84 36.97 -16.74
N ALA B 35 13.30 36.42 -17.86
CA ALA B 35 14.67 36.68 -18.30
C ALA B 35 14.89 38.17 -18.57
N ALA B 36 13.83 38.85 -19.00
CA ALA B 36 13.92 40.27 -19.31
C ALA B 36 14.34 41.09 -18.09
N LEU B 37 14.11 40.56 -16.89
CA LEU B 37 14.46 41.30 -15.68
C LEU B 37 15.94 41.26 -15.39
N MET B 38 16.67 40.45 -16.15
CA MET B 38 18.11 40.35 -15.94
C MET B 38 18.92 40.87 -17.14
N ASP B 39 20.25 40.86 -17.03
CA ASP B 39 21.09 41.37 -18.11
C ASP B 39 21.24 40.40 -19.28
N LYS B 40 21.54 40.96 -20.43
CA LYS B 40 21.75 40.17 -21.64
C LYS B 40 20.83 38.97 -21.82
N PRO B 41 19.50 39.20 -21.88
CA PRO B 41 18.55 38.10 -22.06
C PRO B 41 18.54 37.64 -23.53
N VAL B 42 18.87 36.37 -23.74
CA VAL B 42 18.92 35.83 -25.09
C VAL B 42 18.09 34.51 -25.16
N LYS B 43 17.33 34.34 -26.24
CA LYS B 43 16.57 33.11 -26.31
C LYS B 43 17.51 31.97 -26.69
N LEU B 44 17.24 30.80 -26.15
CA LEU B 44 18.06 29.62 -26.44
C LEU B 44 17.30 28.64 -27.31
N ALA B 45 16.11 28.24 -26.87
CA ALA B 45 15.35 27.26 -27.63
C ALA B 45 13.94 27.07 -27.13
N SER B 46 13.13 26.41 -27.96
CA SER B 46 11.77 26.10 -27.60
C SER B 46 11.38 24.85 -28.36
N HIS B 47 10.93 23.85 -27.60
CA HIS B 47 10.52 22.57 -28.13
C HIS B 47 9.46 22.12 -27.16
N ARG B 48 8.27 21.77 -27.64
CA ARG B 48 7.18 21.34 -26.75
C ARG B 48 7.00 22.50 -25.78
N GLU B 49 6.73 22.21 -24.51
CA GLU B 49 6.54 23.28 -23.53
C GLU B 49 7.83 23.71 -22.84
N PHE B 50 8.95 23.34 -23.43
CA PHE B 50 10.26 23.69 -22.89
C PHE B 50 10.88 24.84 -23.68
N THR B 51 10.63 26.07 -23.22
CA THR B 51 11.19 27.24 -23.86
C THR B 51 12.26 27.74 -22.90
N SER B 52 13.48 27.90 -23.39
CA SER B 52 14.59 28.34 -22.57
C SER B 52 15.26 29.61 -23.03
N TRP B 53 15.64 30.43 -22.06
CA TRP B 53 16.33 31.70 -22.27
C TRP B 53 17.52 31.73 -21.31
N ARG B 54 18.56 32.46 -21.73
CA ARG B 54 19.74 32.62 -20.88
C ARG B 54 19.85 34.11 -20.59
N ALA B 55 20.23 34.45 -19.36
CA ALA B 55 20.41 35.84 -18.97
C ALA B 55 21.62 35.89 -18.05
N GLU B 56 21.92 37.07 -17.53
CA GLU B 56 23.08 37.19 -16.67
C GLU B 56 22.65 37.94 -15.42
N LEU B 57 23.13 37.48 -14.26
CA LEU B 57 22.81 38.10 -12.98
C LEU B 57 24.11 38.42 -12.25
N ASP B 58 24.44 39.70 -12.17
CA ASP B 58 25.66 40.13 -11.50
C ASP B 58 26.85 39.41 -12.12
N GLY B 59 26.88 39.38 -13.46
CA GLY B 59 27.96 38.76 -14.18
C GLY B 59 27.91 37.24 -14.29
N LYS B 60 26.91 36.61 -13.68
CA LYS B 60 26.80 35.17 -13.73
C LYS B 60 25.61 34.75 -14.59
N ALA B 61 25.86 33.81 -15.50
CA ALA B 61 24.80 33.32 -16.39
C ALA B 61 23.71 32.59 -15.61
N VAL B 62 22.45 32.81 -16.00
CA VAL B 62 21.33 32.14 -15.35
C VAL B 62 20.36 31.70 -16.44
N ILE B 63 19.70 30.57 -16.21
CA ILE B 63 18.74 30.01 -17.18
C ILE B 63 17.33 30.17 -16.67
N VAL B 64 16.42 30.37 -17.58
CA VAL B 64 14.98 30.48 -17.32
C VAL B 64 14.40 29.49 -18.30
N CYS B 65 13.81 28.42 -17.79
CA CYS B 65 13.25 27.40 -18.66
C CYS B 65 11.89 26.94 -18.15
N SER B 66 10.93 26.83 -19.06
CA SER B 66 9.58 26.39 -18.71
C SER B 66 9.55 24.88 -18.56
N THR B 67 8.64 24.40 -17.72
CA THR B 67 8.51 22.96 -17.44
C THR B 67 7.26 22.34 -18.03
N GLY B 68 6.23 23.15 -18.24
CA GLY B 68 4.98 22.62 -18.74
C GLY B 68 4.13 22.27 -17.53
N ILE B 69 2.94 21.71 -17.76
CA ILE B 69 2.06 21.33 -16.66
C ILE B 69 2.35 19.91 -16.20
N GLY B 70 2.39 19.69 -14.89
CA GLY B 70 2.62 18.36 -14.32
C GLY B 70 4.04 17.92 -14.01
N GLY B 71 4.15 16.94 -13.12
CA GLY B 71 5.46 16.42 -12.76
C GLY B 71 6.13 15.68 -13.91
N PRO B 72 5.40 14.87 -14.71
CA PRO B 72 6.05 14.16 -15.81
C PRO B 72 6.88 15.08 -16.72
N SER B 73 6.26 16.18 -17.13
CA SER B 73 6.89 17.18 -17.99
C SER B 73 8.03 17.87 -17.25
N THR B 74 7.80 18.19 -15.98
CA THR B 74 8.78 18.85 -15.13
C THR B 74 10.02 17.97 -14.91
N SER B 75 9.79 16.67 -14.71
CA SER B 75 10.87 15.72 -14.49
C SER B 75 11.84 15.65 -15.68
N ILE B 76 11.31 15.83 -16.90
CA ILE B 76 12.13 15.82 -18.11
C ILE B 76 13.01 17.07 -18.15
N ALA B 77 12.40 18.23 -17.91
CA ALA B 77 13.15 19.49 -17.91
C ALA B 77 14.25 19.52 -16.84
N VAL B 78 13.89 19.19 -15.60
CA VAL B 78 14.85 19.21 -14.51
C VAL B 78 16.00 18.24 -14.78
N GLU B 79 15.68 17.00 -15.15
CA GLU B 79 16.70 16.01 -15.46
C GLU B 79 17.70 16.52 -16.51
N GLU B 80 17.19 16.94 -17.66
CA GLU B 80 18.06 17.41 -18.74
C GLU B 80 18.83 18.66 -18.37
N LEU B 81 18.20 19.57 -17.64
CA LEU B 81 18.88 20.78 -17.21
C LEU B 81 20.04 20.38 -16.29
N ALA B 82 19.79 19.42 -15.40
CA ALA B 82 20.79 18.91 -14.46
C ALA B 82 21.97 18.35 -15.26
N GLN B 83 21.65 17.68 -16.37
CA GLN B 83 22.65 17.12 -17.26
C GLN B 83 23.50 18.23 -17.92
N LEU B 84 22.91 19.40 -18.09
CA LEU B 84 23.60 20.53 -18.71
C LEU B 84 24.40 21.35 -17.69
N GLY B 85 24.29 21.02 -16.40
CA GLY B 85 25.05 21.76 -15.39
C GLY B 85 24.28 22.51 -14.33
N ILE B 86 22.96 22.55 -14.45
CA ILE B 86 22.14 23.26 -13.46
C ILE B 86 22.09 22.45 -12.16
N ARG B 87 22.41 23.11 -11.05
CA ARG B 87 22.40 22.51 -9.72
C ARG B 87 21.38 23.16 -8.78
N THR B 88 20.84 24.31 -9.19
CA THR B 88 19.85 25.01 -8.38
C THR B 88 18.64 25.38 -9.23
N PHE B 89 17.47 25.02 -8.73
CA PHE B 89 16.20 25.27 -9.42
C PHE B 89 15.25 26.08 -8.56
N LEU B 90 14.75 27.18 -9.11
CA LEU B 90 13.81 28.04 -8.40
C LEU B 90 12.49 28.06 -9.17
N ARG B 91 11.47 27.45 -8.57
CA ARG B 91 10.14 27.39 -9.17
C ARG B 91 9.36 28.66 -8.85
N ILE B 92 8.81 29.30 -9.88
CA ILE B 92 8.02 30.52 -9.68
C ILE B 92 6.64 30.27 -10.30
N GLY B 93 5.59 30.65 -9.59
CA GLY B 93 4.26 30.43 -10.13
C GLY B 93 3.19 31.26 -9.45
N THR B 94 1.95 31.13 -9.93
CA THR B 94 0.82 31.83 -9.33
C THR B 94 -0.07 30.69 -8.89
N THR B 95 -0.77 30.88 -7.78
CA THR B 95 -1.61 29.81 -7.26
C THR B 95 -2.86 30.30 -6.54
N GLY B 96 -3.75 29.37 -6.24
CA GLY B 96 -4.92 29.71 -5.46
C GLY B 96 -4.48 29.42 -4.03
N ALA B 97 -5.41 29.43 -3.09
CA ALA B 97 -5.10 29.14 -1.69
C ALA B 97 -6.28 28.43 -1.11
N ILE B 98 -6.06 27.61 -0.10
CA ILE B 98 -7.14 26.88 0.53
C ILE B 98 -7.29 27.28 1.99
N GLN B 99 -6.55 28.30 2.40
CA GLN B 99 -6.62 28.81 3.77
C GLN B 99 -7.30 30.19 3.74
N PRO B 100 -8.29 30.41 4.61
CA PRO B 100 -9.02 31.68 4.66
C PRO B 100 -8.16 32.92 4.92
N HIS B 101 -7.14 32.79 5.76
CA HIS B 101 -6.29 33.93 6.09
C HIS B 101 -5.31 34.34 4.99
N ILE B 102 -5.23 33.56 3.92
CA ILE B 102 -4.34 33.88 2.80
C ILE B 102 -5.16 34.64 1.76
N ASN B 103 -4.79 35.89 1.53
CA ASN B 103 -5.52 36.74 0.58
C ASN B 103 -4.80 36.89 -0.74
N VAL B 104 -5.56 37.18 -1.79
CA VAL B 104 -4.99 37.39 -3.10
C VAL B 104 -3.90 38.45 -2.97
N GLY B 105 -2.79 38.25 -3.66
CA GLY B 105 -1.68 39.18 -3.60
C GLY B 105 -0.58 38.74 -2.64
N ASP B 106 -0.89 37.78 -1.77
CA ASP B 106 0.11 37.31 -0.82
C ASP B 106 1.07 36.41 -1.57
N VAL B 107 2.24 36.19 -0.99
CA VAL B 107 3.26 35.35 -1.59
C VAL B 107 3.45 34.11 -0.74
N LEU B 108 3.55 32.94 -1.38
CA LEU B 108 3.71 31.68 -0.67
C LEU B 108 5.07 31.07 -0.96
N VAL B 109 5.82 30.74 0.10
CA VAL B 109 7.13 30.10 -0.06
C VAL B 109 6.92 28.70 0.52
N THR B 110 7.16 27.68 -0.30
CA THR B 110 6.95 26.29 0.12
C THR B 110 8.18 25.60 0.73
N THR B 111 8.03 25.10 1.94
CA THR B 111 9.09 24.39 2.64
C THR B 111 9.11 22.92 2.21
N ALA B 112 7.93 22.34 2.02
CA ALA B 112 7.80 20.95 1.58
C ALA B 112 6.42 20.80 0.97
N SER B 113 6.21 19.71 0.22
CA SER B 113 4.94 19.45 -0.44
C SER B 113 4.35 18.08 -0.10
N VAL B 114 3.02 18.01 -0.10
CA VAL B 114 2.32 16.76 0.10
C VAL B 114 2.41 16.08 -1.24
N ARG B 115 2.92 14.86 -1.26
CA ARG B 115 3.10 14.16 -2.51
C ARG B 115 1.83 13.48 -3.06
N LEU B 116 1.04 14.26 -3.79
CA LEU B 116 -0.17 13.75 -4.41
C LEU B 116 0.06 13.53 -5.90
N ASP B 117 1.31 13.26 -6.26
CA ASP B 117 1.69 13.02 -7.65
C ASP B 117 2.17 11.57 -7.85
N GLY B 118 2.68 11.28 -9.04
CA GLY B 118 3.19 9.95 -9.31
C GLY B 118 4.68 9.96 -9.62
N ALA B 119 5.12 11.00 -10.32
CA ALA B 119 6.51 11.14 -10.73
C ALA B 119 7.50 11.15 -9.58
N SER B 120 7.12 11.74 -8.45
CA SER B 120 8.02 11.79 -7.30
C SER B 120 8.47 10.38 -6.89
N LEU B 121 7.55 9.40 -6.97
CA LEU B 121 7.83 8.00 -6.63
C LEU B 121 8.82 7.33 -7.58
N HIS B 122 9.14 8.00 -8.68
CA HIS B 122 10.10 7.44 -9.60
C HIS B 122 11.51 7.88 -9.17
N PHE B 123 11.58 8.67 -8.09
CA PHE B 123 12.87 9.14 -7.60
C PHE B 123 13.15 8.75 -6.15
N ALA B 124 12.10 8.64 -5.36
CA ALA B 124 12.22 8.28 -3.95
C ALA B 124 10.91 7.69 -3.46
N PRO B 125 10.99 6.76 -2.50
CA PRO B 125 9.77 6.14 -1.97
C PRO B 125 8.91 7.20 -1.25
N MET B 126 7.63 6.91 -1.05
CA MET B 126 6.77 7.90 -0.43
C MET B 126 7.27 8.42 0.93
N GLU B 127 8.01 7.61 1.67
CA GLU B 127 8.53 8.00 2.98
C GLU B 127 9.44 9.22 2.88
N PHE B 128 10.13 9.35 1.74
CA PHE B 128 11.04 10.45 1.51
C PHE B 128 10.28 11.78 1.43
N PRO B 129 10.79 12.81 2.13
CA PRO B 129 10.16 14.13 2.14
C PRO B 129 10.39 14.98 0.88
N ALA B 130 9.31 15.55 0.33
CA ALA B 130 9.42 16.42 -0.86
C ALA B 130 9.76 17.80 -0.28
N VAL B 131 10.96 17.87 0.31
CA VAL B 131 11.42 19.08 0.98
C VAL B 131 12.25 20.04 0.11
N ALA B 132 12.10 21.33 0.37
CA ALA B 132 12.83 22.35 -0.37
C ALA B 132 14.20 22.51 0.26
N ASP B 133 15.15 23.03 -0.51
CA ASP B 133 16.52 23.26 -0.03
C ASP B 133 16.48 24.44 0.94
N PHE B 134 17.25 24.36 2.01
CA PHE B 134 17.23 25.43 3.01
C PHE B 134 17.72 26.77 2.48
N ALA B 135 18.83 26.75 1.72
CA ALA B 135 19.39 27.98 1.17
C ALA B 135 18.43 28.64 0.18
N CYS B 136 17.76 27.84 -0.64
CA CYS B 136 16.81 28.36 -1.62
C CYS B 136 15.59 28.96 -0.92
N THR B 137 15.05 28.24 0.05
CA THR B 137 13.89 28.70 0.83
C THR B 137 14.23 29.98 1.57
N THR B 138 15.43 30.03 2.15
CA THR B 138 15.88 31.22 2.87
C THR B 138 15.94 32.43 1.92
N ALA B 139 16.62 32.25 0.79
CA ALA B 139 16.75 33.33 -0.21
C ALA B 139 15.37 33.85 -0.65
N LEU B 140 14.41 32.95 -0.82
CA LEU B 140 13.06 33.36 -1.22
C LEU B 140 12.38 34.16 -0.12
N VAL B 141 12.48 33.67 1.11
CA VAL B 141 11.87 34.37 2.24
C VAL B 141 12.50 35.76 2.45
N GLU B 142 13.82 35.84 2.31
CA GLU B 142 14.56 37.10 2.48
C GLU B 142 14.20 38.09 1.38
N ALA B 143 14.20 37.60 0.14
CA ALA B 143 13.86 38.42 -1.03
C ALA B 143 12.44 38.94 -0.93
N ALA B 144 11.53 38.10 -0.43
CA ALA B 144 10.13 38.48 -0.27
C ALA B 144 10.04 39.59 0.76
N LYS B 145 10.78 39.42 1.85
CA LYS B 145 10.80 40.39 2.94
C LYS B 145 11.35 41.74 2.48
N SER B 146 12.36 41.72 1.62
CA SER B 146 12.95 42.96 1.12
C SER B 146 11.93 43.76 0.31
N ILE B 147 10.99 43.06 -0.32
CA ILE B 147 9.94 43.68 -1.12
C ILE B 147 8.76 44.10 -0.23
N GLY B 148 8.78 43.67 1.02
CA GLY B 148 7.70 44.02 1.92
C GLY B 148 6.43 43.26 1.62
N ALA B 149 6.55 42.15 0.91
CA ALA B 149 5.40 41.33 0.57
C ALA B 149 4.88 40.55 1.76
N THR B 150 3.58 40.32 1.80
CA THR B 150 2.98 39.55 2.88
C THR B 150 3.25 38.09 2.51
N THR B 151 4.13 37.45 3.25
CA THR B 151 4.52 36.08 2.96
C THR B 151 4.07 35.00 3.93
N HIS B 152 3.75 33.84 3.37
CA HIS B 152 3.32 32.67 4.14
C HIS B 152 4.28 31.55 3.80
N VAL B 153 4.92 30.98 4.81
CA VAL B 153 5.87 29.91 4.61
C VAL B 153 5.27 28.61 5.16
N GLY B 154 5.13 27.61 4.30
CA GLY B 154 4.57 26.36 4.75
C GLY B 154 4.48 25.24 3.72
N VAL B 155 3.57 24.31 3.97
CA VAL B 155 3.38 23.15 3.11
C VAL B 155 2.35 23.37 2.01
N THR B 156 2.65 22.81 0.85
CA THR B 156 1.79 22.89 -0.33
C THR B 156 1.38 21.47 -0.72
N ALA B 157 0.20 21.33 -1.31
CA ALA B 157 -0.29 20.03 -1.76
C ALA B 157 -0.10 19.98 -3.28
N SER B 158 0.75 19.07 -3.73
CA SER B 158 1.06 18.97 -5.15
C SER B 158 0.29 17.81 -5.75
N SER B 159 -0.68 18.15 -6.57
CA SER B 159 -1.57 17.19 -7.21
C SER B 159 -1.30 16.94 -8.70
N ASP B 160 -1.49 15.68 -9.09
CA ASP B 160 -1.31 15.26 -10.48
C ASP B 160 -2.52 15.66 -11.31
N THR B 161 -3.57 16.12 -10.65
CA THR B 161 -4.76 16.55 -11.38
C THR B 161 -5.21 17.92 -10.92
N PHE B 162 -5.82 18.64 -11.84
CA PHE B 162 -6.33 19.95 -11.55
C PHE B 162 -7.73 19.81 -10.95
N TYR B 163 -8.43 18.72 -11.30
CA TYR B 163 -9.79 18.54 -10.81
C TYR B 163 -10.06 17.63 -9.61
N PRO B 164 -10.03 16.29 -9.78
CA PRO B 164 -10.29 15.44 -8.61
C PRO B 164 -9.27 15.51 -7.46
N GLY B 165 -7.98 15.58 -7.80
CA GLY B 165 -6.95 15.63 -6.78
C GLY B 165 -7.01 16.89 -5.94
N GLN B 166 -7.78 17.86 -6.41
CA GLN B 166 -7.96 19.10 -5.69
C GLN B 166 -9.42 19.18 -5.21
N GLU B 167 -10.06 18.00 -5.20
CA GLU B 167 -11.46 17.80 -4.82
C GLU B 167 -12.45 18.79 -5.46
N ARG B 168 -12.39 18.87 -6.78
CA ARG B 168 -13.27 19.70 -7.58
C ARG B 168 -14.45 18.83 -8.00
N TYR B 169 -15.68 19.29 -7.76
CA TYR B 169 -16.84 18.49 -8.16
C TYR B 169 -17.55 19.03 -9.39
N ASP B 170 -17.15 20.22 -9.82
CA ASP B 170 -17.71 20.89 -11.00
C ASP B 170 -17.07 20.26 -12.25
N THR B 171 -17.35 18.98 -12.46
CA THR B 171 -16.76 18.24 -13.57
C THR B 171 -17.81 17.48 -14.37
N TYR B 172 -17.34 16.79 -15.40
CA TYR B 172 -18.19 15.97 -16.26
C TYR B 172 -18.85 14.86 -15.43
N SER B 173 -18.08 14.23 -14.56
CA SER B 173 -18.61 13.14 -13.75
C SER B 173 -19.28 13.66 -12.49
N GLY B 174 -18.72 14.73 -11.94
CA GLY B 174 -19.24 15.31 -10.72
C GLY B 174 -18.87 14.38 -9.57
N ARG B 175 -17.94 13.47 -9.85
CA ARG B 175 -17.46 12.47 -8.90
C ARG B 175 -16.01 12.67 -8.50
N VAL B 176 -15.70 12.32 -7.26
CA VAL B 176 -14.34 12.36 -6.72
C VAL B 176 -14.09 11.04 -6.02
N VAL B 177 -13.10 10.29 -6.51
CA VAL B 177 -12.74 8.98 -5.97
C VAL B 177 -12.55 9.01 -4.45
N ARG B 178 -12.88 7.90 -3.80
CA ARG B 178 -12.77 7.79 -2.35
C ARG B 178 -11.51 8.43 -1.76
N ARG B 179 -10.35 8.11 -2.33
CA ARG B 179 -9.10 8.65 -1.85
C ARG B 179 -9.14 10.16 -1.64
N PHE B 180 -9.79 10.88 -2.55
CA PHE B 180 -9.84 12.34 -2.42
C PHE B 180 -11.13 12.95 -1.87
N LYS B 181 -12.16 12.14 -1.60
CA LYS B 181 -13.38 12.69 -1.04
C LYS B 181 -13.04 13.25 0.33
N GLY B 182 -13.41 14.51 0.58
CA GLY B 182 -13.13 15.12 1.87
C GLY B 182 -11.67 15.44 2.14
N SER B 183 -10.81 15.25 1.14
CA SER B 183 -9.39 15.52 1.28
C SER B 183 -9.02 16.99 1.46
N MET B 184 -9.74 17.91 0.82
CA MET B 184 -9.41 19.32 0.96
C MET B 184 -9.53 19.84 2.41
N GLU B 185 -10.62 19.48 3.09
CA GLU B 185 -10.80 19.91 4.47
C GLU B 185 -9.68 19.32 5.34
N GLU B 186 -9.19 18.14 4.96
CA GLU B 186 -8.11 17.49 5.70
C GLU B 186 -6.81 18.28 5.58
N TRP B 187 -6.43 18.63 4.36
CA TRP B 187 -5.22 19.39 4.14
C TRP B 187 -5.34 20.75 4.86
N GLN B 188 -6.52 21.37 4.78
CA GLN B 188 -6.75 22.66 5.44
C GLN B 188 -6.51 22.54 6.95
N ALA B 189 -7.06 21.49 7.54
CA ALA B 189 -6.90 21.25 8.95
C ALA B 189 -5.43 20.97 9.30
N MET B 190 -4.64 20.46 8.33
CA MET B 190 -3.23 20.16 8.57
C MET B 190 -2.35 21.38 8.29
N GLY B 191 -2.97 22.46 7.87
CA GLY B 191 -2.24 23.68 7.63
C GLY B 191 -1.74 23.89 6.22
N VAL B 192 -2.12 23.00 5.30
CA VAL B 192 -1.67 23.16 3.90
C VAL B 192 -2.12 24.51 3.36
N MET B 193 -1.20 25.22 2.72
CA MET B 193 -1.52 26.53 2.18
C MET B 193 -2.28 26.56 0.85
N ASN B 194 -1.91 25.67 -0.07
CA ASN B 194 -2.50 25.68 -1.40
C ASN B 194 -2.27 24.39 -2.18
N TYR B 195 -2.80 24.37 -3.40
CA TYR B 195 -2.67 23.27 -4.35
C TYR B 195 -1.91 23.86 -5.54
N GLU B 196 -1.07 23.03 -6.13
CA GLU B 196 -0.37 23.39 -7.36
C GLU B 196 -0.06 22.02 -7.97
N MET B 197 0.62 21.93 -9.10
CA MET B 197 0.80 20.62 -9.71
C MET B 197 2.18 20.15 -10.13
N GLU B 198 3.24 20.81 -9.68
CA GLU B 198 4.59 20.40 -10.06
C GLU B 198 5.64 20.29 -8.94
N SER B 199 5.40 20.94 -7.81
CA SER B 199 6.38 20.92 -6.71
C SER B 199 6.77 19.58 -6.08
N ALA B 200 5.81 18.66 -5.91
CA ALA B 200 6.13 17.37 -5.30
C ALA B 200 7.20 16.67 -6.15
N THR B 201 7.02 16.70 -7.47
CA THR B 201 7.98 16.08 -8.38
C THR B 201 9.30 16.85 -8.34
N LEU B 202 9.23 18.17 -8.48
CA LEU B 202 10.43 19.02 -8.47
C LEU B 202 11.27 18.85 -7.20
N LEU B 203 10.64 19.07 -6.05
CA LEU B 203 11.33 18.99 -4.78
C LEU B 203 11.90 17.62 -4.46
N THR B 204 11.12 16.58 -4.73
CA THR B 204 11.56 15.21 -4.45
C THR B 204 12.74 14.77 -5.30
N MET B 205 12.67 15.02 -6.61
CA MET B 205 13.76 14.59 -7.49
C MET B 205 15.04 15.37 -7.22
N CYS B 206 14.90 16.60 -6.76
CA CYS B 206 16.07 17.42 -6.45
C CYS B 206 16.67 17.05 -5.10
N ALA B 207 15.84 17.00 -4.06
CA ALA B 207 16.32 16.66 -2.73
C ALA B 207 16.94 15.26 -2.65
N SER B 208 16.53 14.38 -3.55
CA SER B 208 17.05 13.01 -3.53
C SER B 208 18.20 12.80 -4.54
N GLN B 209 18.67 13.88 -5.15
CA GLN B 209 19.74 13.77 -6.14
C GLN B 209 20.77 14.86 -5.99
N GLY B 210 20.89 15.42 -4.80
CA GLY B 210 21.87 16.45 -4.58
C GLY B 210 21.69 17.76 -5.33
N LEU B 211 20.46 18.08 -5.73
CA LEU B 211 20.17 19.32 -6.43
C LEU B 211 19.37 20.22 -5.47
N ARG B 212 19.63 21.52 -5.51
CA ARG B 212 18.95 22.49 -4.66
C ARG B 212 17.68 22.99 -5.33
N ALA B 213 16.56 23.01 -4.60
CA ALA B 213 15.30 23.49 -5.16
C ALA B 213 14.49 24.31 -4.13
N GLY B 214 13.72 25.25 -4.66
CA GLY B 214 12.88 26.10 -3.83
C GLY B 214 11.70 26.52 -4.67
N MET B 215 10.64 27.01 -4.05
CA MET B 215 9.48 27.46 -4.79
C MET B 215 8.78 28.62 -4.13
N VAL B 216 8.38 29.59 -4.95
CA VAL B 216 7.65 30.76 -4.49
C VAL B 216 6.47 30.95 -5.46
N ALA B 217 5.32 31.36 -4.93
CA ALA B 217 4.13 31.57 -5.75
C ALA B 217 3.28 32.74 -5.25
N GLY B 218 2.69 33.45 -6.20
CA GLY B 218 1.82 34.58 -5.87
C GLY B 218 0.39 34.10 -5.84
N VAL B 219 -0.35 34.47 -4.80
CA VAL B 219 -1.74 34.05 -4.68
C VAL B 219 -2.62 34.92 -5.56
N ILE B 220 -3.30 34.31 -6.52
CA ILE B 220 -4.16 35.06 -7.42
C ILE B 220 -5.64 34.81 -7.17
N VAL B 221 -5.94 33.70 -6.47
CA VAL B 221 -7.33 33.35 -6.17
C VAL B 221 -7.41 32.56 -4.85
N ASN B 222 -8.61 32.51 -4.27
CA ASN B 222 -8.83 31.78 -3.02
C ASN B 222 -10.21 31.12 -3.03
N ARG B 223 -10.25 29.83 -3.30
CA ARG B 223 -11.52 29.11 -3.36
C ARG B 223 -12.33 29.07 -2.05
N THR B 224 -11.70 29.42 -0.93
CA THR B 224 -12.42 29.42 0.33
C THR B 224 -13.12 30.77 0.49
N GLN B 225 -12.68 31.76 -0.27
CA GLN B 225 -13.29 33.08 -0.22
C GLN B 225 -14.34 33.14 -1.31
N MET B 234 -4.08 39.25 -12.51
CA MET B 234 -3.15 38.76 -11.49
C MET B 234 -1.81 39.41 -11.77
N LYS B 235 -1.83 40.41 -12.65
CA LYS B 235 -0.64 41.15 -13.07
C LYS B 235 0.29 41.55 -11.94
N GLN B 236 -0.18 42.42 -11.04
CA GLN B 236 0.64 42.87 -9.93
C GLN B 236 1.19 41.72 -9.07
N THR B 237 0.33 40.77 -8.70
CA THR B 237 0.75 39.63 -7.88
C THR B 237 1.87 38.83 -8.56
N GLU B 238 1.73 38.55 -9.85
CA GLU B 238 2.74 37.82 -10.62
C GLU B 238 4.10 38.53 -10.62
N SER B 239 4.07 39.85 -10.78
CA SER B 239 5.31 40.64 -10.81
C SER B 239 6.07 40.53 -9.50
N HIS B 240 5.38 40.70 -8.38
CA HIS B 240 6.03 40.61 -7.08
C HIS B 240 6.76 39.27 -6.93
N ALA B 241 6.03 38.19 -7.22
CA ALA B 241 6.60 36.86 -7.10
C ALA B 241 7.83 36.78 -7.98
N VAL B 242 7.71 37.29 -9.20
CA VAL B 242 8.82 37.26 -10.14
C VAL B 242 10.04 38.04 -9.66
N LYS B 243 9.81 39.21 -9.05
CA LYS B 243 10.90 40.01 -8.52
C LYS B 243 11.60 39.24 -7.40
N ILE B 244 10.78 38.60 -6.57
CA ILE B 244 11.29 37.80 -5.45
C ILE B 244 12.16 36.64 -5.96
N VAL B 245 11.67 35.90 -6.95
CA VAL B 245 12.44 34.76 -7.46
C VAL B 245 13.75 35.22 -8.10
N VAL B 246 13.72 36.37 -8.76
CA VAL B 246 14.92 36.91 -9.39
C VAL B 246 15.89 37.42 -8.33
N GLU B 247 15.34 38.08 -7.32
CA GLU B 247 16.15 38.61 -6.22
C GLU B 247 16.75 37.44 -5.44
N ALA B 248 15.95 36.39 -5.26
CA ALA B 248 16.44 35.20 -4.53
C ALA B 248 17.59 34.57 -5.30
N ALA B 249 17.44 34.46 -6.62
CA ALA B 249 18.46 33.87 -7.48
C ALA B 249 19.79 34.61 -7.29
N ARG B 250 19.69 35.92 -7.08
CA ARG B 250 20.85 36.76 -6.88
C ARG B 250 21.66 36.29 -5.67
N ARG B 251 20.96 35.94 -4.59
CA ARG B 251 21.60 35.47 -3.34
C ARG B 251 22.09 34.02 -3.42
N LEU B 252 21.71 33.30 -4.47
CA LEU B 252 22.09 31.89 -4.62
C LEU B 252 23.12 31.59 -5.70
N LEU B 253 23.57 32.62 -6.40
CA LEU B 253 24.55 32.45 -7.48
C LEU B 253 25.95 32.10 -7.00
N SER C 4 -2.44 16.61 38.49
CA SER C 4 -1.93 16.64 37.09
C SER C 4 -3.06 16.77 36.08
N ASP C 5 -2.86 17.63 35.08
CA ASP C 5 -3.85 17.85 34.04
C ASP C 5 -3.64 16.91 32.86
N VAL C 6 -2.46 16.31 32.78
CA VAL C 6 -2.12 15.40 31.70
C VAL C 6 -1.76 14.03 32.27
N PHE C 7 -2.23 12.99 31.60
CA PHE C 7 -2.05 11.61 32.04
C PHE C 7 -0.63 11.09 32.26
N HIS C 8 0.29 11.38 31.35
CA HIS C 8 1.63 10.85 31.51
C HIS C 8 2.67 11.74 32.15
N LEU C 9 2.69 13.02 31.78
CA LEU C 9 3.68 13.95 32.33
C LEU C 9 3.54 14.27 33.81
N GLY C 10 2.31 14.33 34.31
CA GLY C 10 2.13 14.65 35.71
C GLY C 10 2.32 16.14 35.92
N LEU C 11 2.01 16.93 34.89
CA LEU C 11 2.15 18.39 34.91
C LEU C 11 0.82 19.13 34.77
N THR C 12 0.75 20.33 35.33
CA THR C 12 -0.43 21.18 35.25
C THR C 12 -0.04 22.41 34.45
N LYS C 13 -1.03 23.14 33.97
CA LYS C 13 -0.76 24.34 33.19
C LYS C 13 0.06 25.32 34.01
N ASN C 14 -0.26 25.43 35.30
CA ASN C 14 0.44 26.34 36.19
C ASN C 14 1.93 26.00 36.33
N ASP C 15 2.25 24.73 36.19
CA ASP C 15 3.64 24.29 36.28
C ASP C 15 4.50 24.95 35.21
N LEU C 16 3.92 25.17 34.03
CA LEU C 16 4.63 25.76 32.90
C LEU C 16 4.89 27.24 33.07
N GLN C 17 4.06 27.87 33.88
CA GLN C 17 4.19 29.30 34.12
C GLN C 17 4.25 30.10 32.83
N GLY C 18 3.30 29.81 31.94
CA GLY C 18 3.21 30.50 30.68
C GLY C 18 4.17 30.07 29.59
N ALA C 19 5.02 29.09 29.87
CA ALA C 19 5.98 28.65 28.86
C ALA C 19 5.25 28.26 27.58
N GLN C 20 5.86 28.63 26.46
CA GLN C 20 5.28 28.31 25.16
C GLN C 20 6.25 27.56 24.28
N LEU C 21 7.48 27.40 24.76
CA LEU C 21 8.49 26.68 24.01
C LEU C 21 9.08 25.56 24.88
N ALA C 22 9.41 24.44 24.25
CA ALA C 22 9.98 23.29 24.95
C ALA C 22 11.14 22.66 24.19
N ILE C 23 12.21 22.34 24.91
CA ILE C 23 13.37 21.67 24.35
C ILE C 23 13.13 20.21 24.71
N VAL C 24 13.11 19.33 23.72
CA VAL C 24 12.83 17.93 24.04
C VAL C 24 13.94 16.91 23.71
N PRO C 25 14.79 16.59 24.69
CA PRO C 25 15.85 15.61 24.44
C PRO C 25 15.21 14.24 24.59
N GLY C 26 15.92 13.18 24.20
CA GLY C 26 15.34 11.86 24.31
C GLY C 26 15.59 11.23 25.66
N ASP C 27 16.77 11.51 26.24
CA ASP C 27 17.16 10.96 27.52
C ASP C 27 16.76 11.83 28.72
N PRO C 28 15.97 11.27 29.65
CA PRO C 28 15.54 12.03 30.83
C PRO C 28 16.69 12.53 31.70
N GLU C 29 17.85 11.88 31.58
CA GLU C 29 19.03 12.24 32.34
C GLU C 29 19.74 13.45 31.74
N ARG C 30 19.30 13.85 30.54
CA ARG C 30 19.88 14.99 29.86
C ARG C 30 19.02 16.25 30.11
N VAL C 31 17.85 16.06 30.69
CA VAL C 31 16.93 17.16 30.97
C VAL C 31 17.49 18.23 31.88
N GLU C 32 17.93 17.81 33.06
CA GLU C 32 18.49 18.74 34.03
C GLU C 32 19.73 19.48 33.51
N LYS C 33 20.56 18.77 32.74
CA LYS C 33 21.76 19.38 32.18
C LYS C 33 21.44 20.55 31.24
N ILE C 34 20.37 20.42 30.48
CA ILE C 34 19.96 21.48 29.54
C ILE C 34 19.33 22.64 30.28
N ALA C 35 18.54 22.31 31.30
CA ALA C 35 17.85 23.32 32.09
C ALA C 35 18.87 24.14 32.90
N ALA C 36 19.91 23.47 33.40
CA ALA C 36 20.94 24.13 34.18
C ALA C 36 21.69 25.16 33.35
N LEU C 37 21.48 25.15 32.04
CA LEU C 37 22.16 26.11 31.19
C LEU C 37 21.40 27.42 31.11
N MET C 38 20.19 27.45 31.65
CA MET C 38 19.36 28.63 31.63
C MET C 38 19.11 29.12 33.05
N ASP C 39 18.36 30.21 33.17
CA ASP C 39 18.08 30.78 34.49
C ASP C 39 16.98 30.06 35.24
N LYS C 40 17.05 30.14 36.57
CA LYS C 40 16.06 29.54 37.46
C LYS C 40 15.61 28.13 37.11
N PRO C 41 16.54 27.18 36.94
CA PRO C 41 16.08 25.82 36.61
C PRO C 41 15.35 25.22 37.80
N VAL C 42 14.20 24.60 37.55
CA VAL C 42 13.39 23.99 38.60
C VAL C 42 12.81 22.68 38.10
N LYS C 43 13.02 21.58 38.83
CA LYS C 43 12.48 20.30 38.42
C LYS C 43 10.96 20.30 38.62
N LEU C 44 10.24 19.81 37.63
CA LEU C 44 8.78 19.77 37.71
C LEU C 44 8.23 18.38 38.03
N ALA C 45 8.70 17.36 37.32
CA ALA C 45 8.21 16.01 37.55
C ALA C 45 9.01 14.94 36.82
N SER C 46 8.73 13.69 37.18
CA SER C 46 9.42 12.57 36.58
C SER C 46 8.51 11.35 36.64
N HIS C 47 8.00 10.92 35.49
CA HIS C 47 7.14 9.75 35.42
C HIS C 47 7.56 8.96 34.19
N ARG C 48 7.80 7.67 34.37
CA ARG C 48 8.25 6.80 33.26
C ARG C 48 9.49 7.44 32.64
N GLU C 49 9.50 7.58 31.31
CA GLU C 49 10.64 8.17 30.61
C GLU C 49 10.51 9.69 30.46
N PHE C 50 9.51 10.26 31.12
CA PHE C 50 9.27 11.68 31.04
C PHE C 50 9.72 12.46 32.26
N THR C 51 10.83 13.17 32.10
CA THR C 51 11.38 14.01 33.15
C THR C 51 11.32 15.44 32.63
N SER C 52 10.58 16.29 33.35
CA SER C 52 10.40 17.69 32.96
C SER C 52 10.91 18.71 33.97
N TRP C 53 11.52 19.76 33.43
CA TRP C 53 12.07 20.85 34.22
C TRP C 53 11.61 22.15 33.62
N ARG C 54 11.58 23.21 34.44
CA ARG C 54 11.22 24.54 33.93
C ARG C 54 12.43 25.44 34.16
N ALA C 55 12.68 26.34 33.23
CA ALA C 55 13.78 27.28 33.36
C ALA C 55 13.33 28.59 32.75
N GLU C 56 14.20 29.59 32.81
CA GLU C 56 13.87 30.88 32.25
C GLU C 56 14.93 31.34 31.26
N LEU C 57 14.48 31.94 30.17
CA LEU C 57 15.38 32.43 29.15
C LEU C 57 14.93 33.85 28.81
N ASP C 58 15.80 34.82 29.12
CA ASP C 58 15.50 36.22 28.87
C ASP C 58 14.13 36.54 29.47
N GLY C 59 13.95 36.17 30.73
CA GLY C 59 12.72 36.44 31.45
C GLY C 59 11.49 35.64 31.05
N LYS C 60 11.66 34.71 30.12
CA LYS C 60 10.55 33.90 29.66
C LYS C 60 10.68 32.44 30.04
N ALA C 61 9.60 31.88 30.53
CA ALA C 61 9.58 30.48 30.94
C ALA C 61 9.72 29.54 29.76
N VAL C 62 10.60 28.55 29.92
CA VAL C 62 10.82 27.54 28.90
C VAL C 62 10.81 26.19 29.59
N ILE C 63 10.39 25.16 28.85
CA ILE C 63 10.31 23.81 29.37
C ILE C 63 11.35 22.90 28.70
N VAL C 64 11.83 21.93 29.46
CA VAL C 64 12.76 20.92 28.97
C VAL C 64 12.10 19.62 29.44
N CYS C 65 11.76 18.75 28.49
CA CYS C 65 11.09 17.51 28.83
C CYS C 65 11.59 16.39 27.94
N SER C 66 11.97 15.28 28.54
CA SER C 66 12.46 14.15 27.78
C SER C 66 11.29 13.49 27.08
N THR C 67 11.60 12.81 25.99
CA THR C 67 10.59 12.16 25.18
C THR C 67 10.67 10.65 25.26
N GLY C 68 11.84 10.16 25.66
CA GLY C 68 12.10 8.73 25.71
C GLY C 68 12.53 8.35 24.30
N ILE C 69 12.79 7.07 24.05
CA ILE C 69 13.19 6.67 22.70
C ILE C 69 12.00 6.30 21.80
N GLY C 70 12.00 6.80 20.57
CA GLY C 70 10.93 6.47 19.65
C GLY C 70 9.76 7.44 19.47
N GLY C 71 9.13 7.32 18.32
CA GLY C 71 7.99 8.17 18.01
C GLY C 71 6.83 7.99 18.97
N PRO C 72 6.49 6.74 19.38
CA PRO C 72 5.38 6.53 20.31
C PRO C 72 5.47 7.35 21.61
N SER C 73 6.52 7.16 22.39
CA SER C 73 6.67 7.93 23.63
C SER C 73 6.80 9.42 23.28
N THR C 74 7.47 9.74 22.17
CA THR C 74 7.62 11.13 21.76
C THR C 74 6.27 11.80 21.51
N SER C 75 5.37 11.06 20.85
CA SER C 75 4.05 11.60 20.55
C SER C 75 3.25 11.96 21.80
N ILE C 76 3.45 11.19 22.85
CA ILE C 76 2.76 11.42 24.12
C ILE C 76 3.26 12.71 24.76
N ALA C 77 4.57 12.85 24.86
CA ALA C 77 5.16 14.06 25.44
C ALA C 77 4.74 15.31 24.67
N VAL C 78 4.83 15.27 23.34
CA VAL C 78 4.47 16.42 22.52
C VAL C 78 3.00 16.77 22.68
N GLU C 79 2.13 15.76 22.60
CA GLU C 79 0.69 15.96 22.74
C GLU C 79 0.29 16.61 24.06
N GLU C 80 0.79 16.05 25.17
CA GLU C 80 0.46 16.57 26.48
C GLU C 80 1.09 17.94 26.75
N LEU C 81 2.28 18.18 26.20
CA LEU C 81 2.91 19.49 26.35
C LEU C 81 2.07 20.50 25.58
N ALA C 82 1.59 20.10 24.40
CA ALA C 82 0.75 20.98 23.60
C ALA C 82 -0.54 21.31 24.36
N GLN C 83 -1.12 20.31 25.02
CA GLN C 83 -2.33 20.51 25.81
C GLN C 83 -2.06 21.54 26.93
N LEU C 84 -0.81 21.61 27.40
CA LEU C 84 -0.45 22.55 28.46
C LEU C 84 -0.12 23.96 27.93
N GLY C 85 0.00 24.09 26.62
CA GLY C 85 0.29 25.40 26.05
C GLY C 85 1.53 25.51 25.17
N ILE C 86 2.41 24.52 25.20
CA ILE C 86 3.62 24.56 24.36
C ILE C 86 3.21 24.58 22.88
N ARG C 87 3.81 25.49 22.11
CA ARG C 87 3.51 25.59 20.70
C ARG C 87 4.77 25.42 19.85
N THR C 88 5.94 25.50 20.49
CA THR C 88 7.21 25.35 19.80
C THR C 88 8.05 24.25 20.46
N PHE C 89 8.46 23.27 19.67
CA PHE C 89 9.25 22.15 20.15
C PHE C 89 10.58 22.08 19.44
N LEU C 90 11.66 22.00 20.21
CA LEU C 90 13.00 21.90 19.65
C LEU C 90 13.66 20.64 20.18
N ARG C 91 13.89 19.67 19.30
CA ARG C 91 14.54 18.44 19.70
C ARG C 91 16.05 18.57 19.54
N ILE C 92 16.76 18.13 20.57
CA ILE C 92 18.21 18.16 20.54
C ILE C 92 18.59 16.71 20.77
N GLY C 93 19.48 16.18 19.93
CA GLY C 93 19.87 14.80 20.10
C GLY C 93 21.29 14.46 19.71
N THR C 94 21.57 13.15 19.77
CA THR C 94 22.86 12.57 19.42
C THR C 94 22.54 11.73 18.19
N THR C 95 23.51 11.60 17.30
CA THR C 95 23.25 10.84 16.10
C THR C 95 24.48 10.28 15.40
N GLY C 96 24.22 9.37 14.48
CA GLY C 96 25.28 8.76 13.71
C GLY C 96 25.04 9.06 12.23
N ALA C 97 25.99 9.77 11.63
CA ALA C 97 25.93 10.14 10.22
C ALA C 97 26.14 8.93 9.32
N ILE C 98 25.73 9.03 8.07
CA ILE C 98 25.88 7.94 7.11
C ILE C 98 26.58 8.47 5.85
N GLN C 99 26.99 9.73 5.90
CA GLN C 99 27.71 10.35 4.79
C GLN C 99 29.19 10.36 5.16
N PRO C 100 30.08 9.94 4.24
CA PRO C 100 31.52 9.92 4.51
C PRO C 100 32.14 11.24 4.96
N HIS C 101 31.65 12.35 4.42
CA HIS C 101 32.18 13.67 4.76
C HIS C 101 31.70 14.26 6.10
N ILE C 102 30.73 13.64 6.75
CA ILE C 102 30.23 14.16 8.02
C ILE C 102 31.05 13.57 9.18
N ASN C 103 31.85 14.41 9.83
CA ASN C 103 32.70 13.96 10.93
C ASN C 103 32.07 14.02 12.32
N VAL C 104 32.67 13.29 13.25
CA VAL C 104 32.19 13.29 14.62
C VAL C 104 32.34 14.71 15.15
N GLY C 105 31.36 15.19 15.89
CA GLY C 105 31.44 16.55 16.42
C GLY C 105 30.72 17.56 15.55
N ASP C 106 30.36 17.15 14.34
CA ASP C 106 29.63 18.02 13.43
C ASP C 106 28.21 18.17 13.95
N VAL C 107 27.55 19.24 13.52
CA VAL C 107 26.17 19.49 13.93
C VAL C 107 25.26 19.31 12.72
N LEU C 108 24.17 18.57 12.90
CA LEU C 108 23.23 18.32 11.83
C LEU C 108 21.89 18.97 12.17
N VAL C 109 21.38 19.81 11.27
CA VAL C 109 20.07 20.46 11.47
C VAL C 109 19.16 19.85 10.40
N THR C 110 18.07 19.23 10.85
CA THR C 110 17.14 18.55 9.95
C THR C 110 16.06 19.42 9.31
N THR C 111 16.02 19.42 7.98
CA THR C 111 15.01 20.18 7.25
C THR C 111 13.71 19.38 7.15
N ALA C 112 13.86 18.06 7.00
CA ALA C 112 12.74 17.12 6.89
C ALA C 112 13.30 15.73 7.11
N SER C 113 12.42 14.78 7.40
CA SER C 113 12.86 13.41 7.67
C SER C 113 12.19 12.35 6.82
N VAL C 114 12.95 11.31 6.52
CA VAL C 114 12.45 10.16 5.77
C VAL C 114 11.63 9.44 6.84
N ARG C 115 10.36 9.22 6.56
CA ARG C 115 9.47 8.61 7.54
C ARG C 115 9.53 7.09 7.62
N LEU C 116 10.48 6.58 8.41
CA LEU C 116 10.65 5.14 8.58
C LEU C 116 10.08 4.70 9.93
N ASP C 117 9.06 5.44 10.38
CA ASP C 117 8.39 5.19 11.64
C ASP C 117 6.91 4.83 11.40
N GLY C 118 6.16 4.59 12.47
CA GLY C 118 4.75 4.29 12.31
C GLY C 118 3.87 5.38 12.90
N ALA C 119 4.35 6.04 13.95
CA ALA C 119 3.57 7.07 14.63
C ALA C 119 3.18 8.27 13.75
N SER C 120 4.08 8.70 12.87
CA SER C 120 3.82 9.83 11.99
C SER C 120 2.53 9.62 11.20
N LEU C 121 2.26 8.37 10.84
CA LEU C 121 1.07 8.00 10.07
C LEU C 121 -0.21 8.17 10.88
N HIS C 122 -0.07 8.32 12.19
CA HIS C 122 -1.22 8.48 13.07
C HIS C 122 -1.66 9.94 13.13
N PHE C 123 -0.94 10.78 12.39
CA PHE C 123 -1.23 12.21 12.32
C PHE C 123 -1.47 12.68 10.88
N ALA C 124 -0.85 12.01 9.92
CA ALA C 124 -0.99 12.37 8.52
C ALA C 124 -0.59 11.21 7.62
N PRO C 125 -1.20 11.10 6.42
CA PRO C 125 -0.85 10.00 5.51
C PRO C 125 0.62 10.15 5.05
N MET C 126 1.21 9.07 4.54
CA MET C 126 2.63 9.13 4.15
C MET C 126 2.98 10.24 3.16
N GLU C 127 2.02 10.66 2.33
CA GLU C 127 2.26 11.71 1.33
C GLU C 127 2.64 13.05 1.97
N PHE C 128 2.23 13.24 3.22
CA PHE C 128 2.53 14.47 3.94
C PHE C 128 3.99 14.45 4.37
N PRO C 129 4.71 15.56 4.14
CA PRO C 129 6.13 15.68 4.49
C PRO C 129 6.42 15.90 5.97
N ALA C 130 7.36 15.13 6.52
CA ALA C 130 7.77 15.29 7.91
C ALA C 130 8.79 16.45 7.85
N VAL C 131 8.29 17.66 7.63
CA VAL C 131 9.14 18.85 7.50
C VAL C 131 9.21 19.72 8.76
N ALA C 132 10.39 20.27 9.03
CA ALA C 132 10.58 21.13 10.20
C ALA C 132 10.02 22.52 9.94
N ASP C 133 9.81 23.28 11.00
CA ASP C 133 9.30 24.64 10.89
C ASP C 133 10.44 25.51 10.40
N PHE C 134 10.16 26.40 9.46
CA PHE C 134 11.19 27.28 8.91
C PHE C 134 11.90 28.15 9.95
N ALA C 135 11.12 28.78 10.83
CA ALA C 135 11.71 29.64 11.86
C ALA C 135 12.62 28.85 12.78
N CYS C 136 12.15 27.69 13.22
CA CYS C 136 12.96 26.85 14.10
C CYS C 136 14.26 26.45 13.44
N THR C 137 14.15 25.99 12.19
CA THR C 137 15.30 25.55 11.40
C THR C 137 16.26 26.72 11.22
N THR C 138 15.71 27.89 10.95
CA THR C 138 16.55 29.09 10.78
C THR C 138 17.26 29.41 12.09
N ALA C 139 16.52 29.39 13.20
CA ALA C 139 17.08 29.67 14.52
C ALA C 139 18.24 28.73 14.86
N LEU C 140 18.06 27.45 14.53
CA LEU C 140 19.09 26.43 14.79
C LEU C 140 20.33 26.63 13.91
N VAL C 141 20.12 26.89 12.63
CA VAL C 141 21.24 27.12 11.71
C VAL C 141 22.04 28.35 12.11
N GLU C 142 21.33 29.42 12.44
CA GLU C 142 21.98 30.65 12.86
C GLU C 142 22.69 30.51 14.21
N ALA C 143 22.17 29.67 15.09
CA ALA C 143 22.79 29.44 16.40
C ALA C 143 24.06 28.60 16.22
N ALA C 144 24.00 27.65 15.30
CA ALA C 144 25.16 26.79 15.03
C ALA C 144 26.29 27.65 14.48
N LYS C 145 25.93 28.58 13.60
CA LYS C 145 26.89 29.49 12.98
C LYS C 145 27.44 30.41 14.06
N SER C 146 26.54 30.87 14.92
CA SER C 146 26.89 31.76 16.03
C SER C 146 28.06 31.22 16.82
N ILE C 147 28.02 29.94 17.19
CA ILE C 147 29.10 29.34 17.96
C ILE C 147 30.17 28.76 17.02
N GLY C 148 30.04 29.05 15.73
CA GLY C 148 30.98 28.59 14.72
C GLY C 148 31.17 27.09 14.64
N ALA C 149 30.08 26.33 14.51
CA ALA C 149 30.17 24.88 14.42
C ALA C 149 30.03 24.40 12.98
N THR C 150 30.74 23.33 12.65
CA THR C 150 30.64 22.76 11.31
C THR C 150 29.23 22.18 11.24
N THR C 151 28.38 22.80 10.43
CA THR C 151 26.99 22.39 10.32
C THR C 151 26.56 21.89 8.96
N HIS C 152 25.71 20.87 9.00
CA HIS C 152 25.15 20.28 7.80
C HIS C 152 23.65 20.39 7.97
N VAL C 153 22.98 20.90 6.94
CA VAL C 153 21.55 21.07 6.95
C VAL C 153 20.95 20.19 5.87
N GLY C 154 20.07 19.26 6.26
CA GLY C 154 19.49 18.38 5.26
C GLY C 154 18.47 17.39 5.78
N VAL C 155 18.33 16.30 5.05
CA VAL C 155 17.36 15.25 5.36
C VAL C 155 17.86 14.16 6.29
N THR C 156 16.99 13.73 7.19
CA THR C 156 17.33 12.69 8.15
C THR C 156 16.38 11.51 8.05
N ALA C 157 16.91 10.29 8.13
CA ALA C 157 16.07 9.09 8.10
C ALA C 157 15.72 8.80 9.55
N SER C 158 14.41 8.80 9.84
CA SER C 158 13.92 8.56 11.19
C SER C 158 13.28 7.17 11.26
N SER C 159 14.01 6.26 11.89
CA SER C 159 13.62 4.86 12.02
C SER C 159 13.02 4.42 13.36
N ASP C 160 12.01 3.56 13.27
CA ASP C 160 11.33 3.01 14.45
C ASP C 160 12.22 2.01 15.16
N THR C 161 13.33 1.64 14.53
CA THR C 161 14.28 0.70 15.13
C THR C 161 15.71 1.20 15.07
N PHE C 162 16.50 0.74 16.03
CA PHE C 162 17.90 1.12 16.09
C PHE C 162 18.71 0.12 15.28
N TYR C 163 18.22 -1.11 15.16
CA TYR C 163 18.97 -2.11 14.43
C TYR C 163 18.53 -2.38 12.98
N PRO C 164 17.49 -3.21 12.75
CA PRO C 164 17.09 -3.45 11.35
C PRO C 164 16.77 -2.21 10.52
N GLY C 165 15.99 -1.28 11.08
CA GLY C 165 15.64 -0.07 10.36
C GLY C 165 16.84 0.79 9.95
N GLN C 166 17.96 0.64 10.65
CA GLN C 166 19.17 1.40 10.34
C GLN C 166 20.18 0.46 9.68
N GLU C 167 19.66 -0.65 9.19
CA GLU C 167 20.40 -1.74 8.53
C GLU C 167 21.65 -2.20 9.26
N ARG C 168 21.46 -2.57 10.52
CA ARG C 168 22.55 -3.09 11.34
C ARG C 168 22.43 -4.61 11.29
N TYR C 169 23.53 -5.29 10.95
CA TYR C 169 23.52 -6.75 10.86
C TYR C 169 24.14 -7.45 12.05
N ASP C 170 24.90 -6.73 12.87
CA ASP C 170 25.54 -7.33 14.04
C ASP C 170 24.51 -7.45 15.15
N THR C 171 23.50 -8.27 14.90
CA THR C 171 22.40 -8.48 15.82
C THR C 171 22.24 -9.95 16.18
N TYR C 172 21.28 -10.23 17.05
CA TYR C 172 21.02 -11.60 17.46
C TYR C 172 20.73 -12.49 16.25
N SER C 173 19.85 -12.03 15.38
CA SER C 173 19.49 -12.81 14.19
C SER C 173 20.39 -12.52 13.01
N GLY C 174 20.97 -11.32 12.98
CA GLY C 174 21.84 -10.93 11.89
C GLY C 174 21.07 -10.78 10.58
N ARG C 175 19.75 -10.87 10.69
CA ARG C 175 18.85 -10.76 9.55
C ARG C 175 18.27 -9.37 9.42
N VAL C 176 18.08 -8.94 8.18
CA VAL C 176 17.46 -7.64 7.94
C VAL C 176 16.39 -7.91 6.88
N VAL C 177 15.14 -7.61 7.23
CA VAL C 177 14.00 -7.81 6.34
C VAL C 177 14.15 -7.08 5.00
N ARG C 178 13.66 -7.71 3.95
CA ARG C 178 13.74 -7.20 2.59
C ARG C 178 13.64 -5.68 2.46
N ARG C 179 12.59 -5.11 3.03
CA ARG C 179 12.36 -3.67 2.98
C ARG C 179 13.59 -2.84 3.31
N PHE C 180 14.37 -3.29 4.30
CA PHE C 180 15.55 -2.53 4.69
C PHE C 180 16.87 -3.06 4.19
N LYS C 181 16.84 -4.21 3.53
CA LYS C 181 18.07 -4.78 3.01
C LYS C 181 18.54 -3.83 1.90
N GLY C 182 19.76 -3.30 2.04
CA GLY C 182 20.30 -2.38 1.07
C GLY C 182 19.82 -0.94 1.20
N SER C 183 19.00 -0.67 2.21
CA SER C 183 18.46 0.67 2.39
C SER C 183 19.45 1.78 2.72
N MET C 184 20.44 1.51 3.57
CA MET C 184 21.39 2.57 3.93
C MET C 184 22.14 3.17 2.74
N GLU C 185 22.56 2.30 1.82
CA GLU C 185 23.27 2.75 0.61
C GLU C 185 22.30 3.62 -0.21
N GLU C 186 21.02 3.21 -0.22
CA GLU C 186 19.97 3.94 -0.94
C GLU C 186 19.86 5.34 -0.37
N TRP C 187 19.70 5.42 0.96
CA TRP C 187 19.58 6.70 1.64
C TRP C 187 20.83 7.56 1.37
N GLN C 188 22.01 6.93 1.44
CA GLN C 188 23.26 7.65 1.20
C GLN C 188 23.27 8.31 -0.16
N ALA C 189 22.88 7.56 -1.18
CA ALA C 189 22.85 8.09 -2.54
C ALA C 189 21.81 9.21 -2.67
N MET C 190 20.83 9.25 -1.78
CA MET C 190 19.78 10.27 -1.80
C MET C 190 20.13 11.51 -0.98
N GLY C 191 21.38 11.56 -0.50
CA GLY C 191 21.84 12.69 0.27
C GLY C 191 21.42 12.71 1.73
N VAL C 192 20.83 11.60 2.21
CA VAL C 192 20.40 11.56 3.60
C VAL C 192 21.65 11.68 4.50
N MET C 193 21.56 12.54 5.51
CA MET C 193 22.69 12.76 6.39
C MET C 193 22.90 11.72 7.46
N ASN C 194 21.84 11.40 8.20
CA ASN C 194 21.98 10.49 9.31
C ASN C 194 20.73 9.71 9.62
N TYR C 195 20.84 8.90 10.67
CA TYR C 195 19.75 8.10 11.19
C TYR C 195 19.47 8.54 12.64
N GLU C 196 18.19 8.58 13.00
CA GLU C 196 17.77 8.88 14.35
C GLU C 196 16.39 8.23 14.48
N MET C 197 15.75 8.31 15.66
CA MET C 197 14.47 7.64 15.86
C MET C 197 13.26 8.42 16.35
N GLU C 198 13.30 9.75 16.29
CA GLU C 198 12.15 10.55 16.77
C GLU C 198 11.62 11.66 15.84
N SER C 199 12.48 12.23 15.01
CA SER C 199 12.08 13.33 14.12
C SER C 199 10.89 13.12 13.19
N ALA C 200 10.76 11.95 12.57
CA ALA C 200 9.64 11.72 11.66
C ALA C 200 8.31 11.95 12.38
N THR C 201 8.17 11.37 13.58
CA THR C 201 6.97 11.55 14.36
C THR C 201 6.84 13.00 14.82
N LEU C 202 7.88 13.52 15.47
CA LEU C 202 7.85 14.90 15.94
C LEU C 202 7.44 15.89 14.87
N LEU C 203 8.24 15.95 13.80
CA LEU C 203 8.01 16.86 12.69
C LEU C 203 6.64 16.71 12.02
N THR C 204 6.17 15.48 11.83
CA THR C 204 4.86 15.26 11.21
C THR C 204 3.68 15.69 12.10
N MET C 205 3.66 15.26 13.35
CA MET C 205 2.56 15.62 14.24
C MET C 205 2.53 17.12 14.51
N CYS C 206 3.68 17.79 14.46
CA CYS C 206 3.76 19.24 14.68
C CYS C 206 3.31 20.06 13.45
N ALA C 207 3.87 19.72 12.30
CA ALA C 207 3.55 20.42 11.07
C ALA C 207 2.10 20.18 10.65
N SER C 208 1.50 19.10 11.12
CA SER C 208 0.12 18.80 10.75
C SER C 208 -0.92 19.35 11.74
N GLN C 209 -0.45 19.95 12.83
CA GLN C 209 -1.35 20.49 13.85
C GLN C 209 -1.05 21.93 14.25
N GLY C 210 -0.37 22.66 13.36
CA GLY C 210 -0.05 24.04 13.65
C GLY C 210 0.98 24.25 14.75
N LEU C 211 1.84 23.28 14.98
CA LEU C 211 2.86 23.40 16.00
C LEU C 211 4.23 23.53 15.33
N ARG C 212 5.09 24.37 15.88
CA ARG C 212 6.41 24.58 15.29
C ARG C 212 7.41 23.61 15.92
N ALA C 213 8.22 22.98 15.08
CA ALA C 213 9.22 22.04 15.59
C ALA C 213 10.51 22.10 14.79
N GLY C 214 11.62 21.94 15.50
CA GLY C 214 12.93 21.97 14.87
C GLY C 214 13.71 20.79 15.41
N MET C 215 14.83 20.48 14.77
CA MET C 215 15.65 19.36 15.21
C MET C 215 17.12 19.61 14.96
N VAL C 216 17.93 19.45 16.01
CA VAL C 216 19.38 19.61 15.91
C VAL C 216 20.02 18.41 16.59
N ALA C 217 21.14 17.92 16.06
CA ALA C 217 21.83 16.79 16.65
C ALA C 217 23.35 16.81 16.44
N GLY C 218 24.08 16.34 17.45
CA GLY C 218 25.53 16.28 17.37
C GLY C 218 25.97 14.91 16.92
N VAL C 219 26.93 14.86 16.00
CA VAL C 219 27.41 13.58 15.47
C VAL C 219 28.38 12.90 16.45
N ILE C 220 27.98 11.74 16.94
CA ILE C 220 28.81 10.99 17.88
C ILE C 220 29.64 9.95 17.16
N VAL C 221 29.03 9.32 16.14
CA VAL C 221 29.68 8.29 15.36
C VAL C 221 29.31 8.38 13.87
N ASN C 222 30.12 7.77 13.03
CA ASN C 222 29.88 7.74 11.59
C ASN C 222 29.95 6.28 11.09
N ARG C 223 28.85 5.78 10.54
CA ARG C 223 28.81 4.40 10.04
C ARG C 223 29.93 4.20 8.99
N THR C 224 30.00 5.13 8.05
CA THR C 224 30.99 5.09 6.98
C THR C 224 32.45 5.10 7.44
N MET C 234 31.36 12.45 22.46
CA MET C 234 30.12 13.13 22.80
C MET C 234 30.31 14.41 23.61
N LYS C 235 30.74 14.26 24.86
CA LYS C 235 30.93 15.38 25.78
C LYS C 235 31.01 16.78 25.15
N GLN C 236 32.07 17.06 24.39
CA GLN C 236 32.24 18.36 23.76
C GLN C 236 31.22 18.61 22.64
N THR C 237 30.92 17.57 21.87
CA THR C 237 29.96 17.66 20.77
C THR C 237 28.54 17.89 21.29
N GLU C 238 28.10 17.03 22.22
CA GLU C 238 26.76 17.16 22.79
C GLU C 238 26.68 18.54 23.43
N SER C 239 27.79 18.98 24.00
CA SER C 239 27.86 20.30 24.60
C SER C 239 27.48 21.32 23.52
N HIS C 240 28.09 21.19 22.35
CA HIS C 240 27.79 22.09 21.23
C HIS C 240 26.31 22.10 20.88
N ALA C 241 25.74 20.92 20.61
CA ALA C 241 24.33 20.77 20.24
C ALA C 241 23.43 21.44 21.28
N VAL C 242 23.70 21.15 22.55
CA VAL C 242 22.95 21.71 23.67
C VAL C 242 23.03 23.23 23.70
N LYS C 243 24.22 23.77 23.48
CA LYS C 243 24.39 25.23 23.47
C LYS C 243 23.58 25.80 22.32
N ILE C 244 23.65 25.13 21.18
CA ILE C 244 22.94 25.53 19.96
C ILE C 244 21.42 25.52 20.14
N VAL C 245 20.87 24.45 20.72
CA VAL C 245 19.43 24.40 20.91
C VAL C 245 18.96 25.49 21.90
N VAL C 246 19.78 25.77 22.91
CA VAL C 246 19.43 26.79 23.90
C VAL C 246 19.49 28.19 23.26
N GLU C 247 20.49 28.43 22.43
CA GLU C 247 20.60 29.71 21.74
C GLU C 247 19.50 29.87 20.70
N ALA C 248 19.14 28.77 20.03
CA ALA C 248 18.08 28.82 19.03
C ALA C 248 16.77 29.18 19.74
N ALA C 249 16.51 28.49 20.85
CA ALA C 249 15.31 28.70 21.65
C ALA C 249 15.17 30.16 22.05
N ARG C 250 16.31 30.76 22.37
CA ARG C 250 16.36 32.15 22.78
C ARG C 250 15.80 33.04 21.67
N ARG C 251 16.03 32.63 20.42
CA ARG C 251 15.55 33.42 19.28
C ARG C 251 14.12 33.10 18.88
N LEU C 252 13.48 32.17 19.60
CA LEU C 252 12.12 31.77 19.27
C LEU C 252 11.09 32.10 20.34
N LEU C 253 11.52 32.80 21.40
CA LEU C 253 10.63 33.18 22.49
C LEU C 253 9.75 34.35 22.11
N LYS D 3 -35.22 -27.60 0.33
CA LYS D 3 -33.97 -27.69 -0.48
C LYS D 3 -32.75 -27.17 0.29
N SER D 4 -32.62 -25.86 0.47
CA SER D 4 -31.48 -25.29 1.17
C SER D 4 -31.66 -23.87 1.66
N ASP D 5 -31.21 -23.62 2.89
CA ASP D 5 -31.29 -22.31 3.52
C ASP D 5 -30.11 -21.45 3.13
N VAL D 6 -29.17 -22.01 2.36
CA VAL D 6 -27.98 -21.29 1.92
C VAL D 6 -27.76 -21.32 0.40
N PHE D 7 -27.04 -20.34 -0.13
CA PHE D 7 -26.81 -20.24 -1.57
C PHE D 7 -26.03 -21.36 -2.26
N HIS D 8 -24.92 -21.81 -1.66
CA HIS D 8 -24.09 -22.83 -2.28
C HIS D 8 -24.11 -24.27 -1.71
N LEU D 9 -23.91 -24.39 -0.40
CA LEU D 9 -23.85 -25.70 0.26
C LEU D 9 -25.02 -26.64 0.02
N GLY D 10 -26.21 -26.10 -0.22
CA GLY D 10 -27.37 -26.95 -0.45
C GLY D 10 -27.80 -27.64 0.83
N LEU D 11 -27.68 -26.93 1.95
CA LEU D 11 -28.06 -27.48 3.26
C LEU D 11 -29.13 -26.63 3.93
N THR D 12 -29.94 -27.27 4.77
CA THR D 12 -30.96 -26.57 5.52
C THR D 12 -30.52 -26.61 6.98
N LYS D 13 -31.01 -25.67 7.79
CA LYS D 13 -30.60 -25.64 9.18
C LYS D 13 -31.00 -26.95 9.87
N ASN D 14 -32.13 -27.52 9.47
CA ASN D 14 -32.61 -28.76 10.07
C ASN D 14 -31.64 -29.92 9.78
N ASP D 15 -30.91 -29.81 8.67
CA ASP D 15 -29.92 -30.81 8.26
C ASP D 15 -28.79 -30.99 9.28
N LEU D 16 -28.43 -29.92 9.97
CA LEU D 16 -27.34 -29.97 10.95
C LEU D 16 -27.72 -30.63 12.28
N GLN D 17 -29.01 -30.80 12.51
CA GLN D 17 -29.49 -31.42 13.74
C GLN D 17 -28.83 -30.81 14.98
N GLY D 18 -28.67 -29.49 14.97
CA GLY D 18 -28.08 -28.81 16.10
C GLY D 18 -26.57 -28.72 16.11
N ALA D 19 -25.90 -29.24 15.08
CA ALA D 19 -24.43 -29.21 15.02
C ALA D 19 -23.91 -27.78 15.17
N GLN D 20 -22.89 -27.60 16.01
CA GLN D 20 -22.28 -26.30 16.23
C GLN D 20 -20.78 -26.29 15.92
N LEU D 21 -20.26 -27.45 15.53
CA LEU D 21 -18.86 -27.56 15.20
C LEU D 21 -18.74 -28.26 13.85
N ALA D 22 -17.81 -27.79 13.03
CA ALA D 22 -17.59 -28.40 11.73
C ALA D 22 -16.11 -28.66 11.48
N ILE D 23 -15.81 -29.83 10.97
CA ILE D 23 -14.47 -30.21 10.54
C ILE D 23 -14.49 -29.88 9.05
N VAL D 24 -13.54 -29.07 8.59
CA VAL D 24 -13.51 -28.66 7.17
C VAL D 24 -12.26 -29.01 6.38
N PRO D 25 -12.26 -30.19 5.73
CA PRO D 25 -11.11 -30.58 4.92
C PRO D 25 -11.22 -29.85 3.59
N GLY D 26 -10.17 -29.86 2.79
CA GLY D 26 -10.24 -29.17 1.52
C GLY D 26 -10.84 -30.00 0.40
N ASP D 27 -10.49 -31.28 0.40
CA ASP D 27 -10.93 -32.23 -0.62
C ASP D 27 -12.28 -32.89 -0.27
N PRO D 28 -13.30 -32.67 -1.11
CA PRO D 28 -14.63 -33.23 -0.89
C PRO D 28 -14.61 -34.76 -0.81
N GLU D 29 -13.55 -35.36 -1.32
CA GLU D 29 -13.37 -36.80 -1.32
C GLU D 29 -12.93 -37.33 0.04
N ARG D 30 -12.51 -36.44 0.93
CA ARG D 30 -12.08 -36.86 2.25
C ARG D 30 -13.19 -36.71 3.29
N VAL D 31 -14.28 -36.03 2.92
CA VAL D 31 -15.41 -35.80 3.84
C VAL D 31 -15.98 -37.12 4.37
N GLU D 32 -16.33 -38.04 3.46
CA GLU D 32 -16.89 -39.32 3.86
C GLU D 32 -15.91 -40.10 4.75
N LYS D 33 -14.65 -40.12 4.37
CA LYS D 33 -13.63 -40.83 5.14
C LYS D 33 -13.49 -40.28 6.57
N ILE D 34 -13.53 -38.96 6.71
CA ILE D 34 -13.42 -38.34 8.03
C ILE D 34 -14.66 -38.64 8.85
N ALA D 35 -15.82 -38.51 8.21
CA ALA D 35 -17.09 -38.74 8.88
C ALA D 35 -17.20 -40.20 9.34
N ALA D 36 -16.63 -41.11 8.55
CA ALA D 36 -16.65 -42.52 8.86
C ALA D 36 -15.97 -42.84 10.18
N LEU D 37 -15.18 -41.90 10.69
CA LEU D 37 -14.48 -42.10 11.96
C LEU D 37 -15.35 -41.75 13.16
N MET D 38 -16.58 -41.33 12.90
CA MET D 38 -17.48 -40.95 13.98
C MET D 38 -18.76 -41.78 13.92
N ASP D 39 -19.71 -41.51 14.81
CA ASP D 39 -20.94 -42.30 14.83
C ASP D 39 -22.08 -41.72 13.97
N LYS D 40 -22.92 -42.61 13.46
CA LYS D 40 -24.07 -42.24 12.66
C LYS D 40 -23.76 -41.29 11.50
N PRO D 41 -22.73 -41.59 10.69
CA PRO D 41 -22.40 -40.73 9.57
C PRO D 41 -23.46 -40.79 8.47
N VAL D 42 -24.00 -39.62 8.10
CA VAL D 42 -25.02 -39.52 7.07
C VAL D 42 -24.64 -38.47 6.04
N LYS D 43 -24.69 -38.83 4.77
CA LYS D 43 -24.37 -37.90 3.71
C LYS D 43 -25.48 -36.84 3.63
N LEU D 44 -25.08 -35.58 3.53
CA LEU D 44 -26.05 -34.49 3.47
C LEU D 44 -26.24 -33.93 2.06
N ALA D 45 -25.15 -33.40 1.49
CA ALA D 45 -25.24 -32.81 0.15
C ALA D 45 -23.91 -32.82 -0.58
N SER D 46 -23.98 -32.45 -1.85
CA SER D 46 -22.81 -32.38 -2.70
C SER D 46 -23.07 -31.42 -3.86
N HIS D 47 -22.51 -30.22 -3.76
CA HIS D 47 -22.65 -29.19 -4.80
C HIS D 47 -21.29 -28.55 -4.98
N ARG D 48 -20.82 -28.49 -6.21
CA ARG D 48 -19.49 -27.93 -6.47
C ARG D 48 -18.50 -28.72 -5.61
N GLU D 49 -17.48 -28.05 -5.06
CA GLU D 49 -16.49 -28.74 -4.25
C GLU D 49 -16.93 -28.75 -2.78
N PHE D 50 -18.23 -28.54 -2.54
CA PHE D 50 -18.77 -28.53 -1.19
C PHE D 50 -19.54 -29.80 -0.86
N THR D 51 -18.83 -30.83 -0.44
CA THR D 51 -19.47 -32.09 -0.07
C THR D 51 -19.55 -32.12 1.44
N SER D 52 -20.74 -32.34 1.97
CA SER D 52 -20.92 -32.36 3.41
C SER D 52 -21.63 -33.60 3.95
N TRP D 53 -21.18 -34.03 5.13
CA TRP D 53 -21.73 -35.17 5.81
C TRP D 53 -22.04 -34.74 7.23
N ARG D 54 -22.97 -35.42 7.87
CA ARG D 54 -23.26 -35.11 9.27
C ARG D 54 -22.85 -36.35 10.04
N ALA D 55 -22.41 -36.18 11.28
CA ALA D 55 -21.99 -37.30 12.10
C ALA D 55 -22.26 -37.00 13.56
N GLU D 56 -22.03 -37.99 14.41
CA GLU D 56 -22.25 -37.83 15.83
C GLU D 56 -20.98 -38.16 16.60
N LEU D 57 -20.68 -37.35 17.61
CA LEU D 57 -19.50 -37.56 18.42
C LEU D 57 -19.91 -37.32 19.86
N ASP D 58 -19.81 -38.36 20.69
CA ASP D 58 -20.20 -38.27 22.09
C ASP D 58 -21.64 -37.79 22.19
N GLY D 59 -22.44 -38.25 21.24
CA GLY D 59 -23.86 -37.93 21.22
C GLY D 59 -24.22 -36.56 20.71
N LYS D 60 -23.25 -35.85 20.13
CA LYS D 60 -23.50 -34.53 19.60
C LYS D 60 -23.27 -34.48 18.10
N ALA D 61 -24.13 -33.76 17.39
CA ALA D 61 -24.04 -33.62 15.94
C ALA D 61 -22.81 -32.83 15.55
N VAL D 62 -22.10 -33.33 14.54
CA VAL D 62 -20.90 -32.69 14.03
C VAL D 62 -20.98 -32.66 12.49
N ILE D 63 -20.44 -31.62 11.88
CA ILE D 63 -20.48 -31.51 10.43
C ILE D 63 -19.11 -31.66 9.83
N VAL D 64 -19.04 -32.31 8.67
CA VAL D 64 -17.78 -32.46 7.96
C VAL D 64 -18.13 -31.90 6.59
N CYS D 65 -17.46 -30.81 6.23
CA CYS D 65 -17.73 -30.14 4.96
C CYS D 65 -16.45 -29.70 4.24
N SER D 66 -16.30 -30.12 2.99
CA SER D 66 -15.14 -29.72 2.22
C SER D 66 -15.24 -28.24 1.86
N THR D 67 -14.08 -27.59 1.73
CA THR D 67 -14.01 -26.17 1.43
C THR D 67 -13.55 -25.90 0.01
N GLY D 68 -12.94 -26.90 -0.60
CA GLY D 68 -12.40 -26.67 -1.93
C GLY D 68 -11.05 -26.02 -1.67
N ILE D 69 -10.35 -25.66 -2.75
CA ILE D 69 -9.03 -25.04 -2.65
C ILE D 69 -9.08 -23.51 -2.64
N GLY D 70 -8.43 -22.91 -1.63
CA GLY D 70 -8.37 -21.46 -1.55
C GLY D 70 -9.35 -20.75 -0.65
N GLY D 71 -8.94 -19.57 -0.17
CA GLY D 71 -9.78 -18.76 0.70
C GLY D 71 -11.13 -18.40 0.11
N PRO D 72 -11.23 -18.06 -1.20
CA PRO D 72 -12.55 -17.72 -1.75
C PRO D 72 -13.61 -18.80 -1.53
N SER D 73 -13.28 -20.03 -1.91
CA SER D 73 -14.15 -21.19 -1.78
C SER D 73 -14.38 -21.43 -0.27
N THR D 74 -13.30 -21.36 0.51
CA THR D 74 -13.39 -21.54 1.95
C THR D 74 -14.31 -20.49 2.60
N SER D 75 -14.17 -19.23 2.19
CA SER D 75 -14.99 -18.16 2.75
C SER D 75 -16.48 -18.41 2.60
N ILE D 76 -16.87 -19.02 1.49
CA ILE D 76 -18.27 -19.33 1.23
C ILE D 76 -18.74 -20.45 2.16
N ALA D 77 -17.95 -21.51 2.26
CA ALA D 77 -18.30 -22.65 3.11
C ALA D 77 -18.45 -22.20 4.56
N VAL D 78 -17.46 -21.48 5.07
CA VAL D 78 -17.49 -20.99 6.44
C VAL D 78 -18.69 -20.08 6.72
N GLU D 79 -18.90 -19.10 5.85
CA GLU D 79 -20.01 -18.17 6.01
C GLU D 79 -21.36 -18.88 6.05
N GLU D 80 -21.62 -19.72 5.06
CA GLU D 80 -22.89 -20.43 5.00
C GLU D 80 -23.07 -21.44 6.14
N LEU D 81 -21.99 -22.05 6.58
CA LEU D 81 -22.07 -22.98 7.71
C LEU D 81 -22.39 -22.18 8.98
N ALA D 82 -21.84 -20.98 9.07
CA ALA D 82 -22.08 -20.09 10.22
C ALA D 82 -23.54 -19.65 10.22
N GLN D 83 -24.07 -19.42 9.03
CA GLN D 83 -25.48 -19.02 8.87
C GLN D 83 -26.38 -20.14 9.36
N LEU D 84 -25.90 -21.38 9.26
CA LEU D 84 -26.67 -22.53 9.70
C LEU D 84 -26.41 -22.91 11.15
N GLY D 85 -25.57 -22.13 11.84
CA GLY D 85 -25.29 -22.41 13.24
C GLY D 85 -23.91 -22.86 13.70
N ILE D 86 -23.01 -23.21 12.78
CA ILE D 86 -21.68 -23.64 13.18
C ILE D 86 -20.93 -22.46 13.78
N ARG D 87 -20.30 -22.68 14.93
CA ARG D 87 -19.56 -21.63 15.63
C ARG D 87 -18.08 -21.98 15.80
N THR D 88 -17.74 -23.24 15.55
CA THR D 88 -16.37 -23.69 15.67
C THR D 88 -15.96 -24.46 14.42
N PHE D 89 -14.85 -24.04 13.83
CA PHE D 89 -14.34 -24.68 12.63
C PHE D 89 -12.93 -25.23 12.84
N LEU D 90 -12.77 -26.51 12.55
CA LEU D 90 -11.46 -27.16 12.65
C LEU D 90 -11.04 -27.58 11.24
N ARG D 91 -9.98 -26.98 10.74
CA ARG D 91 -9.51 -27.35 9.41
C ARG D 91 -8.45 -28.42 9.53
N ILE D 92 -8.51 -29.39 8.62
CA ILE D 92 -7.55 -30.47 8.58
C ILE D 92 -7.06 -30.51 7.14
N GLY D 93 -5.74 -30.52 6.97
CA GLY D 93 -5.22 -30.55 5.62
C GLY D 93 -3.89 -31.23 5.43
N THR D 94 -3.38 -31.17 4.21
CA THR D 94 -2.07 -31.73 3.84
C THR D 94 -1.19 -30.50 3.71
N THR D 95 0.12 -30.67 3.79
CA THR D 95 0.99 -29.51 3.69
C THR D 95 2.43 -29.80 3.33
N GLY D 96 3.10 -28.77 2.85
CA GLY D 96 4.50 -28.87 2.49
C GLY D 96 5.32 -28.06 3.49
N ALA D 97 6.19 -28.74 4.23
CA ALA D 97 7.04 -28.09 5.21
C ALA D 97 8.19 -27.37 4.53
N ILE D 98 8.65 -26.28 5.14
CA ILE D 98 9.76 -25.51 4.58
C ILE D 98 10.92 -25.41 5.58
N GLN D 99 10.80 -26.17 6.66
CA GLN D 99 11.84 -26.22 7.69
C GLN D 99 12.48 -27.61 7.59
N PRO D 100 13.82 -27.66 7.49
CA PRO D 100 14.49 -28.95 7.40
C PRO D 100 14.27 -29.93 8.57
N HIS D 101 14.02 -29.42 9.77
CA HIS D 101 13.80 -30.31 10.91
C HIS D 101 12.39 -30.90 10.95
N ILE D 102 11.49 -30.42 10.09
CA ILE D 102 10.14 -30.96 10.06
C ILE D 102 10.15 -32.09 9.04
N ASN D 103 9.71 -33.27 9.47
CA ASN D 103 9.72 -34.45 8.61
C ASN D 103 8.38 -34.79 7.99
N VAL D 104 8.42 -35.50 6.87
CA VAL D 104 7.19 -35.93 6.23
C VAL D 104 6.54 -36.85 7.25
N GLY D 105 5.22 -36.74 7.39
CA GLY D 105 4.53 -37.56 8.36
C GLY D 105 4.34 -36.84 9.69
N ASP D 106 4.96 -35.66 9.83
CA ASP D 106 4.84 -34.87 11.06
C ASP D 106 3.51 -34.11 11.03
N VAL D 107 2.97 -33.78 12.21
CA VAL D 107 1.72 -33.06 12.31
C VAL D 107 2.01 -31.61 12.71
N LEU D 108 1.38 -30.67 12.02
CA LEU D 108 1.60 -29.25 12.31
C LEU D 108 0.34 -28.54 12.80
N VAL D 109 0.46 -27.82 13.91
CA VAL D 109 -0.65 -27.05 14.45
C VAL D 109 -0.29 -25.58 14.27
N THR D 110 -1.16 -24.85 13.57
CA THR D 110 -0.95 -23.44 13.26
C THR D 110 -1.53 -22.49 14.31
N THR D 111 -0.67 -21.60 14.82
CA THR D 111 -1.08 -20.62 15.80
C THR D 111 -1.63 -19.39 15.08
N ALA D 112 -1.01 -19.06 13.95
CA ALA D 112 -1.42 -17.92 13.12
C ALA D 112 -0.81 -18.10 11.73
N SER D 113 -1.31 -17.37 10.74
CA SER D 113 -0.78 -17.51 9.39
C SER D 113 -0.34 -16.22 8.73
N VAL D 114 0.66 -16.39 7.90
CA VAL D 114 1.14 -15.31 7.09
C VAL D 114 0.08 -15.14 6.02
N ARG D 115 -0.52 -13.95 5.95
CA ARG D 115 -1.60 -13.69 5.01
C ARG D 115 -1.15 -13.36 3.59
N LEU D 116 -0.88 -14.41 2.82
CA LEU D 116 -0.46 -14.25 1.42
C LEU D 116 -1.64 -14.55 0.51
N ASP D 117 -2.83 -14.20 0.99
CA ASP D 117 -4.08 -14.42 0.28
C ASP D 117 -4.79 -13.08 0.08
N GLY D 118 -5.97 -13.15 -0.54
CA GLY D 118 -6.75 -11.95 -0.79
C GLY D 118 -8.05 -11.90 -0.01
N ALA D 119 -8.67 -13.06 0.22
CA ALA D 119 -9.93 -13.14 0.93
C ALA D 119 -9.91 -12.59 2.36
N SER D 120 -8.81 -12.84 3.09
CA SER D 120 -8.70 -12.36 4.46
C SER D 120 -8.91 -10.85 4.52
N LEU D 121 -8.50 -10.16 3.46
CA LEU D 121 -8.64 -8.70 3.38
C LEU D 121 -10.10 -8.26 3.21
N HIS D 122 -10.98 -9.23 2.99
CA HIS D 122 -12.37 -8.88 2.84
C HIS D 122 -13.09 -8.92 4.18
N PHE D 123 -12.34 -9.28 5.23
CA PHE D 123 -12.88 -9.37 6.59
C PHE D 123 -12.12 -8.45 7.57
N ALA D 124 -10.83 -8.27 7.32
CA ALA D 124 -10.03 -7.42 8.18
C ALA D 124 -8.83 -6.86 7.45
N PRO D 125 -8.42 -5.62 7.77
CA PRO D 125 -7.25 -5.05 7.09
C PRO D 125 -6.03 -5.91 7.38
N MET D 126 -4.96 -5.74 6.60
CA MET D 126 -3.77 -6.55 6.78
C MET D 126 -3.10 -6.52 8.15
N GLU D 127 -3.31 -5.45 8.91
CA GLU D 127 -2.70 -5.33 10.23
C GLU D 127 -3.22 -6.37 11.19
N PHE D 128 -4.48 -6.76 10.98
CA PHE D 128 -5.17 -7.75 11.81
C PHE D 128 -4.51 -9.13 11.68
N PRO D 129 -4.28 -9.81 12.81
CA PRO D 129 -3.63 -11.12 12.76
C PRO D 129 -4.53 -12.29 12.35
N ALA D 130 -4.04 -13.14 11.46
CA ALA D 130 -4.80 -14.32 11.06
C ALA D 130 -4.49 -15.34 12.16
N VAL D 131 -4.97 -15.05 13.36
CA VAL D 131 -4.72 -15.90 14.52
C VAL D 131 -5.79 -16.97 14.80
N ALA D 132 -5.36 -18.16 15.24
CA ALA D 132 -6.28 -19.24 15.54
C ALA D 132 -6.88 -19.04 16.92
N ASP D 133 -7.98 -19.72 17.18
CA ASP D 133 -8.63 -19.60 18.48
C ASP D 133 -7.79 -20.33 19.52
N PHE D 134 -7.60 -19.75 20.70
CA PHE D 134 -6.80 -20.43 21.72
C PHE D 134 -7.31 -21.82 22.15
N ALA D 135 -8.61 -21.94 22.38
CA ALA D 135 -9.20 -23.21 22.80
C ALA D 135 -9.05 -24.25 21.71
N CYS D 136 -9.28 -23.85 20.47
CA CYS D 136 -9.16 -24.77 19.34
C CYS D 136 -7.72 -25.25 19.17
N THR D 137 -6.77 -24.33 19.31
CA THR D 137 -5.35 -24.65 19.18
C THR D 137 -4.94 -25.60 20.29
N THR D 138 -5.42 -25.32 21.50
CA THR D 138 -5.12 -26.14 22.66
C THR D 138 -5.67 -27.56 22.49
N ALA D 139 -6.89 -27.68 21.97
CA ALA D 139 -7.50 -28.99 21.76
C ALA D 139 -6.69 -29.77 20.74
N LEU D 140 -6.23 -29.08 19.71
CA LEU D 140 -5.45 -29.73 18.66
C LEU D 140 -4.11 -30.24 19.19
N VAL D 141 -3.44 -29.42 19.99
CA VAL D 141 -2.15 -29.80 20.58
C VAL D 141 -2.33 -30.96 21.57
N GLU D 142 -3.38 -30.88 22.38
CA GLU D 142 -3.66 -31.93 23.36
C GLU D 142 -4.05 -33.23 22.68
N ALA D 143 -4.78 -33.11 21.57
CA ALA D 143 -5.23 -34.27 20.80
C ALA D 143 -4.04 -34.93 20.14
N ALA D 144 -3.07 -34.14 19.71
CA ALA D 144 -1.87 -34.67 19.09
C ALA D 144 -1.13 -35.58 20.07
N LYS D 145 -1.12 -35.19 21.35
CA LYS D 145 -0.45 -35.97 22.39
C LYS D 145 -1.17 -37.31 22.56
N SER D 146 -2.49 -37.24 22.62
CA SER D 146 -3.32 -38.42 22.77
C SER D 146 -3.04 -39.40 21.62
N ILE D 147 -3.24 -38.93 20.38
CA ILE D 147 -3.04 -39.78 19.21
C ILE D 147 -1.62 -40.27 19.04
N GLY D 148 -0.68 -39.41 19.42
CA GLY D 148 0.72 -39.76 19.32
C GLY D 148 1.24 -39.38 17.94
N ALA D 149 2.07 -38.35 17.87
CA ALA D 149 2.61 -37.90 16.60
C ALA D 149 3.64 -36.82 16.83
N THR D 150 4.62 -36.73 15.91
CA THR D 150 5.67 -35.71 15.99
C THR D 150 4.96 -34.42 15.59
N THR D 151 4.66 -33.59 16.59
CA THR D 151 3.93 -32.33 16.38
C THR D 151 4.80 -31.09 16.45
N HIS D 152 4.47 -30.10 15.64
CA HIS D 152 5.16 -28.82 15.61
C HIS D 152 4.07 -27.76 15.64
N VAL D 153 4.23 -26.77 16.53
CA VAL D 153 3.25 -25.70 16.69
C VAL D 153 3.89 -24.37 16.31
N GLY D 154 3.30 -23.69 15.33
CA GLY D 154 3.85 -22.43 14.89
C GLY D 154 3.13 -21.71 13.76
N VAL D 155 3.85 -20.82 13.10
CA VAL D 155 3.30 -20.02 12.00
C VAL D 155 3.29 -20.72 10.63
N THR D 156 2.22 -20.49 9.88
CA THR D 156 2.06 -21.08 8.57
C THR D 156 1.88 -20.00 7.52
N ALA D 157 2.45 -20.19 6.34
CA ALA D 157 2.29 -19.23 5.27
C ALA D 157 1.12 -19.73 4.40
N SER D 158 0.05 -18.94 4.32
CA SER D 158 -1.14 -19.31 3.55
C SER D 158 -1.18 -18.54 2.21
N SER D 159 -0.90 -19.26 1.13
CA SER D 159 -0.82 -18.66 -0.20
C SER D 159 -2.05 -18.81 -1.09
N ASP D 160 -2.33 -17.75 -1.85
CA ASP D 160 -3.47 -17.75 -2.77
C ASP D 160 -3.17 -18.54 -4.04
N THR D 161 -1.94 -19.05 -4.15
CA THR D 161 -1.52 -19.87 -5.28
C THR D 161 -0.70 -21.06 -4.81
N PHE D 162 -0.67 -22.10 -5.62
CA PHE D 162 0.08 -23.29 -5.30
C PHE D 162 1.47 -23.16 -5.87
N TYR D 163 1.61 -22.37 -6.92
CA TYR D 163 2.90 -22.24 -7.57
C TYR D 163 3.77 -21.00 -7.26
N PRO D 164 3.50 -19.83 -7.89
CA PRO D 164 4.35 -18.66 -7.59
C PRO D 164 4.34 -18.19 -6.13
N GLY D 165 3.17 -18.26 -5.48
CA GLY D 165 3.06 -17.82 -4.10
C GLY D 165 3.84 -18.68 -3.12
N GLN D 166 4.21 -19.88 -3.57
CA GLN D 166 4.98 -20.83 -2.78
C GLN D 166 6.34 -20.99 -3.44
N GLU D 167 6.68 -19.96 -4.23
CA GLU D 167 7.91 -19.88 -4.98
C GLU D 167 8.31 -21.19 -5.64
N ARG D 168 7.38 -21.74 -6.42
CA ARG D 168 7.64 -22.97 -7.16
C ARG D 168 8.06 -22.52 -8.54
N TYR D 169 9.06 -23.18 -9.13
CA TYR D 169 9.52 -22.81 -10.46
C TYR D 169 9.18 -23.86 -11.52
N ASP D 170 8.73 -25.03 -11.08
CA ASP D 170 8.36 -26.13 -11.97
C ASP D 170 7.07 -25.71 -12.69
N THR D 171 7.12 -24.60 -13.41
CA THR D 171 5.92 -24.09 -14.08
C THR D 171 6.11 -23.76 -15.55
N TYR D 172 4.98 -23.48 -16.22
CA TYR D 172 4.98 -23.12 -17.64
C TYR D 172 5.90 -21.92 -17.95
N SER D 173 5.78 -20.84 -17.18
CA SER D 173 6.61 -19.65 -17.38
C SER D 173 7.97 -19.83 -16.70
N GLY D 174 7.98 -20.55 -15.58
CA GLY D 174 9.21 -20.77 -14.85
C GLY D 174 9.68 -19.52 -14.11
N ARG D 175 8.86 -18.48 -14.11
CA ARG D 175 9.20 -17.23 -13.44
C ARG D 175 8.30 -16.99 -12.23
N VAL D 176 8.84 -16.28 -11.24
CA VAL D 176 8.09 -15.92 -10.05
C VAL D 176 8.18 -14.41 -9.95
N VAL D 177 7.01 -13.77 -9.77
CA VAL D 177 6.94 -12.31 -9.69
C VAL D 177 7.84 -11.78 -8.57
N ARG D 178 8.31 -10.54 -8.72
CA ARG D 178 9.21 -9.91 -7.73
C ARG D 178 8.90 -10.19 -6.24
N ARG D 179 7.65 -9.92 -5.83
CA ARG D 179 7.20 -10.12 -4.45
C ARG D 179 7.55 -11.48 -3.85
N PHE D 180 7.47 -12.52 -4.67
CA PHE D 180 7.75 -13.87 -4.19
C PHE D 180 9.13 -14.43 -4.55
N LYS D 181 9.92 -13.68 -5.31
CA LYS D 181 11.27 -14.15 -5.61
C LYS D 181 12.02 -14.16 -4.29
N GLY D 182 12.55 -15.33 -3.93
CA GLY D 182 13.31 -15.44 -2.70
C GLY D 182 12.50 -15.43 -1.42
N SER D 183 11.19 -15.50 -1.55
CA SER D 183 10.31 -15.47 -0.38
C SER D 183 10.36 -16.70 0.52
N MET D 184 10.52 -17.88 -0.06
CA MET D 184 10.54 -19.08 0.76
C MET D 184 11.65 -19.10 1.81
N GLU D 185 12.85 -18.67 1.45
CA GLU D 185 13.92 -18.67 2.44
C GLU D 185 13.68 -17.57 3.45
N GLU D 186 12.94 -16.54 3.04
CA GLU D 186 12.62 -15.44 3.96
C GLU D 186 11.66 -15.95 5.02
N TRP D 187 10.66 -16.73 4.60
CA TRP D 187 9.69 -17.30 5.53
C TRP D 187 10.42 -18.30 6.43
N GLN D 188 11.31 -19.07 5.83
CA GLN D 188 12.08 -20.07 6.54
C GLN D 188 12.96 -19.43 7.63
N ALA D 189 13.63 -18.32 7.31
CA ALA D 189 14.49 -17.62 8.27
C ALA D 189 13.65 -17.02 9.40
N MET D 190 12.38 -16.78 9.10
CA MET D 190 11.46 -16.21 10.07
C MET D 190 10.76 -17.28 10.92
N GLY D 191 11.11 -18.54 10.66
CA GLY D 191 10.54 -19.63 11.42
C GLY D 191 9.26 -20.25 10.89
N VAL D 192 8.75 -19.76 9.76
CA VAL D 192 7.50 -20.31 9.22
C VAL D 192 7.70 -21.81 8.97
N MET D 193 6.72 -22.59 9.41
CA MET D 193 6.79 -24.04 9.28
C MET D 193 6.43 -24.58 7.91
N ASN D 194 5.43 -24.00 7.28
CA ASN D 194 4.94 -24.56 6.03
C ASN D 194 4.10 -23.64 5.18
N TYR D 195 3.64 -24.23 4.08
CA TYR D 195 2.78 -23.58 3.09
C TYR D 195 1.48 -24.38 2.96
N GLU D 196 0.38 -23.67 2.79
CA GLU D 196 -0.92 -24.26 2.55
C GLU D 196 -1.73 -23.10 1.95
N MET D 197 -3.00 -23.31 1.60
CA MET D 197 -3.71 -22.24 0.93
C MET D 197 -5.05 -21.77 1.46
N GLU D 198 -5.39 -22.10 2.70
CA GLU D 198 -6.70 -21.70 3.21
C GLU D 198 -6.76 -21.08 4.60
N SER D 199 -5.75 -21.36 5.44
CA SER D 199 -5.73 -20.85 6.83
C SER D 199 -5.76 -19.33 7.02
N ALA D 200 -5.10 -18.56 6.16
CA ALA D 200 -5.11 -17.11 6.30
C ALA D 200 -6.54 -16.62 6.28
N THR D 201 -7.29 -17.06 5.27
CA THR D 201 -8.69 -16.68 5.11
C THR D 201 -9.55 -17.24 6.25
N LEU D 202 -9.49 -18.55 6.47
CA LEU D 202 -10.27 -19.18 7.54
C LEU D 202 -10.04 -18.50 8.91
N LEU D 203 -8.78 -18.42 9.31
CA LEU D 203 -8.41 -17.85 10.60
C LEU D 203 -8.82 -16.38 10.74
N THR D 204 -8.55 -15.57 9.72
CA THR D 204 -8.90 -14.17 9.79
C THR D 204 -10.42 -13.95 9.84
N MET D 205 -11.16 -14.58 8.93
CA MET D 205 -12.61 -14.37 8.93
C MET D 205 -13.29 -14.87 10.21
N CYS D 206 -12.73 -15.89 10.85
CA CYS D 206 -13.33 -16.39 12.09
C CYS D 206 -12.95 -15.53 13.29
N ALA D 207 -11.67 -15.19 13.37
CA ALA D 207 -11.14 -14.38 14.46
C ALA D 207 -11.75 -12.96 14.48
N SER D 208 -12.14 -12.47 13.31
CA SER D 208 -12.70 -11.14 13.23
C SER D 208 -14.23 -11.11 13.24
N GLN D 209 -14.86 -12.28 13.37
CA GLN D 209 -16.32 -12.35 13.38
C GLN D 209 -16.90 -13.16 14.53
N GLY D 210 -16.10 -13.39 15.56
CA GLY D 210 -16.61 -14.15 16.70
C GLY D 210 -16.82 -15.64 16.49
N LEU D 211 -16.08 -16.25 15.59
CA LEU D 211 -16.20 -17.69 15.35
C LEU D 211 -14.88 -18.34 15.76
N ARG D 212 -14.93 -19.55 16.30
CA ARG D 212 -13.71 -20.23 16.72
C ARG D 212 -13.15 -21.09 15.60
N ALA D 213 -11.85 -20.96 15.36
CA ALA D 213 -11.18 -21.73 14.32
C ALA D 213 -9.84 -22.25 14.80
N GLY D 214 -9.45 -23.40 14.25
CA GLY D 214 -8.18 -24.00 14.59
C GLY D 214 -7.72 -24.76 13.37
N MET D 215 -6.42 -25.06 13.28
CA MET D 215 -5.94 -25.82 12.12
C MET D 215 -4.75 -26.71 12.37
N VAL D 216 -4.85 -27.93 11.83
CA VAL D 216 -3.83 -28.94 11.93
C VAL D 216 -3.64 -29.50 10.52
N ALA D 217 -2.47 -30.07 10.24
CA ALA D 217 -2.23 -30.62 8.92
C ALA D 217 -1.12 -31.67 8.97
N GLY D 218 -1.16 -32.60 8.02
CA GLY D 218 -0.12 -33.62 7.96
C GLY D 218 0.88 -33.24 6.89
N VAL D 219 2.16 -33.42 7.18
CA VAL D 219 3.22 -33.10 6.22
C VAL D 219 3.38 -34.20 5.15
N ILE D 220 3.22 -33.82 3.87
CA ILE D 220 3.33 -34.77 2.76
C ILE D 220 4.51 -34.50 1.84
N VAL D 221 5.41 -33.62 2.27
CA VAL D 221 6.58 -33.29 1.48
C VAL D 221 7.36 -32.19 2.16
N ASN D 222 8.67 -32.15 1.95
CA ASN D 222 9.50 -31.11 2.54
C ASN D 222 10.18 -30.35 1.41
N ARG D 223 9.86 -29.06 1.28
CA ARG D 223 10.40 -28.21 0.23
C ARG D 223 11.92 -28.04 0.25
N THR D 224 12.53 -28.27 1.40
CA THR D 224 13.99 -28.16 1.50
C THR D 224 14.59 -29.37 0.82
N GLN D 225 13.72 -30.27 0.35
CA GLN D 225 14.15 -31.48 -0.34
C GLN D 225 13.56 -31.54 -1.75
N GLN D 226 12.25 -31.34 -1.90
CA GLN D 226 11.61 -31.36 -3.22
C GLN D 226 10.38 -30.45 -3.35
N GLU D 227 10.02 -30.14 -4.59
CA GLU D 227 8.89 -29.27 -4.90
C GLU D 227 7.54 -29.99 -4.99
N SER D 239 -2.98 -40.02 8.45
CA SER D 239 -4.08 -40.52 9.27
C SER D 239 -4.01 -39.90 10.66
N HIS D 240 -2.81 -39.58 11.13
CA HIS D 240 -2.64 -38.97 12.45
C HIS D 240 -3.40 -37.65 12.48
N ALA D 241 -3.07 -36.78 11.53
CA ALA D 241 -3.72 -35.48 11.43
C ALA D 241 -5.24 -35.64 11.51
N VAL D 242 -5.77 -36.58 10.73
CA VAL D 242 -7.21 -36.83 10.71
C VAL D 242 -7.72 -37.31 12.07
N LYS D 243 -7.02 -38.25 12.69
CA LYS D 243 -7.44 -38.76 13.99
C LYS D 243 -7.36 -37.64 15.03
N ILE D 244 -6.39 -36.75 14.86
CA ILE D 244 -6.20 -35.63 15.76
C ILE D 244 -7.32 -34.59 15.69
N VAL D 245 -7.74 -34.22 14.48
CA VAL D 245 -8.81 -33.22 14.33
C VAL D 245 -10.13 -33.73 14.89
N VAL D 246 -10.37 -35.04 14.80
CA VAL D 246 -11.59 -35.67 15.31
C VAL D 246 -11.55 -35.68 16.85
N GLU D 247 -10.41 -36.09 17.38
CA GLU D 247 -10.22 -36.12 18.83
C GLU D 247 -10.30 -34.69 19.37
N ALA D 248 -9.80 -33.72 18.61
CA ALA D 248 -9.83 -32.31 19.03
C ALA D 248 -11.28 -31.80 19.04
N ALA D 249 -12.05 -32.20 18.03
CA ALA D 249 -13.44 -31.79 17.94
C ALA D 249 -14.14 -32.28 19.20
N ARG D 250 -13.82 -33.52 19.58
CA ARG D 250 -14.36 -34.17 20.77
C ARG D 250 -14.16 -33.29 22.02
N ARG D 251 -12.98 -32.69 22.14
CA ARG D 251 -12.66 -31.82 23.27
C ARG D 251 -13.34 -30.44 23.19
N LEU D 252 -13.90 -30.10 22.03
CA LEU D 252 -14.54 -28.79 21.86
C LEU D 252 -16.06 -28.78 21.77
N LEU D 253 -16.69 -29.95 21.71
CA LEU D 253 -18.15 -30.02 21.63
C LEU D 253 -18.83 -29.40 22.86
N LYS E 3 -16.81 33.04 -24.81
CA LYS E 3 -15.49 32.84 -25.42
C LYS E 3 -14.91 31.47 -25.09
N SER E 4 -15.11 31.01 -23.87
CA SER E 4 -14.64 29.72 -23.37
C SER E 4 -15.56 29.10 -22.29
N ASP E 5 -15.97 27.85 -22.51
CA ASP E 5 -16.83 27.13 -21.57
C ASP E 5 -16.00 26.28 -20.63
N VAL E 6 -14.69 26.26 -20.86
CA VAL E 6 -13.76 25.49 -20.04
C VAL E 6 -12.59 26.36 -19.54
N PHE E 7 -11.96 25.91 -18.47
CA PHE E 7 -10.86 26.67 -17.87
C PHE E 7 -9.53 26.74 -18.62
N HIS E 8 -9.15 25.69 -19.37
CA HIS E 8 -7.87 25.71 -20.06
C HIS E 8 -7.83 25.64 -21.58
N LEU E 9 -8.73 24.86 -22.17
CA LEU E 9 -8.73 24.69 -23.62
C LEU E 9 -9.07 25.92 -24.46
N GLY E 10 -9.75 26.89 -23.86
CA GLY E 10 -10.14 28.08 -24.60
C GLY E 10 -11.17 27.73 -25.65
N LEU E 11 -12.04 26.78 -25.34
CA LEU E 11 -13.10 26.34 -26.27
C LEU E 11 -14.51 26.46 -25.70
N THR E 12 -15.48 26.51 -26.61
CA THR E 12 -16.90 26.58 -26.25
C THR E 12 -17.50 25.37 -26.94
N LYS E 13 -18.70 24.97 -26.54
CA LYS E 13 -19.34 23.84 -27.20
C LYS E 13 -19.60 24.18 -28.66
N ASN E 14 -19.86 25.45 -28.95
CA ASN E 14 -20.12 25.88 -30.32
C ASN E 14 -18.92 25.56 -31.21
N ASP E 15 -17.73 25.74 -30.66
CA ASP E 15 -16.51 25.47 -31.41
C ASP E 15 -16.43 24.03 -31.95
N LEU E 16 -16.97 23.07 -31.18
CA LEU E 16 -16.96 21.64 -31.54
C LEU E 16 -17.99 21.26 -32.61
N GLN E 17 -19.03 22.08 -32.73
CA GLN E 17 -20.08 21.86 -33.71
C GLN E 17 -20.66 20.47 -33.62
N GLY E 18 -20.85 19.99 -32.39
CA GLY E 18 -21.42 18.69 -32.19
C GLY E 18 -20.46 17.52 -32.18
N ALA E 19 -19.16 17.78 -32.35
CA ALA E 19 -18.23 16.65 -32.36
C ALA E 19 -18.29 15.82 -31.09
N GLN E 20 -18.25 14.50 -31.21
CA GLN E 20 -18.28 13.60 -30.02
C GLN E 20 -17.03 12.74 -29.95
N LEU E 21 -16.22 12.85 -31.00
CA LEU E 21 -14.98 12.09 -31.12
C LEU E 21 -13.79 13.06 -31.19
N ALA E 22 -12.75 12.74 -30.42
CA ALA E 22 -11.52 13.53 -30.40
C ALA E 22 -10.29 12.63 -30.54
N ILE E 23 -9.42 12.98 -31.47
CA ILE E 23 -8.18 12.31 -31.65
C ILE E 23 -7.24 13.13 -30.81
N VAL E 24 -6.49 12.50 -29.91
CA VAL E 24 -5.61 13.26 -29.01
C VAL E 24 -4.15 12.88 -29.01
N PRO E 25 -3.35 13.58 -29.84
CA PRO E 25 -1.91 13.31 -29.90
C PRO E 25 -1.31 14.05 -28.72
N GLY E 26 -0.03 13.84 -28.43
CA GLY E 26 0.56 14.55 -27.32
C GLY E 26 1.15 15.89 -27.72
N ASP E 27 1.79 15.91 -28.88
CA ASP E 27 2.45 17.12 -29.39
C ASP E 27 1.54 18.01 -30.23
N PRO E 28 1.38 19.29 -29.83
CA PRO E 28 0.54 20.26 -30.54
C PRO E 28 0.91 20.37 -32.03
N GLU E 29 2.17 20.06 -32.35
CA GLU E 29 2.68 20.16 -33.71
C GLU E 29 2.03 19.12 -34.62
N ARG E 30 1.56 18.03 -34.04
CA ARG E 30 0.91 17.00 -34.82
C ARG E 30 -0.59 17.19 -35.02
N VAL E 31 -1.20 18.12 -34.28
CA VAL E 31 -2.65 18.34 -34.41
C VAL E 31 -3.06 18.75 -35.83
N GLU E 32 -2.37 19.72 -36.41
CA GLU E 32 -2.69 20.18 -37.76
C GLU E 32 -2.51 19.05 -38.78
N LYS E 33 -1.41 18.30 -38.66
CA LYS E 33 -1.14 17.20 -39.58
C LYS E 33 -2.23 16.16 -39.58
N ILE E 34 -2.69 15.80 -38.39
CA ILE E 34 -3.75 14.80 -38.30
C ILE E 34 -5.03 15.38 -38.90
N ALA E 35 -5.36 16.61 -38.51
CA ALA E 35 -6.57 17.27 -38.98
C ALA E 35 -6.57 17.42 -40.50
N ALA E 36 -5.36 17.56 -41.06
CA ALA E 36 -5.20 17.72 -42.49
C ALA E 36 -5.69 16.52 -43.28
N LEU E 37 -5.76 15.36 -42.64
CA LEU E 37 -6.20 14.16 -43.33
C LEU E 37 -7.72 14.08 -43.45
N MET E 38 -8.42 14.98 -42.75
CA MET E 38 -9.89 14.98 -42.81
C MET E 38 -10.43 16.17 -43.59
N ASP E 39 -11.76 16.24 -43.66
CA ASP E 39 -12.44 17.31 -44.39
C ASP E 39 -12.58 18.59 -43.59
N LYS E 40 -12.62 19.70 -44.31
CA LYS E 40 -12.77 21.04 -43.75
C LYS E 40 -12.00 21.27 -42.46
N PRO E 41 -10.67 21.01 -42.46
CA PRO E 41 -9.89 21.21 -41.24
C PRO E 41 -9.69 22.68 -40.94
N VAL E 42 -9.89 23.05 -39.68
CA VAL E 42 -9.70 24.44 -39.27
C VAL E 42 -9.12 24.52 -37.85
N LYS E 43 -8.28 25.52 -37.63
CA LYS E 43 -7.67 25.76 -36.32
C LYS E 43 -8.76 26.23 -35.35
N LEU E 44 -8.66 25.82 -34.09
CA LEU E 44 -9.62 26.27 -33.11
C LEU E 44 -8.87 27.17 -32.12
N ALA E 45 -8.06 26.57 -31.25
CA ALA E 45 -7.33 27.37 -30.29
C ALA E 45 -6.01 26.74 -29.88
N SER E 46 -5.22 27.52 -29.16
CA SER E 46 -3.92 27.08 -28.65
C SER E 46 -3.61 27.77 -27.32
N HIS E 47 -3.57 26.99 -26.24
CA HIS E 47 -3.29 27.49 -24.89
C HIS E 47 -2.40 26.45 -24.19
N ARG E 48 -1.22 26.87 -23.74
CA ARG E 48 -0.25 25.97 -23.11
C ARG E 48 -0.05 24.84 -24.11
N GLU E 49 0.04 23.61 -23.64
CA GLU E 49 0.24 22.49 -24.56
C GLU E 49 -1.03 21.97 -25.24
N PHE E 50 -2.11 22.74 -25.14
CA PHE E 50 -3.40 22.36 -25.72
C PHE E 50 -3.75 23.09 -27.01
N THR E 51 -3.42 22.47 -28.14
CA THR E 51 -3.75 23.02 -29.46
C THR E 51 -4.84 22.15 -30.04
N SER E 52 -5.96 22.78 -30.41
CA SER E 52 -7.09 22.06 -30.98
C SER E 52 -7.46 22.52 -32.37
N TRP E 53 -7.94 21.56 -33.15
CA TRP E 53 -8.39 21.80 -34.50
C TRP E 53 -9.70 21.04 -34.62
N ARG E 54 -10.52 21.38 -35.61
CA ARG E 54 -11.75 20.66 -35.85
C ARG E 54 -11.76 20.32 -37.32
N ALA E 55 -12.33 19.17 -37.66
CA ALA E 55 -12.40 18.75 -39.05
C ALA E 55 -13.72 18.01 -39.23
N GLU E 56 -13.86 17.35 -40.37
CA GLU E 56 -15.08 16.63 -40.64
C GLU E 56 -14.75 15.30 -41.32
N LEU E 57 -15.45 14.24 -40.90
CA LEU E 57 -15.29 12.91 -41.50
C LEU E 57 -16.68 12.38 -41.83
N ASP E 58 -16.92 12.13 -43.10
CA ASP E 58 -18.21 11.58 -43.53
C ASP E 58 -19.35 12.48 -43.06
N GLY E 59 -19.09 13.78 -43.04
CA GLY E 59 -20.10 14.73 -42.64
C GLY E 59 -20.29 14.96 -41.16
N LYS E 60 -19.41 14.40 -40.34
CA LYS E 60 -19.51 14.55 -38.90
C LYS E 60 -18.28 15.26 -38.37
N ALA E 61 -18.50 16.23 -37.50
CA ALA E 61 -17.42 17.02 -36.91
C ALA E 61 -16.54 16.16 -36.02
N VAL E 62 -15.24 16.36 -36.16
CA VAL E 62 -14.23 15.64 -35.40
C VAL E 62 -13.25 16.65 -34.79
N ILE E 63 -12.76 16.35 -33.59
CA ILE E 63 -11.82 17.22 -32.91
C ILE E 63 -10.44 16.56 -32.78
N VAL E 64 -9.39 17.36 -32.96
CA VAL E 64 -8.04 16.85 -32.79
C VAL E 64 -7.45 17.83 -31.78
N CYS E 65 -7.06 17.33 -30.62
CA CYS E 65 -6.51 18.17 -29.57
C CYS E 65 -5.31 17.51 -28.91
N SER E 66 -4.24 18.28 -28.72
CA SER E 66 -3.02 17.77 -28.08
C SER E 66 -3.22 17.75 -26.57
N THR E 67 -2.49 16.85 -25.90
CA THR E 67 -2.59 16.68 -24.45
C THR E 67 -1.35 17.14 -23.69
N GLY E 68 -0.23 17.30 -24.40
CA GLY E 68 1.01 17.66 -23.74
C GLY E 68 1.67 16.37 -23.28
N ILE E 69 2.70 16.48 -22.45
CA ILE E 69 3.41 15.31 -21.91
C ILE E 69 2.92 14.93 -20.51
N GLY E 70 2.61 13.65 -20.31
CA GLY E 70 2.19 13.18 -19.00
C GLY E 70 0.70 13.17 -18.66
N GLY E 71 0.35 12.40 -17.63
CA GLY E 71 -1.04 12.28 -17.18
C GLY E 71 -1.71 13.56 -16.68
N PRO E 72 -0.98 14.45 -15.96
CA PRO E 72 -1.58 15.69 -15.44
C PRO E 72 -2.19 16.57 -16.53
N SER E 73 -1.43 16.91 -17.57
CA SER E 73 -1.99 17.76 -18.62
C SER E 73 -3.05 16.99 -19.41
N THR E 74 -2.83 15.69 -19.60
CA THR E 74 -3.78 14.83 -20.32
C THR E 74 -5.14 14.81 -19.58
N SER E 75 -5.10 14.71 -18.25
CA SER E 75 -6.32 14.68 -17.45
C SER E 75 -7.11 15.99 -17.60
N ILE E 76 -6.40 17.10 -17.82
CA ILE E 76 -7.05 18.39 -18.01
C ILE E 76 -7.74 18.44 -19.39
N ALA E 77 -7.02 18.02 -20.43
CA ALA E 77 -7.57 18.01 -21.77
C ALA E 77 -8.78 17.06 -21.87
N VAL E 78 -8.64 15.84 -21.37
CA VAL E 78 -9.75 14.87 -21.45
C VAL E 78 -11.00 15.37 -20.72
N GLU E 79 -10.82 15.86 -19.50
CA GLU E 79 -11.92 16.37 -18.69
C GLU E 79 -12.65 17.50 -19.39
N GLU E 80 -11.90 18.50 -19.83
CA GLU E 80 -12.51 19.64 -20.48
C GLU E 80 -13.16 19.32 -21.82
N LEU E 81 -12.61 18.34 -22.54
CA LEU E 81 -13.22 17.94 -23.80
C LEU E 81 -14.52 17.18 -23.48
N ALA E 82 -14.48 16.39 -22.42
CA ALA E 82 -15.66 15.64 -22.01
C ALA E 82 -16.76 16.64 -21.68
N GLN E 83 -16.41 17.70 -20.97
CA GLN E 83 -17.37 18.75 -20.61
C GLN E 83 -18.00 19.40 -21.86
N LEU E 84 -17.20 19.53 -22.92
CA LEU E 84 -17.68 20.13 -24.16
C LEU E 84 -18.52 19.16 -25.00
N GLY E 85 -18.54 17.89 -24.61
CA GLY E 85 -19.33 16.92 -25.35
C GLY E 85 -18.60 15.73 -25.96
N ILE E 86 -17.27 15.69 -25.84
CA ILE E 86 -16.51 14.57 -26.39
C ILE E 86 -16.77 13.32 -25.57
N ARG E 87 -17.08 12.23 -26.26
CA ARG E 87 -17.37 10.96 -25.61
C ARG E 87 -16.38 9.85 -25.97
N THR E 88 -15.71 10.01 -27.11
CA THR E 88 -14.73 9.00 -27.55
C THR E 88 -13.39 9.68 -27.79
N PHE E 89 -12.34 9.11 -27.21
CA PHE E 89 -11.00 9.64 -27.32
C PHE E 89 -10.05 8.62 -27.94
N LEU E 90 -9.34 9.02 -28.98
CA LEU E 90 -8.40 8.16 -29.65
C LEU E 90 -7.02 8.78 -29.57
N ARG E 91 -6.13 8.13 -28.82
CA ARG E 91 -4.78 8.63 -28.69
C ARG E 91 -3.88 8.02 -29.76
N ILE E 92 -3.08 8.88 -30.39
CA ILE E 92 -2.14 8.50 -31.42
C ILE E 92 -0.75 8.97 -30.98
N GLY E 93 0.25 8.15 -31.23
CA GLY E 93 1.60 8.52 -30.85
C GLY E 93 2.64 7.64 -31.51
N THR E 94 3.90 7.91 -31.18
CA THR E 94 5.01 7.13 -31.69
C THR E 94 5.69 6.60 -30.43
N THR E 95 6.20 5.39 -30.47
CA THR E 95 6.78 4.81 -29.26
C THR E 95 8.03 3.95 -29.47
N GLY E 96 8.61 3.56 -28.35
CA GLY E 96 9.79 2.71 -28.33
C GLY E 96 9.39 1.39 -27.66
N ALA E 97 9.47 0.31 -28.42
CA ALA E 97 9.12 -1.01 -27.94
C ALA E 97 10.17 -1.65 -27.04
N ILE E 98 9.74 -2.61 -26.22
CA ILE E 98 10.64 -3.31 -25.32
C ILE E 98 10.61 -4.83 -25.56
N GLN E 99 9.94 -5.25 -26.61
CA GLN E 99 9.90 -6.67 -26.93
C GLN E 99 10.84 -6.88 -28.11
N PRO E 100 11.71 -7.90 -28.01
CA PRO E 100 12.67 -8.20 -29.09
C PRO E 100 12.05 -8.35 -30.49
N HIS E 101 10.83 -8.86 -30.57
CA HIS E 101 10.21 -9.08 -31.87
C HIS E 101 9.22 -8.02 -32.34
N ILE E 102 9.17 -6.89 -31.64
CA ILE E 102 8.35 -5.76 -32.09
C ILE E 102 9.34 -4.85 -32.77
N ASN E 103 9.27 -4.75 -34.09
CA ASN E 103 10.17 -3.93 -34.87
C ASN E 103 9.68 -2.52 -35.21
N VAL E 104 10.63 -1.67 -35.54
CA VAL E 104 10.35 -0.29 -35.93
C VAL E 104 9.43 -0.36 -37.15
N GLY E 105 8.46 0.54 -37.24
CA GLY E 105 7.56 0.50 -38.38
C GLY E 105 6.31 -0.28 -38.01
N ASP E 106 6.39 -1.11 -36.97
CA ASP E 106 5.23 -1.87 -36.52
C ASP E 106 4.22 -0.94 -35.84
N VAL E 107 2.98 -1.38 -35.78
CA VAL E 107 1.91 -0.60 -35.16
C VAL E 107 1.40 -1.30 -33.91
N LEU E 108 1.30 -0.53 -32.84
CA LEU E 108 0.85 -1.08 -31.58
C LEU E 108 -0.51 -0.53 -31.20
N VAL E 109 -1.42 -1.41 -30.83
CA VAL E 109 -2.75 -1.03 -30.38
C VAL E 109 -2.81 -1.53 -28.95
N THR E 110 -3.03 -0.60 -28.01
CA THR E 110 -3.07 -0.92 -26.58
C THR E 110 -4.43 -1.37 -26.05
N THR E 111 -4.48 -2.56 -25.46
CA THR E 111 -5.73 -3.06 -24.89
C THR E 111 -5.88 -2.54 -23.46
N ALA E 112 -4.76 -2.36 -22.77
CA ALA E 112 -4.80 -1.89 -21.41
C ALA E 112 -3.37 -1.51 -21.08
N SER E 113 -3.18 -0.71 -20.02
CA SER E 113 -1.85 -0.27 -19.63
C SER E 113 -1.47 -0.55 -18.17
N VAL E 114 -0.16 -0.68 -17.94
CA VAL E 114 0.36 -0.86 -16.58
C VAL E 114 0.35 0.57 -16.04
N ARG E 115 -0.30 0.77 -14.90
CA ARG E 115 -0.42 2.09 -14.29
C ARG E 115 0.79 2.52 -13.46
N LEU E 116 1.80 3.07 -14.13
CA LEU E 116 3.01 3.53 -13.45
C LEU E 116 2.98 5.05 -13.43
N ASP E 117 1.76 5.58 -13.32
CA ASP E 117 1.51 7.02 -13.29
C ASP E 117 0.88 7.35 -11.94
N GLY E 118 0.50 8.61 -11.75
CA GLY E 118 -0.14 9.02 -10.52
C GLY E 118 -1.54 9.55 -10.75
N ALA E 119 -1.78 10.11 -11.93
CA ALA E 119 -3.07 10.70 -12.25
C ALA E 119 -4.23 9.70 -12.28
N SER E 120 -3.98 8.50 -12.79
CA SER E 120 -5.01 7.46 -12.88
C SER E 120 -5.66 7.22 -11.51
N LEU E 121 -4.84 7.28 -10.46
CA LEU E 121 -5.29 7.07 -9.08
C LEU E 121 -6.23 8.16 -8.56
N HIS E 122 -6.32 9.27 -9.29
CA HIS E 122 -7.21 10.38 -8.91
C HIS E 122 -8.60 10.13 -9.48
N PHE E 123 -8.76 9.03 -10.23
CA PHE E 123 -10.05 8.66 -10.84
C PHE E 123 -10.54 7.28 -10.38
N ALA E 124 -9.61 6.36 -10.11
CA ALA E 124 -9.97 5.03 -9.65
C ALA E 124 -8.79 4.40 -8.90
N PRO E 125 -9.08 3.53 -7.92
CA PRO E 125 -8.04 2.87 -7.13
C PRO E 125 -7.23 1.95 -8.04
N MET E 126 -6.02 1.58 -7.62
CA MET E 126 -5.15 0.75 -8.45
C MET E 126 -5.74 -0.57 -8.96
N GLU E 127 -6.66 -1.17 -8.22
CA GLU E 127 -7.26 -2.44 -8.63
C GLU E 127 -8.05 -2.31 -9.94
N PHE E 128 -8.51 -1.10 -10.23
CA PHE E 128 -9.27 -0.82 -11.44
C PHE E 128 -8.36 -0.86 -12.66
N PRO E 129 -8.80 -1.55 -13.74
CA PRO E 129 -8.01 -1.66 -14.97
C PRO E 129 -7.94 -0.43 -15.88
N ALA E 130 -6.74 -0.10 -16.33
CA ALA E 130 -6.59 1.01 -17.25
C ALA E 130 -6.82 0.34 -18.60
N VAL E 131 -8.06 -0.07 -18.83
CA VAL E 131 -8.45 -0.77 -20.06
C VAL E 131 -9.07 0.12 -21.14
N ALA E 132 -8.72 -0.17 -22.39
CA ALA E 132 -9.25 0.58 -23.53
C ALA E 132 -10.65 0.06 -23.84
N ASP E 133 -11.47 0.93 -24.44
CA ASP E 133 -12.82 0.55 -24.81
C ASP E 133 -12.74 -0.43 -25.99
N PHE E 134 -13.62 -1.43 -26.01
CA PHE E 134 -13.61 -2.44 -27.07
C PHE E 134 -13.88 -1.92 -28.49
N ALA E 135 -14.90 -1.09 -28.65
CA ALA E 135 -15.22 -0.55 -29.97
C ALA E 135 -14.01 0.17 -30.55
N CYS E 136 -13.38 1.01 -29.73
CA CYS E 136 -12.20 1.78 -30.14
C CYS E 136 -11.05 0.87 -30.53
N THR E 137 -10.75 -0.10 -29.69
CA THR E 137 -9.65 -1.03 -29.97
C THR E 137 -9.91 -1.80 -31.28
N THR E 138 -11.16 -2.19 -31.48
CA THR E 138 -11.56 -2.91 -32.69
C THR E 138 -11.36 -2.05 -33.94
N ALA E 139 -11.79 -0.80 -33.86
CA ALA E 139 -11.67 0.16 -34.97
C ALA E 139 -10.21 0.38 -35.32
N LEU E 140 -9.36 0.50 -34.31
CA LEU E 140 -7.95 0.72 -34.56
C LEU E 140 -7.29 -0.48 -35.20
N VAL E 141 -7.56 -1.66 -34.66
CA VAL E 141 -7.02 -2.90 -35.19
C VAL E 141 -7.47 -3.12 -36.64
N GLU E 142 -8.77 -2.97 -36.88
CA GLU E 142 -9.30 -3.15 -38.24
C GLU E 142 -8.73 -2.09 -39.19
N ALA E 143 -8.58 -0.87 -38.70
CA ALA E 143 -8.02 0.22 -39.52
C ALA E 143 -6.57 -0.10 -39.84
N ALA E 144 -5.84 -0.65 -38.88
CA ALA E 144 -4.44 -1.02 -39.11
C ALA E 144 -4.36 -2.14 -40.17
N LYS E 145 -5.28 -3.10 -40.08
CA LYS E 145 -5.33 -4.21 -41.01
C LYS E 145 -5.59 -3.71 -42.42
N SER E 146 -6.52 -2.78 -42.55
CA SER E 146 -6.87 -2.22 -43.85
C SER E 146 -5.68 -1.67 -44.64
N ILE E 147 -4.66 -1.13 -43.95
CA ILE E 147 -3.51 -0.61 -44.68
C ILE E 147 -2.31 -1.56 -44.63
N GLY E 148 -2.57 -2.79 -44.19
CA GLY E 148 -1.53 -3.81 -44.13
C GLY E 148 -0.39 -3.64 -43.14
N ALA E 149 -0.58 -2.83 -42.11
CA ALA E 149 0.48 -2.65 -41.12
C ALA E 149 0.73 -3.92 -40.29
N THR E 150 1.97 -4.10 -39.83
CA THR E 150 2.30 -5.26 -38.98
C THR E 150 1.87 -4.76 -37.62
N THR E 151 0.78 -5.33 -37.10
CA THR E 151 0.22 -4.89 -35.83
C THR E 151 0.44 -5.81 -34.63
N HIS E 152 0.56 -5.19 -33.46
CA HIS E 152 0.74 -5.91 -32.20
C HIS E 152 -0.32 -5.35 -31.24
N VAL E 153 -1.19 -6.22 -30.74
CA VAL E 153 -2.25 -5.83 -29.82
C VAL E 153 -1.96 -6.37 -28.41
N GLY E 154 -1.85 -5.47 -27.45
CA GLY E 154 -1.56 -5.90 -26.08
C GLY E 154 -1.37 -4.79 -25.06
N VAL E 155 -0.63 -5.12 -24.01
CA VAL E 155 -0.37 -4.22 -22.90
C VAL E 155 0.80 -3.27 -23.09
N THR E 156 0.62 -2.06 -22.57
CA THR E 156 1.62 -1.02 -22.66
C THR E 156 1.91 -0.54 -21.25
N ALA E 157 3.17 -0.22 -20.98
CA ALA E 157 3.57 0.31 -19.67
C ALA E 157 3.50 1.84 -19.76
N SER E 158 2.68 2.46 -18.92
CA SER E 158 2.54 3.93 -18.95
C SER E 158 3.24 4.56 -17.74
N SER E 159 4.34 5.27 -18.00
CA SER E 159 5.16 5.86 -16.94
C SER E 159 5.08 7.39 -16.76
N ASP E 160 5.10 7.86 -15.51
CA ASP E 160 5.05 9.31 -15.22
C ASP E 160 6.40 9.96 -15.53
N THR E 161 7.40 9.15 -15.86
CA THR E 161 8.70 9.68 -16.19
C THR E 161 9.22 9.05 -17.45
N PHE E 162 10.10 9.80 -18.11
CA PHE E 162 10.74 9.37 -19.34
C PHE E 162 12.00 8.62 -18.97
N TYR E 163 12.57 8.92 -17.79
CA TYR E 163 13.81 8.26 -17.41
C TYR E 163 13.79 7.09 -16.41
N PRO E 164 13.77 7.38 -15.10
CA PRO E 164 13.77 6.27 -14.14
C PRO E 164 12.61 5.26 -14.27
N GLY E 165 11.40 5.78 -14.53
CA GLY E 165 10.23 4.93 -14.68
C GLY E 165 10.32 3.96 -15.84
N GLN E 166 11.20 4.27 -16.79
CA GLN E 166 11.41 3.42 -17.96
C GLN E 166 12.78 2.75 -17.81
N GLU E 167 13.24 2.75 -16.56
CA GLU E 167 14.52 2.21 -16.13
C GLU E 167 15.73 2.62 -16.95
N ARG E 168 15.84 3.91 -17.22
CA ARG E 168 16.98 4.44 -17.95
C ARG E 168 18.01 4.90 -16.94
N TYR E 169 19.25 4.47 -17.16
CA TYR E 169 20.36 4.83 -16.27
C TYR E 169 21.28 5.90 -16.88
N ASP E 170 21.06 6.21 -18.15
CA ASP E 170 21.84 7.23 -18.84
C ASP E 170 21.28 8.57 -18.37
N THR E 171 21.51 8.86 -17.10
CA THR E 171 21.00 10.07 -16.48
C THR E 171 22.02 10.74 -15.59
N TYR E 172 21.65 11.93 -15.12
CA TYR E 172 22.47 12.72 -14.22
C TYR E 172 22.93 11.91 -13.01
N SER E 173 21.98 11.28 -12.32
CA SER E 173 22.31 10.48 -11.13
C SER E 173 22.79 9.08 -11.50
N GLY E 174 22.36 8.62 -12.67
CA GLY E 174 22.72 7.30 -13.14
C GLY E 174 22.11 6.22 -12.26
N ARG E 175 21.15 6.58 -11.41
CA ARG E 175 20.54 5.60 -10.54
C ARG E 175 19.03 5.51 -10.75
N VAL E 176 18.46 4.36 -10.40
CA VAL E 176 17.04 4.15 -10.53
C VAL E 176 16.51 3.66 -9.20
N VAL E 177 15.48 4.32 -8.69
CA VAL E 177 14.90 3.94 -7.40
C VAL E 177 14.53 2.45 -7.37
N ARG E 178 14.63 1.86 -6.17
CA ARG E 178 14.33 0.45 -5.96
C ARG E 178 13.11 -0.08 -6.71
N ARG E 179 11.97 0.60 -6.58
CA ARG E 179 10.74 0.19 -7.24
C ARG E 179 10.93 -0.12 -8.72
N PHE E 180 11.76 0.68 -9.38
CA PHE E 180 11.97 0.48 -10.81
C PHE E 180 13.23 -0.27 -11.24
N LYS E 181 14.11 -0.57 -10.29
CA LYS E 181 15.33 -1.30 -10.64
C LYS E 181 14.94 -2.70 -11.07
N GLY E 182 15.37 -3.10 -12.27
CA GLY E 182 15.05 -4.42 -12.78
C GLY E 182 13.62 -4.52 -13.29
N SER E 183 12.91 -3.39 -13.33
CA SER E 183 11.52 -3.38 -13.77
C SER E 183 11.28 -3.64 -15.26
N MET E 184 12.15 -3.13 -16.13
CA MET E 184 11.94 -3.34 -17.55
C MET E 184 11.98 -4.82 -17.92
N GLU E 185 12.89 -5.55 -17.31
CA GLU E 185 13.00 -6.98 -17.60
C GLU E 185 11.73 -7.73 -17.18
N GLU E 186 11.13 -7.29 -16.08
CA GLU E 186 9.90 -7.90 -15.57
C GLU E 186 8.76 -7.60 -16.54
N TRP E 187 8.59 -6.33 -16.92
CA TRP E 187 7.53 -5.98 -17.86
C TRP E 187 7.70 -6.80 -19.13
N GLN E 188 8.93 -6.93 -19.62
CA GLN E 188 9.21 -7.71 -20.84
C GLN E 188 8.74 -9.15 -20.66
N ALA E 189 9.14 -9.78 -19.56
CA ALA E 189 8.74 -11.15 -19.27
C ALA E 189 7.22 -11.28 -19.13
N MET E 190 6.55 -10.18 -18.80
CA MET E 190 5.10 -10.18 -18.66
C MET E 190 4.39 -9.92 -19.99
N GLY E 191 5.15 -9.67 -21.05
CA GLY E 191 4.57 -9.44 -22.36
C GLY E 191 4.26 -8.01 -22.71
N VAL E 192 4.67 -7.07 -21.84
CA VAL E 192 4.41 -5.66 -22.09
C VAL E 192 5.13 -5.26 -23.37
N MET E 193 4.39 -4.63 -24.28
CA MET E 193 4.93 -4.22 -25.57
C MET E 193 5.84 -3.01 -25.57
N ASN E 194 5.44 -1.97 -24.84
CA ASN E 194 6.21 -0.74 -24.89
C ASN E 194 6.05 0.18 -23.66
N TYR E 195 6.71 1.33 -23.75
CA TYR E 195 6.66 2.37 -22.71
C TYR E 195 6.12 3.64 -23.36
N GLU E 196 5.25 4.35 -22.65
CA GLU E 196 4.75 5.63 -23.11
C GLU E 196 4.38 6.36 -21.82
N MET E 197 3.82 7.57 -21.90
CA MET E 197 3.54 8.34 -20.67
C MET E 197 2.16 8.95 -20.49
N GLU E 198 1.17 8.54 -21.27
CA GLU E 198 -0.14 9.15 -21.12
C GLU E 198 -1.32 8.20 -21.00
N SER E 199 -1.17 6.99 -21.54
CA SER E 199 -2.26 6.01 -21.57
C SER E 199 -2.88 5.53 -20.25
N ALA E 200 -2.08 5.35 -19.21
CA ALA E 200 -2.63 4.91 -17.93
C ALA E 200 -3.66 5.92 -17.43
N THR E 201 -3.36 7.20 -17.61
CA THR E 201 -4.25 8.26 -17.18
C THR E 201 -5.48 8.32 -18.09
N LEU E 202 -5.23 8.37 -19.40
CA LEU E 202 -6.29 8.44 -20.39
C LEU E 202 -7.29 7.28 -20.25
N LEU E 203 -6.80 6.05 -20.35
CA LEU E 203 -7.66 4.87 -20.26
C LEU E 203 -8.40 4.71 -18.92
N THR E 204 -7.71 4.98 -17.82
CA THR E 204 -8.34 4.85 -16.49
C THR E 204 -9.44 5.90 -16.28
N MET E 205 -9.18 7.15 -16.65
CA MET E 205 -10.20 8.18 -16.45
C MET E 205 -11.40 8.05 -17.38
N CYS E 206 -11.21 7.43 -18.54
CA CYS E 206 -12.31 7.24 -19.48
C CYS E 206 -13.13 6.01 -19.13
N ALA E 207 -12.44 4.92 -18.82
CA ALA E 207 -13.11 3.66 -18.47
C ALA E 207 -13.91 3.74 -17.17
N SER E 208 -13.54 4.67 -16.30
CA SER E 208 -14.22 4.81 -15.02
C SER E 208 -15.21 5.96 -14.97
N GLN E 209 -15.49 6.57 -16.14
CA GLN E 209 -16.43 7.69 -16.20
C GLN E 209 -17.36 7.65 -17.43
N GLY E 210 -17.49 6.47 -18.01
CA GLY E 210 -18.37 6.28 -19.14
C GLY E 210 -17.94 6.93 -20.43
N LEU E 211 -16.62 7.01 -20.65
CA LEU E 211 -16.11 7.60 -21.88
C LEU E 211 -15.37 6.49 -22.59
N ARG E 212 -15.38 6.53 -23.92
CA ARG E 212 -14.68 5.52 -24.70
C ARG E 212 -13.27 5.96 -25.07
N ALA E 213 -12.29 5.08 -24.90
CA ALA E 213 -10.92 5.45 -25.26
C ALA E 213 -10.11 4.30 -25.83
N GLY E 214 -9.17 4.65 -26.70
CA GLY E 214 -8.31 3.66 -27.31
C GLY E 214 -7.00 4.31 -27.67
N MET E 215 -5.99 3.50 -27.99
CA MET E 215 -4.70 4.05 -28.37
C MET E 215 -3.94 3.22 -29.39
N VAL E 216 -3.29 3.92 -30.31
CA VAL E 216 -2.49 3.28 -31.34
C VAL E 216 -1.21 4.10 -31.41
N ALA E 217 -0.08 3.44 -31.66
CA ALA E 217 1.20 4.12 -31.79
C ALA E 217 2.08 3.40 -32.82
N GLY E 218 2.97 4.16 -33.44
CA GLY E 218 3.88 3.60 -34.42
C GLY E 218 5.22 3.38 -33.73
N VAL E 219 5.86 2.24 -33.97
CA VAL E 219 7.15 1.98 -33.34
C VAL E 219 8.23 2.65 -34.19
N ILE E 220 8.96 3.58 -33.58
CA ILE E 220 10.02 4.29 -34.30
C ILE E 220 11.39 3.93 -33.75
N VAL E 221 11.43 3.02 -32.77
CA VAL E 221 12.68 2.61 -32.18
C VAL E 221 12.49 1.43 -31.24
N ASN E 222 13.55 0.66 -31.00
CA ASN E 222 13.47 -0.50 -30.11
C ASN E 222 14.70 -0.58 -29.23
N ARG E 223 14.50 -0.46 -27.92
CA ARG E 223 15.57 -0.50 -26.94
C ARG E 223 16.31 -1.85 -26.88
N THR E 224 15.60 -2.95 -27.05
CA THR E 224 16.25 -4.26 -27.00
C THR E 224 17.14 -4.50 -28.22
N GLN E 225 17.84 -3.45 -28.67
CA GLN E 225 18.75 -3.51 -29.81
C GLN E 225 19.20 -2.12 -30.20
N GLN E 236 7.55 8.39 -42.05
CA GLN E 236 6.71 7.40 -42.72
C GLN E 236 5.94 6.53 -41.73
N THR E 237 6.57 6.20 -40.59
CA THR E 237 5.93 5.39 -39.56
C THR E 237 4.77 6.18 -38.95
N GLU E 238 5.06 7.45 -38.62
CA GLU E 238 4.07 8.36 -38.05
C GLU E 238 2.88 8.57 -39.00
N SER E 239 3.15 8.75 -40.28
CA SER E 239 2.10 8.94 -41.29
C SER E 239 1.11 7.78 -41.32
N HIS E 240 1.63 6.56 -41.18
CA HIS E 240 0.79 5.35 -41.20
C HIS E 240 -0.04 5.25 -39.92
N ALA E 241 0.58 5.58 -38.79
CA ALA E 241 -0.12 5.56 -37.51
C ALA E 241 -1.25 6.61 -37.55
N VAL E 242 -0.99 7.76 -38.16
CA VAL E 242 -1.99 8.82 -38.28
C VAL E 242 -3.11 8.40 -39.22
N LYS E 243 -2.74 7.74 -40.31
CA LYS E 243 -3.71 7.25 -41.28
C LYS E 243 -4.65 6.29 -40.56
N ILE E 244 -4.06 5.41 -39.77
CA ILE E 244 -4.81 4.42 -39.01
C ILE E 244 -5.79 5.04 -38.01
N VAL E 245 -5.35 6.04 -37.26
CA VAL E 245 -6.22 6.66 -36.26
C VAL E 245 -7.37 7.43 -36.90
N VAL E 246 -7.14 8.00 -38.08
CA VAL E 246 -8.18 8.74 -38.76
C VAL E 246 -9.15 7.74 -39.35
N GLU E 247 -8.62 6.65 -39.90
CA GLU E 247 -9.47 5.63 -40.48
C GLU E 247 -10.30 4.94 -39.40
N ALA E 248 -9.71 4.78 -38.22
CA ALA E 248 -10.40 4.16 -37.09
C ALA E 248 -11.50 5.08 -36.56
N ALA E 249 -11.23 6.38 -36.56
CA ALA E 249 -12.17 7.41 -36.11
C ALA E 249 -13.44 7.38 -36.96
N ARG E 250 -13.24 7.27 -38.27
CA ARG E 250 -14.33 7.22 -39.22
C ARG E 250 -15.35 6.17 -38.81
N ARG E 251 -14.87 5.00 -38.38
CA ARG E 251 -15.71 3.88 -37.97
C ARG E 251 -16.38 4.06 -36.60
N LEU E 252 -16.01 5.10 -35.86
CA LEU E 252 -16.56 5.33 -34.54
C LEU E 252 -17.54 6.50 -34.43
N LEU E 253 -17.87 7.12 -35.56
CA LEU E 253 -18.78 8.25 -35.54
C LEU E 253 -20.24 7.82 -35.36
N SER F 4 30.05 -2.81 29.27
CA SER F 4 28.72 -3.35 28.84
C SER F 4 28.80 -4.09 27.50
N ASP F 5 28.09 -5.21 27.42
CA ASP F 5 28.06 -6.00 26.20
C ASP F 5 27.05 -5.43 25.19
N VAL F 6 26.16 -4.54 25.65
CA VAL F 6 25.14 -3.95 24.78
C VAL F 6 25.16 -2.42 24.84
N PHE F 7 24.73 -1.78 23.75
CA PHE F 7 24.73 -0.32 23.66
C PHE F 7 23.78 0.48 24.58
N HIS F 8 22.59 -0.04 24.87
CA HIS F 8 21.67 0.73 25.71
C HIS F 8 21.41 0.25 27.14
N LEU F 9 21.26 -1.05 27.32
CA LEU F 9 20.94 -1.56 28.65
C LEU F 9 22.03 -1.46 29.71
N GLY F 10 23.28 -1.31 29.29
CA GLY F 10 24.36 -1.24 30.24
C GLY F 10 24.50 -2.53 31.04
N LEU F 11 24.41 -3.67 30.38
CA LEU F 11 24.53 -4.97 31.05
C LEU F 11 25.56 -5.87 30.37
N THR F 12 26.03 -6.88 31.10
CA THR F 12 26.96 -7.86 30.55
C THR F 12 26.23 -9.18 30.74
N LYS F 13 26.65 -10.21 30.02
CA LYS F 13 26.01 -11.50 30.13
C LYS F 13 26.13 -12.07 31.55
N ASN F 14 27.19 -11.68 32.24
CA ASN F 14 27.42 -12.14 33.60
C ASN F 14 26.29 -11.63 34.49
N ASP F 15 25.80 -10.43 34.18
CA ASP F 15 24.72 -9.83 34.98
C ASP F 15 23.46 -10.69 34.96
N LEU F 16 23.33 -11.50 33.92
CA LEU F 16 22.16 -12.37 33.80
C LEU F 16 22.27 -13.64 34.63
N GLN F 17 23.48 -14.11 34.86
CA GLN F 17 23.68 -15.32 35.67
C GLN F 17 22.95 -16.52 35.08
N GLY F 18 23.00 -16.65 33.75
CA GLY F 18 22.34 -17.77 33.10
C GLY F 18 20.85 -17.58 32.82
N ALA F 19 20.32 -16.40 33.13
CA ALA F 19 18.90 -16.12 32.88
C ALA F 19 18.55 -16.26 31.38
N GLN F 20 17.43 -16.92 31.07
CA GLN F 20 16.99 -17.11 29.70
C GLN F 20 15.60 -16.55 29.47
N LEU F 21 14.97 -16.13 30.56
CA LEU F 21 13.65 -15.56 30.49
C LEU F 21 13.67 -14.14 31.10
N ALA F 22 12.95 -13.23 30.48
CA ALA F 22 12.87 -11.86 30.95
C ALA F 22 11.41 -11.40 31.01
N ILE F 23 11.01 -10.85 32.14
CA ILE F 23 9.72 -10.24 32.33
C ILE F 23 9.93 -8.80 31.95
N VAL F 24 9.23 -8.31 30.95
CA VAL F 24 9.47 -6.93 30.51
C VAL F 24 8.28 -5.97 30.61
N PRO F 25 8.22 -5.19 31.69
CA PRO F 25 7.14 -4.23 31.86
C PRO F 25 7.52 -2.98 31.07
N GLY F 26 6.54 -2.10 30.85
CA GLY F 26 6.82 -0.88 30.11
C GLY F 26 7.34 0.18 31.05
N ASP F 27 6.75 0.26 32.23
CA ASP F 27 7.15 1.26 33.20
C ASP F 27 8.38 0.86 34.04
N PRO F 28 9.48 1.60 33.90
CA PRO F 28 10.69 1.30 34.66
C PRO F 28 10.50 1.29 36.17
N GLU F 29 9.41 1.90 36.65
CA GLU F 29 9.13 1.94 38.08
C GLU F 29 8.40 0.68 38.56
N ARG F 30 8.04 -0.19 37.61
CA ARG F 30 7.34 -1.42 37.92
C ARG F 30 8.30 -2.60 38.01
N VAL F 31 9.51 -2.40 37.50
CA VAL F 31 10.53 -3.45 37.50
C VAL F 31 10.85 -3.94 38.92
N GLU F 32 11.16 -3.02 39.82
CA GLU F 32 11.47 -3.40 41.19
C GLU F 32 10.30 -4.10 41.87
N LYS F 33 9.10 -3.59 41.65
CA LYS F 33 7.89 -4.16 42.26
C LYS F 33 7.72 -5.60 41.83
N ILE F 34 8.08 -5.88 40.58
CA ILE F 34 7.97 -7.22 40.03
C ILE F 34 9.07 -8.10 40.58
N ALA F 35 10.29 -7.58 40.60
CA ALA F 35 11.43 -8.34 41.10
C ALA F 35 11.22 -8.76 42.57
N ALA F 36 10.61 -7.87 43.35
CA ALA F 36 10.35 -8.10 44.76
C ALA F 36 9.47 -9.31 45.07
N LEU F 37 8.71 -9.79 44.08
CA LEU F 37 7.84 -10.95 44.29
C LEU F 37 8.62 -12.24 44.12
N MET F 38 9.89 -12.11 43.75
CA MET F 38 10.75 -13.27 43.54
C MET F 38 11.94 -13.27 44.51
N ASP F 39 12.71 -14.35 44.48
CA ASP F 39 13.87 -14.50 45.36
C ASP F 39 15.11 -13.74 44.91
N LYS F 40 15.95 -13.42 45.88
CA LYS F 40 17.21 -12.74 45.64
C LYS F 40 17.18 -11.60 44.63
N PRO F 41 16.20 -10.70 44.76
CA PRO F 41 16.11 -9.58 43.82
C PRO F 41 17.32 -8.66 43.95
N VAL F 42 17.93 -8.33 42.81
CA VAL F 42 19.11 -7.46 42.78
C VAL F 42 19.00 -6.48 41.62
N LYS F 43 19.19 -5.19 41.89
CA LYS F 43 19.11 -4.17 40.84
C LYS F 43 20.36 -4.32 39.98
N LEU F 44 20.21 -4.20 38.66
CA LEU F 44 21.38 -4.34 37.79
C LEU F 44 21.77 -2.97 37.23
N ALA F 45 20.89 -2.34 36.48
CA ALA F 45 21.21 -1.03 35.93
C ALA F 45 19.98 -0.19 35.63
N SER F 46 20.23 1.06 35.27
CA SER F 46 19.17 2.00 34.91
C SER F 46 19.73 3.07 34.00
N HIS F 47 19.37 2.98 32.72
CA HIS F 47 19.82 3.93 31.72
C HIS F 47 18.61 4.25 30.87
N ARG F 48 18.37 5.55 30.68
CA ARG F 48 17.22 5.98 29.91
C ARG F 48 16.01 5.29 30.53
N GLU F 49 15.17 4.68 29.69
CA GLU F 49 13.95 4.00 30.11
C GLU F 49 14.15 2.52 30.38
N PHE F 50 15.41 2.09 30.38
CA PHE F 50 15.70 0.69 30.61
C PHE F 50 16.26 0.41 32.00
N THR F 51 15.37 0.06 32.92
CA THR F 51 15.75 -0.27 34.29
C THR F 51 15.69 -1.79 34.38
N SER F 52 16.78 -2.40 34.83
CA SER F 52 16.83 -3.86 34.92
C SER F 52 17.19 -4.41 36.30
N TRP F 53 16.50 -5.47 36.68
CA TRP F 53 16.70 -6.15 37.95
C TRP F 53 16.85 -7.63 37.65
N ARG F 54 17.48 -8.34 38.57
CA ARG F 54 17.63 -9.78 38.42
C ARG F 54 16.99 -10.38 39.66
N ALA F 55 16.36 -11.53 39.49
CA ALA F 55 15.73 -12.22 40.60
C ALA F 55 15.94 -13.71 40.41
N GLU F 56 15.38 -14.51 41.30
CA GLU F 56 15.53 -15.95 41.17
C GLU F 56 14.16 -16.58 41.36
N LEU F 57 13.86 -17.54 40.50
CA LEU F 57 12.57 -18.22 40.57
C LEU F 57 12.86 -19.71 40.55
N ASP F 58 12.51 -20.40 41.63
CA ASP F 58 12.77 -21.84 41.72
C ASP F 58 14.25 -22.14 41.49
N GLY F 59 15.12 -21.24 41.94
CA GLY F 59 16.54 -21.45 41.80
C GLY F 59 17.07 -21.13 40.43
N LYS F 60 16.24 -20.52 39.60
CA LYS F 60 16.66 -20.16 38.23
C LYS F 60 16.68 -18.63 38.09
N ALA F 61 17.78 -18.11 37.55
CA ALA F 61 17.92 -16.67 37.36
C ALA F 61 16.86 -16.17 36.38
N VAL F 62 16.28 -15.01 36.71
CA VAL F 62 15.25 -14.40 35.88
C VAL F 62 15.52 -12.91 35.79
N ILE F 63 15.29 -12.34 34.62
CA ILE F 63 15.52 -10.92 34.45
C ILE F 63 14.21 -10.17 34.34
N VAL F 64 14.19 -8.99 34.92
CA VAL F 64 13.08 -8.09 34.82
C VAL F 64 13.68 -6.80 34.24
N CYS F 65 13.19 -6.38 33.07
CA CYS F 65 13.72 -5.20 32.43
C CYS F 65 12.59 -4.39 31.79
N SER F 66 12.59 -3.09 32.02
CA SER F 66 11.57 -2.22 31.45
C SER F 66 11.89 -1.93 30.00
N THR F 67 10.86 -1.71 29.19
CA THR F 67 11.01 -1.47 27.77
C THR F 67 10.77 -0.01 27.41
N GLY F 68 10.04 0.70 28.27
CA GLY F 68 9.70 2.08 27.98
C GLY F 68 8.42 1.98 27.14
N ILE F 69 7.84 3.12 26.78
CA ILE F 69 6.63 3.11 25.97
C ILE F 69 6.87 2.99 24.47
N GLY F 70 6.16 2.07 23.83
CA GLY F 70 6.25 1.90 22.39
C GLY F 70 7.18 0.83 21.85
N GLY F 71 6.93 0.46 20.59
CA GLY F 71 7.73 -0.55 19.91
C GLY F 71 9.19 -0.18 19.66
N PRO F 72 9.52 1.09 19.34
CA PRO F 72 10.93 1.43 19.10
C PRO F 72 11.80 1.15 20.33
N SER F 73 11.35 1.67 21.47
CA SER F 73 12.05 1.49 22.73
C SER F 73 12.07 -0.02 23.07
N THR F 74 10.93 -0.69 22.88
CA THR F 74 10.82 -2.12 23.16
C THR F 74 11.78 -2.97 22.29
N SER F 75 11.90 -2.62 21.01
CA SER F 75 12.77 -3.39 20.10
C SER F 75 14.23 -3.33 20.52
N ILE F 76 14.63 -2.24 21.16
CA ILE F 76 16.01 -2.12 21.62
C ILE F 76 16.22 -3.09 22.81
N ALA F 77 15.34 -3.01 23.79
CA ALA F 77 15.40 -3.86 24.98
C ALA F 77 15.38 -5.34 24.62
N VAL F 78 14.44 -5.74 23.77
CA VAL F 78 14.34 -7.13 23.37
C VAL F 78 15.61 -7.61 22.66
N GLU F 79 16.08 -6.84 21.69
CA GLU F 79 17.28 -7.19 20.93
C GLU F 79 18.52 -7.37 21.78
N GLU F 80 18.85 -6.37 22.59
CA GLU F 80 20.01 -6.43 23.45
C GLU F 80 19.85 -7.49 24.55
N LEU F 81 18.62 -7.74 24.99
CA LEU F 81 18.44 -8.78 25.99
C LEU F 81 18.66 -10.13 25.29
N ALA F 82 18.26 -10.22 24.03
CA ALA F 82 18.42 -11.44 23.23
C ALA F 82 19.92 -11.68 23.03
N GLN F 83 20.66 -10.62 22.73
CA GLN F 83 22.10 -10.73 22.56
C GLN F 83 22.72 -11.23 23.87
N LEU F 84 22.15 -10.80 25.00
CA LEU F 84 22.66 -11.21 26.30
C LEU F 84 22.25 -12.65 26.66
N GLY F 85 21.41 -13.26 25.85
CA GLY F 85 21.01 -14.63 26.13
C GLY F 85 19.55 -14.91 26.46
N ILE F 86 18.71 -13.88 26.51
CA ILE F 86 17.30 -14.11 26.81
C ILE F 86 16.62 -14.73 25.60
N ARG F 87 15.81 -15.76 25.83
CA ARG F 87 15.09 -16.43 24.74
C ARG F 87 13.58 -16.38 24.92
N THR F 88 13.12 -16.12 26.13
CA THR F 88 11.68 -16.05 26.39
C THR F 88 11.34 -14.71 27.03
N PHE F 89 10.39 -13.99 26.45
CA PHE F 89 10.00 -12.69 26.97
C PHE F 89 8.54 -12.69 27.36
N LEU F 90 8.23 -12.18 28.55
CA LEU F 90 6.85 -12.10 28.98
C LEU F 90 6.55 -10.63 29.27
N ARG F 91 5.79 -9.99 28.39
CA ARG F 91 5.45 -8.60 28.63
C ARG F 91 4.27 -8.48 29.61
N ILE F 92 4.41 -7.55 30.55
CA ILE F 92 3.38 -7.31 31.54
C ILE F 92 3.10 -5.80 31.42
N GLY F 93 1.87 -5.45 31.07
CA GLY F 93 1.58 -4.04 30.93
C GLY F 93 0.21 -3.65 31.43
N THR F 94 -0.20 -2.44 31.06
CA THR F 94 -1.51 -1.90 31.40
C THR F 94 -2.22 -1.70 30.06
N THR F 95 -3.54 -1.64 30.09
CA THR F 95 -4.27 -1.52 28.84
C THR F 95 -5.65 -0.88 28.92
N GLY F 96 -6.13 -0.42 27.77
CA GLY F 96 -7.46 0.16 27.72
C GLY F 96 -8.37 -0.85 27.04
N ALA F 97 -9.39 -1.32 27.78
CA ALA F 97 -10.34 -2.27 27.23
C ALA F 97 -11.33 -1.56 26.31
N ILE F 98 -11.72 -2.24 25.22
CA ILE F 98 -12.69 -1.64 24.31
C ILE F 98 -14.01 -2.43 24.21
N GLN F 99 -14.14 -3.46 25.05
CA GLN F 99 -15.37 -4.26 25.10
C GLN F 99 -16.09 -3.87 26.39
N PRO F 100 -17.42 -3.60 26.32
CA PRO F 100 -18.21 -3.21 27.49
C PRO F 100 -18.22 -4.11 28.72
N HIS F 101 -18.02 -5.41 28.52
CA HIS F 101 -18.04 -6.38 29.62
C HIS F 101 -16.71 -6.52 30.38
N ILE F 102 -15.65 -5.89 29.89
CA ILE F 102 -14.37 -6.00 30.56
C ILE F 102 -14.23 -4.94 31.65
N ASN F 103 -13.91 -5.39 32.87
CA ASN F 103 -13.76 -4.50 34.01
C ASN F 103 -12.31 -4.12 34.30
N VAL F 104 -12.15 -2.93 34.88
CA VAL F 104 -10.85 -2.41 35.27
C VAL F 104 -10.28 -3.42 36.26
N GLY F 105 -9.04 -3.83 36.04
CA GLY F 105 -8.46 -4.79 36.94
C GLY F 105 -8.44 -6.16 36.30
N ASP F 106 -9.27 -6.37 35.28
CA ASP F 106 -9.29 -7.67 34.59
C ASP F 106 -7.96 -7.91 33.89
N VAL F 107 -7.57 -9.19 33.84
CA VAL F 107 -6.32 -9.57 33.19
C VAL F 107 -6.60 -10.05 31.78
N LEU F 108 -5.90 -9.46 30.81
CA LEU F 108 -6.08 -9.82 29.42
C LEU F 108 -4.81 -10.47 28.84
N VAL F 109 -4.98 -11.68 28.31
CA VAL F 109 -3.87 -12.43 27.70
C VAL F 109 -4.05 -12.34 26.18
N THR F 110 -3.04 -11.81 25.51
CA THR F 110 -3.06 -11.61 24.06
C THR F 110 -2.55 -12.81 23.24
N THR F 111 -3.39 -13.31 22.35
CA THR F 111 -3.01 -14.40 21.47
C THR F 111 -2.26 -13.82 20.26
N ALA F 112 -2.71 -12.66 19.78
CA ALA F 112 -2.09 -12.00 18.64
C ALA F 112 -2.53 -10.55 18.63
N SER F 113 -1.74 -9.69 17.96
CA SER F 113 -2.03 -8.26 17.93
C SER F 113 -2.25 -7.65 16.55
N VAL F 114 -3.15 -6.67 16.50
CA VAL F 114 -3.40 -5.93 15.28
C VAL F 114 -2.18 -5.00 15.22
N ARG F 115 -1.41 -5.08 14.14
CA ARG F 115 -0.20 -4.27 13.99
C ARG F 115 -0.43 -2.83 13.57
N LEU F 116 -0.72 -1.98 14.55
CA LEU F 116 -0.96 -0.57 14.29
C LEU F 116 0.30 0.20 14.65
N ASP F 117 1.44 -0.48 14.54
CA ASP F 117 2.73 0.10 14.86
C ASP F 117 3.59 0.22 13.59
N GLY F 118 4.86 0.56 13.78
CA GLY F 118 5.77 0.70 12.66
C GLY F 118 7.00 -0.17 12.77
N ALA F 119 7.46 -0.41 14.00
CA ALA F 119 8.65 -1.23 14.25
C ALA F 119 8.49 -2.71 13.86
N SER F 120 7.28 -3.27 13.99
CA SER F 120 7.06 -4.66 13.60
C SER F 120 7.45 -4.87 12.14
N LEU F 121 7.21 -3.85 11.31
CA LEU F 121 7.53 -3.89 9.87
C LEU F 121 9.04 -3.94 9.63
N HIS F 122 9.82 -3.65 10.66
CA HIS F 122 11.26 -3.70 10.54
C HIS F 122 11.79 -5.13 10.76
N PHE F 123 10.89 -6.06 11.04
CA PHE F 123 11.25 -7.46 11.27
C PHE F 123 10.51 -8.40 10.33
N ALA F 124 9.33 -7.99 9.88
CA ALA F 124 8.52 -8.83 8.99
C ALA F 124 7.49 -7.99 8.26
N PRO F 125 7.12 -8.38 7.03
CA PRO F 125 6.12 -7.59 6.28
C PRO F 125 4.77 -7.69 7.00
N MET F 126 3.85 -6.76 6.70
CA MET F 126 2.57 -6.75 7.38
C MET F 126 1.81 -8.05 7.32
N GLU F 127 2.07 -8.87 6.30
CA GLU F 127 1.37 -10.15 6.17
C GLU F 127 1.67 -11.13 7.29
N PHE F 128 2.79 -10.92 7.97
CA PHE F 128 3.21 -11.81 9.05
C PHE F 128 2.38 -11.51 10.29
N PRO F 129 1.86 -12.56 10.95
CA PRO F 129 1.05 -12.33 12.14
C PRO F 129 1.87 -12.00 13.41
N ALA F 130 1.40 -11.00 14.17
CA ALA F 130 2.04 -10.61 15.42
C ALA F 130 1.49 -11.57 16.47
N VAL F 131 1.81 -12.85 16.31
CA VAL F 131 1.30 -13.90 17.19
C VAL F 131 2.24 -14.24 18.33
N ALA F 132 1.65 -14.52 19.48
CA ALA F 132 2.39 -14.88 20.68
C ALA F 132 2.77 -16.36 20.66
N ASP F 133 3.79 -16.71 21.43
CA ASP F 133 4.24 -18.09 21.52
C ASP F 133 3.17 -18.90 22.23
N PHE F 134 2.93 -20.14 21.76
CA PHE F 134 1.90 -21.00 22.36
C PHE F 134 2.21 -21.40 23.80
N ALA F 135 3.47 -21.73 24.08
CA ALA F 135 3.85 -22.12 25.43
C ALA F 135 3.71 -20.94 26.39
N CYS F 136 4.08 -19.75 25.93
CA CYS F 136 3.98 -18.58 26.78
C CYS F 136 2.52 -18.21 27.05
N THR F 137 1.69 -18.25 26.01
CA THR F 137 0.27 -17.94 26.17
C THR F 137 -0.41 -18.99 27.08
N THR F 138 -0.03 -20.25 26.91
CA THR F 138 -0.57 -21.32 27.73
C THR F 138 -0.22 -21.09 29.21
N ALA F 139 1.07 -20.84 29.47
CA ALA F 139 1.52 -20.59 30.84
C ALA F 139 0.79 -19.42 31.50
N LEU F 140 0.57 -18.35 30.72
CA LEU F 140 -0.13 -17.17 31.20
C LEU F 140 -1.59 -17.45 31.53
N VAL F 141 -2.24 -18.27 30.69
CA VAL F 141 -3.65 -18.63 30.89
C VAL F 141 -3.76 -19.60 32.07
N GLU F 142 -2.84 -20.55 32.14
CA GLU F 142 -2.79 -21.54 33.22
C GLU F 142 -2.53 -20.86 34.58
N ALA F 143 -1.65 -19.87 34.58
CA ALA F 143 -1.30 -19.14 35.80
C ALA F 143 -2.47 -18.29 36.30
N ALA F 144 -3.22 -17.72 35.36
CA ALA F 144 -4.37 -16.89 35.72
C ALA F 144 -5.46 -17.77 36.30
N LYS F 145 -5.58 -18.96 35.70
CA LYS F 145 -6.56 -19.96 36.11
C LYS F 145 -6.23 -20.43 37.54
N SER F 146 -4.94 -20.55 37.85
CA SER F 146 -4.52 -21.01 39.16
C SER F 146 -4.78 -20.02 40.30
N ILE F 147 -4.86 -18.73 40.00
CA ILE F 147 -5.13 -17.76 41.05
C ILE F 147 -6.56 -17.25 40.96
N GLY F 148 -7.31 -17.79 40.01
CA GLY F 148 -8.70 -17.40 39.82
C GLY F 148 -8.98 -15.96 39.39
N ALA F 149 -8.05 -15.32 38.71
CA ALA F 149 -8.25 -13.94 38.26
C ALA F 149 -9.23 -13.86 37.10
N THR F 150 -10.00 -12.78 37.04
CA THR F 150 -10.94 -12.60 35.93
C THR F 150 -10.07 -12.37 34.72
N THR F 151 -10.07 -13.34 33.80
CA THR F 151 -9.23 -13.27 32.62
C THR F 151 -9.97 -13.34 31.28
N HIS F 152 -9.44 -12.62 30.30
CA HIS F 152 -9.98 -12.58 28.95
C HIS F 152 -8.84 -12.88 27.98
N VAL F 153 -9.05 -13.84 27.08
CA VAL F 153 -8.04 -14.26 26.10
C VAL F 153 -8.47 -13.86 24.68
N GLY F 154 -7.57 -13.21 23.95
CA GLY F 154 -7.91 -12.79 22.60
C GLY F 154 -6.96 -11.81 21.93
N VAL F 155 -7.45 -11.13 20.90
CA VAL F 155 -6.67 -10.17 20.10
C VAL F 155 -6.57 -8.78 20.71
N THR F 156 -5.43 -8.15 20.54
CA THR F 156 -5.21 -6.82 21.08
C THR F 156 -4.77 -5.91 19.95
N ALA F 157 -5.19 -4.65 20.01
CA ALA F 157 -4.78 -3.67 19.02
C ALA F 157 -3.58 -2.94 19.64
N SER F 158 -2.42 -3.01 19.00
CA SER F 158 -1.20 -2.38 19.51
C SER F 158 -0.87 -1.15 18.65
N SER F 159 -1.06 0.04 19.22
CA SER F 159 -0.85 1.30 18.49
C SER F 159 0.46 2.07 18.72
N ASP F 160 0.93 2.76 17.68
CA ASP F 160 2.15 3.55 17.80
C ASP F 160 1.91 4.87 18.52
N THR F 161 0.65 5.18 18.80
CA THR F 161 0.31 6.38 19.54
C THR F 161 -0.71 6.06 20.64
N PHE F 162 -0.76 6.92 21.65
CA PHE F 162 -1.68 6.72 22.75
C PHE F 162 -2.97 7.43 22.44
N TYR F 163 -2.86 8.48 21.64
CA TYR F 163 -4.02 9.27 21.33
C TYR F 163 -4.78 9.01 20.03
N PRO F 164 -4.34 9.55 18.88
CA PRO F 164 -5.13 9.27 17.66
C PRO F 164 -5.23 7.79 17.21
N GLY F 165 -4.15 7.05 17.34
CA GLY F 165 -4.14 5.64 16.94
C GLY F 165 -5.09 4.79 17.77
N GLN F 166 -5.48 5.30 18.94
CA GLN F 166 -6.42 4.58 19.81
C GLN F 166 -7.75 5.35 19.76
N GLU F 167 -7.85 6.20 18.74
CA GLU F 167 -9.01 7.03 18.50
C GLU F 167 -9.46 7.79 19.75
N ARG F 168 -8.53 8.53 20.35
CA ARG F 168 -8.85 9.34 21.51
C ARG F 168 -8.99 10.76 20.93
N TYR F 169 -10.11 11.42 21.22
CA TYR F 169 -10.38 12.75 20.70
C TYR F 169 -10.16 13.89 21.69
N ASP F 170 -9.96 13.54 22.94
CA ASP F 170 -9.77 14.56 23.96
C ASP F 170 -8.34 15.08 23.88
N THR F 171 -8.03 15.72 22.76
CA THR F 171 -6.68 16.19 22.54
C THR F 171 -6.56 17.65 22.14
N TYR F 172 -5.32 18.07 21.90
CA TYR F 172 -5.02 19.43 21.50
C TYR F 172 -5.77 19.78 20.21
N SER F 173 -5.71 18.89 19.22
CA SER F 173 -6.38 19.13 17.94
C SER F 173 -7.83 18.62 17.94
N GLY F 174 -8.10 17.55 18.69
CA GLY F 174 -9.44 17.02 18.72
C GLY F 174 -9.81 16.29 17.44
N ARG F 175 -8.82 16.05 16.57
CA ARG F 175 -9.08 15.34 15.31
C ARG F 175 -8.28 14.05 15.24
N VAL F 176 -8.75 13.12 14.42
CA VAL F 176 -8.08 11.85 14.21
C VAL F 176 -7.98 11.66 12.71
N VAL F 177 -6.77 11.36 12.23
CA VAL F 177 -6.53 11.17 10.82
C VAL F 177 -7.51 10.11 10.25
N ARG F 178 -7.85 10.28 8.97
CA ARG F 178 -8.76 9.40 8.27
C ARG F 178 -8.61 7.91 8.60
N ARG F 179 -7.38 7.42 8.51
CA ARG F 179 -7.09 6.01 8.77
C ARG F 179 -7.65 5.48 10.10
N PHE F 180 -7.69 6.33 11.12
CA PHE F 180 -8.17 5.88 12.42
C PHE F 180 -9.57 6.35 12.82
N LYS F 181 -10.18 7.23 12.03
CA LYS F 181 -11.53 7.69 12.37
C LYS F 181 -12.45 6.49 12.25
N GLY F 182 -13.21 6.22 13.30
CA GLY F 182 -14.11 5.08 13.29
C GLY F 182 -13.41 3.74 13.45
N SER F 183 -12.10 3.76 13.73
CA SER F 183 -11.34 2.53 13.91
C SER F 183 -11.68 1.71 15.16
N MET F 184 -11.85 2.37 16.30
CA MET F 184 -12.17 1.65 17.52
C MET F 184 -13.45 0.81 17.39
N GLU F 185 -14.49 1.38 16.77
CA GLU F 185 -15.77 0.68 16.57
C GLU F 185 -15.51 -0.58 15.73
N GLU F 186 -14.62 -0.43 14.75
CA GLU F 186 -14.27 -1.52 13.86
C GLU F 186 -13.58 -2.65 14.64
N TRP F 187 -12.52 -2.33 15.37
CA TRP F 187 -11.81 -3.34 16.18
C TRP F 187 -12.79 -4.03 17.14
N GLN F 188 -13.66 -3.22 17.74
CA GLN F 188 -14.64 -3.71 18.70
C GLN F 188 -15.58 -4.74 18.07
N ALA F 189 -16.04 -4.46 16.86
CA ALA F 189 -16.94 -5.36 16.14
C ALA F 189 -16.20 -6.63 15.74
N MET F 190 -14.88 -6.52 15.61
CA MET F 190 -14.06 -7.66 15.24
C MET F 190 -13.65 -8.49 16.46
N GLY F 191 -14.09 -8.07 17.64
CA GLY F 191 -13.75 -8.84 18.82
C GLY F 191 -12.50 -8.44 19.55
N VAL F 192 -11.77 -7.45 19.04
CA VAL F 192 -10.55 -7.00 19.71
C VAL F 192 -10.90 -6.60 21.14
N MET F 193 -10.09 -7.05 22.10
CA MET F 193 -10.37 -6.77 23.50
C MET F 193 -9.84 -5.45 24.02
N ASN F 194 -8.65 -5.07 23.57
CA ASN F 194 -8.04 -3.90 24.12
C ASN F 194 -7.03 -3.20 23.23
N TYR F 195 -6.47 -2.14 23.80
CA TYR F 195 -5.46 -1.30 23.19
C TYR F 195 -4.27 -1.22 24.14
N GLU F 196 -3.08 -1.22 23.56
CA GLU F 196 -1.84 -1.05 24.29
C GLU F 196 -0.83 -0.61 23.21
N MET F 197 0.45 -0.42 23.53
CA MET F 197 1.36 0.07 22.51
C MET F 197 2.66 -0.68 22.25
N GLU F 198 2.79 -1.90 22.74
CA GLU F 198 4.05 -2.61 22.55
C GLU F 198 4.00 -4.04 21.99
N SER F 199 2.89 -4.73 22.23
CA SER F 199 2.73 -6.13 21.79
C SER F 199 2.96 -6.42 20.32
N ALA F 200 2.47 -5.58 19.41
CA ALA F 200 2.66 -5.82 17.99
C ALA F 200 4.15 -5.96 17.69
N THR F 201 4.94 -4.99 18.16
CA THR F 201 6.38 -5.02 17.93
C THR F 201 7.02 -6.22 18.62
N LEU F 202 6.70 -6.40 19.89
CA LEU F 202 7.25 -7.51 20.66
C LEU F 202 6.95 -8.86 20.04
N LEU F 203 5.67 -9.12 19.81
CA LEU F 203 5.30 -10.42 19.27
C LEU F 203 5.83 -10.69 17.86
N THR F 204 5.90 -9.65 17.04
CA THR F 204 6.40 -9.82 15.69
C THR F 204 7.91 -10.10 15.66
N MET F 205 8.69 -9.24 16.31
CA MET F 205 10.14 -9.43 16.32
C MET F 205 10.56 -10.75 16.98
N CYS F 206 9.77 -11.26 17.91
CA CYS F 206 10.11 -12.53 18.56
C CYS F 206 9.71 -13.73 17.72
N ALA F 207 8.46 -13.72 17.24
CA ALA F 207 7.94 -14.81 16.41
C ALA F 207 8.72 -14.96 15.11
N SER F 208 9.33 -13.88 14.63
CA SER F 208 10.06 -13.97 13.38
C SER F 208 11.56 -14.14 13.54
N GLN F 209 12.03 -14.29 14.78
CA GLN F 209 13.45 -14.46 15.02
C GLN F 209 13.78 -15.58 16.00
N GLY F 210 12.89 -16.56 16.09
CA GLY F 210 13.11 -17.70 16.97
C GLY F 210 13.10 -17.44 18.46
N LEU F 211 12.40 -16.39 18.90
CA LEU F 211 12.30 -16.05 20.32
C LEU F 211 10.85 -16.28 20.76
N ARG F 212 10.66 -16.72 22.00
CA ARG F 212 9.31 -16.96 22.50
C ARG F 212 8.81 -15.72 23.23
N ALA F 213 7.53 -15.41 23.08
CA ALA F 213 6.98 -14.23 23.74
C ALA F 213 5.53 -14.41 24.16
N GLY F 214 5.22 -13.89 25.34
CA GLY F 214 3.88 -13.94 25.88
C GLY F 214 3.49 -12.51 26.17
N MET F 215 2.18 -12.24 26.24
CA MET F 215 1.71 -10.88 26.49
C MET F 215 0.49 -10.85 27.43
N VAL F 216 0.62 -10.14 28.53
CA VAL F 216 -0.47 -10.04 29.48
C VAL F 216 -0.49 -8.61 30.02
N ALA F 217 -1.69 -8.09 30.31
CA ALA F 217 -1.83 -6.74 30.83
C ALA F 217 -3.08 -6.63 31.70
N GLY F 218 -3.09 -5.62 32.57
CA GLY F 218 -4.21 -5.37 33.46
C GLY F 218 -4.97 -4.17 32.92
N VAL F 219 -6.29 -4.25 32.99
CA VAL F 219 -7.14 -3.17 32.49
C VAL F 219 -7.16 -1.98 33.46
N ILE F 220 -6.81 -0.79 32.96
CA ILE F 220 -6.83 0.42 33.79
C ILE F 220 -7.91 1.42 33.38
N VAL F 221 -8.54 1.18 32.22
CA VAL F 221 -9.60 2.05 31.71
C VAL F 221 -10.46 1.30 30.69
N ASN F 222 -11.75 1.65 30.62
CA ASN F 222 -12.62 1.02 29.65
C ASN F 222 -13.00 2.10 28.64
N ARG F 223 -12.50 1.97 27.43
CA ARG F 223 -12.73 2.95 26.37
C ARG F 223 -14.17 3.11 25.92
N THR F 224 -15.03 2.15 26.25
CA THR F 224 -16.43 2.28 25.87
C THR F 224 -17.09 3.30 26.79
N GLN F 225 -16.34 3.73 27.81
CA GLN F 225 -16.85 4.67 28.79
C GLN F 225 -16.09 6.00 28.91
N GLN F 226 -14.76 5.95 28.84
CA GLN F 226 -13.95 7.16 28.94
C GLN F 226 -12.61 6.94 28.25
N GLU F 227 -11.95 8.04 27.90
CA GLU F 227 -10.67 7.99 27.23
C GLU F 227 -9.52 7.89 28.21
N ILE F 228 -9.68 8.51 29.37
CA ILE F 228 -8.64 8.50 30.40
C ILE F 228 -9.26 8.14 31.76
N PRO F 229 -8.57 7.26 32.53
CA PRO F 229 -9.11 6.89 33.84
C PRO F 229 -9.02 8.09 34.77
N ASN F 230 -9.78 8.03 35.87
CA ASN F 230 -9.76 9.15 36.84
C ASN F 230 -8.50 8.96 37.71
N SER F 239 -1.95 -5.82 40.36
CA SER F 239 -0.90 -6.64 40.94
C SER F 239 -1.29 -8.07 40.62
N HIS F 240 -2.52 -8.26 40.15
CA HIS F 240 -2.97 -9.60 39.79
C HIS F 240 -2.32 -10.04 38.49
N ALA F 241 -2.09 -9.08 37.59
CA ALA F 241 -1.45 -9.38 36.32
C ALA F 241 0.02 -9.67 36.61
N VAL F 242 0.57 -8.96 37.59
CA VAL F 242 1.97 -9.16 37.97
C VAL F 242 2.18 -10.55 38.57
N LYS F 243 1.29 -10.94 39.47
CA LYS F 243 1.38 -12.26 40.10
C LYS F 243 1.29 -13.30 39.00
N ILE F 244 0.38 -13.07 38.07
CA ILE F 244 0.19 -13.98 36.95
C ILE F 244 1.42 -14.09 36.07
N VAL F 245 2.04 -12.97 35.72
CA VAL F 245 3.22 -13.02 34.85
C VAL F 245 4.40 -13.74 35.52
N VAL F 246 4.48 -13.62 36.85
CA VAL F 246 5.55 -14.27 37.60
C VAL F 246 5.28 -15.79 37.67
N GLU F 247 4.05 -16.15 38.02
CA GLU F 247 3.65 -17.55 38.09
C GLU F 247 3.91 -18.20 36.73
N ALA F 248 3.50 -17.50 35.69
CA ALA F 248 3.65 -17.99 34.33
C ALA F 248 5.12 -18.25 33.99
N ALA F 249 5.98 -17.34 34.42
CA ALA F 249 7.42 -17.45 34.15
C ALA F 249 7.97 -18.71 34.80
N ARG F 250 7.45 -19.04 35.98
CA ARG F 250 7.88 -20.20 36.72
C ARG F 250 7.68 -21.45 35.88
N ARG F 251 6.58 -21.48 35.13
CA ARG F 251 6.23 -22.62 34.28
C ARG F 251 7.07 -22.67 33.01
N LEU F 252 7.75 -21.58 32.69
CA LEU F 252 8.53 -21.50 31.47
C LEU F 252 10.06 -21.60 31.60
N LEU F 253 10.53 -21.89 32.81
CA LEU F 253 11.96 -22.02 33.09
C LEU F 253 12.54 -23.37 32.65
#